data_3FY9
# 
_entry.id   3FY9 
# 
_audit_conform.dict_name       mmcif_pdbx.dic 
_audit_conform.dict_version    5.380 
_audit_conform.dict_location   http://mmcif.pdb.org/dictionaries/ascii/mmcif_pdbx.dic 
# 
loop_
_database_2.database_id 
_database_2.database_code 
_database_2.pdbx_database_accession 
_database_2.pdbx_DOI 
PDB   3FY9         pdb_00003fy9 10.2210/pdb3fy9/pdb 
RCSB  RCSB051188   ?            ?                   
WWPDB D_1000051188 ?            ?                   
# 
loop_
_pdbx_database_related.db_name 
_pdbx_database_related.db_id 
_pdbx_database_related.details 
_pdbx_database_related.content_type 
PDB 3FY8 . unspecified 
PDB 3FYV . unspecified 
PDB 3FYW . unspecified 
# 
_pdbx_database_status.status_code                     REL 
_pdbx_database_status.entry_id                        3FY9 
_pdbx_database_status.recvd_initial_deposition_date   2009-01-22 
_pdbx_database_status.deposit_site                    RCSB 
_pdbx_database_status.process_site                    PDBJ 
_pdbx_database_status.status_code_sf                  REL 
_pdbx_database_status.status_code_mr                  ? 
_pdbx_database_status.SG_entry                        ? 
_pdbx_database_status.pdb_format_compatible           Y 
_pdbx_database_status.status_code_cs                  ? 
_pdbx_database_status.status_code_nmr_data            ? 
_pdbx_database_status.methods_development_category    ? 
# 
_audit_author.name           'Oefner, C.' 
_audit_author.pdbx_ordinal   1 
# 
_citation.id                        primary 
_citation.title                     
;Inhibitory properties and X-ray crystallographic study of the binding of AR-101, AR-102 and iclaprim in ternary complexes with NADPH and dihydrofolate reductase from Staphylococcus aureus
;
_citation.journal_abbrev            'Acta Crystallogr.,Sect.D' 
_citation.journal_volume            65 
_citation.page_first                751 
_citation.page_last                 757 
_citation.year                      2009 
_citation.journal_id_ASTM           ABCRE6 
_citation.country                   DK 
_citation.journal_id_ISSN           0907-4449 
_citation.journal_id_CSD            0766 
_citation.book_publisher            ? 
_citation.pdbx_database_id_PubMed   19622858 
_citation.pdbx_database_id_DOI      10.1107/S0907444909013936 
# 
loop_
_citation_author.citation_id 
_citation_author.name 
_citation_author.ordinal 
_citation_author.identifier_ORCID 
primary 'Oefner, C.'  1 ? 
primary 'Parisi, S.'  2 ? 
primary 'Schulz, H.'  3 ? 
primary 'Lociuro, S.' 4 ? 
primary 'Dale, G.E.'  5 ? 
# 
_cell.entry_id           3FY9 
_cell.length_a           79.432 
_cell.length_b           79.432 
_cell.length_c           108.597 
_cell.angle_alpha        90.00 
_cell.angle_beta         90.00 
_cell.angle_gamma        120.00 
_cell.Z_PDB              12 
_cell.pdbx_unique_axis   ? 
_cell.length_a_esd       ? 
_cell.length_b_esd       ? 
_cell.length_c_esd       ? 
_cell.angle_alpha_esd    ? 
_cell.angle_beta_esd     ? 
_cell.angle_gamma_esd    ? 
# 
_symmetry.entry_id                         3FY9 
_symmetry.space_group_name_H-M             'P 61 2 2' 
_symmetry.pdbx_full_space_group_name_H-M   ? 
_symmetry.cell_setting                     ? 
_symmetry.Int_Tables_number                178 
_symmetry.space_group_name_Hall            ? 
# 
loop_
_entity.id 
_entity.type 
_entity.src_method 
_entity.pdbx_description 
_entity.formula_weight 
_entity.pdbx_number_of_molecules 
_entity.pdbx_ec 
_entity.pdbx_mutation 
_entity.pdbx_fragment 
_entity.details 
1 polymer     man 'Dihydrofolate reductase'                                                            18160.736 1   1.5.1.3 F98Y 
? ? 
2 non-polymer syn 'NADP NICOTINAMIDE-ADENINE-DINUCLEOTIDE PHOSPHATE'                                   743.405   1   ?       ?    
? ? 
3 non-polymer syn '5-[[(2R)-2-cyclopropyl-7,8-dimethoxy-2H-chromen-5-yl]methyl]pyrimidine-2,4-diamine' 354.403   1   ?       ?    
? ? 
4 water       nat water                                                                                18.015    158 ?       ?    
? ? 
# 
_entity_name_com.entity_id   1 
_entity_name_com.name        DHFR 
# 
_entity_poly.entity_id                      1 
_entity_poly.type                           'polypeptide(L)' 
_entity_poly.nstd_linkage                   no 
_entity_poly.nstd_monomer                   no 
_entity_poly.pdbx_seq_one_letter_code       
;TLSILVAHDLQRVIGFENQLPWHLPNDLKHVKKLSTGHTLVMGRKTFESIGKPLPNRRNVVLTSDTSFNVEGVDVIHSIE
DIYQLPGHVFIFGGQTLYEEMIDKVDDMYITVIEGKFRGDTFFPPYTFEDWEVASSVEGKLDEKNTIPHTFLHLIRKK
;
_entity_poly.pdbx_seq_one_letter_code_can   
;TLSILVAHDLQRVIGFENQLPWHLPNDLKHVKKLSTGHTLVMGRKTFESIGKPLPNRRNVVLTSDTSFNVEGVDVIHSIE
DIYQLPGHVFIFGGQTLYEEMIDKVDDMYITVIEGKFRGDTFFPPYTFEDWEVASSVEGKLDEKNTIPHTFLHLIRKK
;
_entity_poly.pdbx_strand_id                 X 
_entity_poly.pdbx_target_identifier         ? 
# 
loop_
_entity_poly_seq.entity_id 
_entity_poly_seq.num 
_entity_poly_seq.mon_id 
_entity_poly_seq.hetero 
1 1   THR n 
1 2   LEU n 
1 3   SER n 
1 4   ILE n 
1 5   LEU n 
1 6   VAL n 
1 7   ALA n 
1 8   HIS n 
1 9   ASP n 
1 10  LEU n 
1 11  GLN n 
1 12  ARG n 
1 13  VAL n 
1 14  ILE n 
1 15  GLY n 
1 16  PHE n 
1 17  GLU n 
1 18  ASN n 
1 19  GLN n 
1 20  LEU n 
1 21  PRO n 
1 22  TRP n 
1 23  HIS n 
1 24  LEU n 
1 25  PRO n 
1 26  ASN n 
1 27  ASP n 
1 28  LEU n 
1 29  LYS n 
1 30  HIS n 
1 31  VAL n 
1 32  LYS n 
1 33  LYS n 
1 34  LEU n 
1 35  SER n 
1 36  THR n 
1 37  GLY n 
1 38  HIS n 
1 39  THR n 
1 40  LEU n 
1 41  VAL n 
1 42  MET n 
1 43  GLY n 
1 44  ARG n 
1 45  LYS n 
1 46  THR n 
1 47  PHE n 
1 48  GLU n 
1 49  SER n 
1 50  ILE n 
1 51  GLY n 
1 52  LYS n 
1 53  PRO n 
1 54  LEU n 
1 55  PRO n 
1 56  ASN n 
1 57  ARG n 
1 58  ARG n 
1 59  ASN n 
1 60  VAL n 
1 61  VAL n 
1 62  LEU n 
1 63  THR n 
1 64  SER n 
1 65  ASP n 
1 66  THR n 
1 67  SER n 
1 68  PHE n 
1 69  ASN n 
1 70  VAL n 
1 71  GLU n 
1 72  GLY n 
1 73  VAL n 
1 74  ASP n 
1 75  VAL n 
1 76  ILE n 
1 77  HIS n 
1 78  SER n 
1 79  ILE n 
1 80  GLU n 
1 81  ASP n 
1 82  ILE n 
1 83  TYR n 
1 84  GLN n 
1 85  LEU n 
1 86  PRO n 
1 87  GLY n 
1 88  HIS n 
1 89  VAL n 
1 90  PHE n 
1 91  ILE n 
1 92  PHE n 
1 93  GLY n 
1 94  GLY n 
1 95  GLN n 
1 96  THR n 
1 97  LEU n 
1 98  TYR n 
1 99  GLU n 
1 100 GLU n 
1 101 MET n 
1 102 ILE n 
1 103 ASP n 
1 104 LYS n 
1 105 VAL n 
1 106 ASP n 
1 107 ASP n 
1 108 MET n 
1 109 TYR n 
1 110 ILE n 
1 111 THR n 
1 112 VAL n 
1 113 ILE n 
1 114 GLU n 
1 115 GLY n 
1 116 LYS n 
1 117 PHE n 
1 118 ARG n 
1 119 GLY n 
1 120 ASP n 
1 121 THR n 
1 122 PHE n 
1 123 PHE n 
1 124 PRO n 
1 125 PRO n 
1 126 TYR n 
1 127 THR n 
1 128 PHE n 
1 129 GLU n 
1 130 ASP n 
1 131 TRP n 
1 132 GLU n 
1 133 VAL n 
1 134 ALA n 
1 135 SER n 
1 136 SER n 
1 137 VAL n 
1 138 GLU n 
1 139 GLY n 
1 140 LYS n 
1 141 LEU n 
1 142 ASP n 
1 143 GLU n 
1 144 LYS n 
1 145 ASN n 
1 146 THR n 
1 147 ILE n 
1 148 PRO n 
1 149 HIS n 
1 150 THR n 
1 151 PHE n 
1 152 LEU n 
1 153 HIS n 
1 154 LEU n 
1 155 ILE n 
1 156 ARG n 
1 157 LYS n 
1 158 LYS n 
# 
_entity_src_gen.entity_id                          1 
_entity_src_gen.pdbx_src_id                        1 
_entity_src_gen.pdbx_alt_source_flag               sample 
_entity_src_gen.pdbx_seq_type                      ? 
_entity_src_gen.pdbx_beg_seq_num                   ? 
_entity_src_gen.pdbx_end_seq_num                   ? 
_entity_src_gen.gene_src_common_name               ? 
_entity_src_gen.gene_src_genus                     ? 
_entity_src_gen.pdbx_gene_src_gene                 folA 
_entity_src_gen.gene_src_species                   ? 
_entity_src_gen.gene_src_strain                    ? 
_entity_src_gen.gene_src_tissue                    ? 
_entity_src_gen.gene_src_tissue_fraction           ? 
_entity_src_gen.gene_src_details                   ? 
_entity_src_gen.pdbx_gene_src_fragment             ? 
_entity_src_gen.pdbx_gene_src_scientific_name      'Staphylococcus aureus' 
_entity_src_gen.pdbx_gene_src_ncbi_taxonomy_id     1280 
_entity_src_gen.pdbx_gene_src_variant              ? 
_entity_src_gen.pdbx_gene_src_cell_line            ? 
_entity_src_gen.pdbx_gene_src_atcc                 ? 
_entity_src_gen.pdbx_gene_src_organ                ? 
_entity_src_gen.pdbx_gene_src_organelle            ? 
_entity_src_gen.pdbx_gene_src_cell                 ? 
_entity_src_gen.pdbx_gene_src_cellular_location    ? 
_entity_src_gen.host_org_common_name               ? 
_entity_src_gen.pdbx_host_org_scientific_name      'Escherichia coli' 
_entity_src_gen.pdbx_host_org_ncbi_taxonomy_id     562 
_entity_src_gen.host_org_genus                     ? 
_entity_src_gen.pdbx_host_org_gene                 ? 
_entity_src_gen.pdbx_host_org_organ                ? 
_entity_src_gen.host_org_species                   ? 
_entity_src_gen.pdbx_host_org_tissue               ? 
_entity_src_gen.pdbx_host_org_tissue_fraction      ? 
_entity_src_gen.pdbx_host_org_strain               ? 
_entity_src_gen.pdbx_host_org_variant              ? 
_entity_src_gen.pdbx_host_org_cell_line            ? 
_entity_src_gen.pdbx_host_org_atcc                 ? 
_entity_src_gen.pdbx_host_org_culture_collection   ? 
_entity_src_gen.pdbx_host_org_cell                 ? 
_entity_src_gen.pdbx_host_org_organelle            ? 
_entity_src_gen.pdbx_host_org_cellular_location    ? 
_entity_src_gen.pdbx_host_org_vector_type          ? 
_entity_src_gen.pdbx_host_org_vector               ? 
_entity_src_gen.host_org_details                   ? 
_entity_src_gen.expression_system_id               ? 
_entity_src_gen.plasmid_name                       ? 
_entity_src_gen.plasmid_details                    ? 
_entity_src_gen.pdbx_description                   ? 
# 
_struct_ref.id                         1 
_struct_ref.db_name                    UNP 
_struct_ref.db_code                    DYR_STAAU 
_struct_ref.pdbx_db_accession          P0A017 
_struct_ref.entity_id                  1 
_struct_ref.pdbx_seq_one_letter_code   
;TLSILVAHDLQRVIGFENQLPWHLPNDLKHVKKLSTGHTLVMGRKTFESIGKPLPNRRNVVLTSDTSFNVEGVDVIHSIE
DIYQLPGHVFIFGGQTLFEEMIDKVDDMYITVIEGKFRGDTFFPPYTFEDWEVASSVEGKLDEKNTIPHTFLHLIRKK
;
_struct_ref.pdbx_align_begin           2 
_struct_ref.pdbx_db_isoform            ? 
# 
_struct_ref_seq.align_id                      1 
_struct_ref_seq.ref_id                        1 
_struct_ref_seq.pdbx_PDB_id_code              3FY9 
_struct_ref_seq.pdbx_strand_id                X 
_struct_ref_seq.seq_align_beg                 1 
_struct_ref_seq.pdbx_seq_align_beg_ins_code   ? 
_struct_ref_seq.seq_align_end                 158 
_struct_ref_seq.pdbx_seq_align_end_ins_code   ? 
_struct_ref_seq.pdbx_db_accession             P0A017 
_struct_ref_seq.db_align_beg                  2 
_struct_ref_seq.pdbx_db_align_beg_ins_code    ? 
_struct_ref_seq.db_align_end                  159 
_struct_ref_seq.pdbx_db_align_end_ins_code    ? 
_struct_ref_seq.pdbx_auth_seq_align_beg       1 
_struct_ref_seq.pdbx_auth_seq_align_end       158 
# 
_struct_ref_seq_dif.align_id                     1 
_struct_ref_seq_dif.pdbx_pdb_id_code             3FY9 
_struct_ref_seq_dif.mon_id                       TYR 
_struct_ref_seq_dif.pdbx_pdb_strand_id           X 
_struct_ref_seq_dif.seq_num                      98 
_struct_ref_seq_dif.pdbx_pdb_ins_code            ? 
_struct_ref_seq_dif.pdbx_seq_db_name             UNP 
_struct_ref_seq_dif.pdbx_seq_db_accession_code   P0A017 
_struct_ref_seq_dif.db_mon_id                    PHE 
_struct_ref_seq_dif.pdbx_seq_db_seq_num          99 
_struct_ref_seq_dif.details                      'engineered mutation' 
_struct_ref_seq_dif.pdbx_auth_seq_num            98 
_struct_ref_seq_dif.pdbx_ordinal                 1 
# 
loop_
_chem_comp.id 
_chem_comp.type 
_chem_comp.mon_nstd_flag 
_chem_comp.name 
_chem_comp.pdbx_synonyms 
_chem_comp.formula 
_chem_comp.formula_weight 
ALA 'L-peptide linking' y ALANINE                                                                              ? 'C3 H7 N O2' 
89.093  
ARG 'L-peptide linking' y ARGININE                                                                             ? 'C6 H15 N4 O2 1' 
175.209 
ASN 'L-peptide linking' y ASPARAGINE                                                                           ? 'C4 H8 N2 O3' 
132.118 
ASP 'L-peptide linking' y 'ASPARTIC ACID'                                                                      ? 'C4 H7 N O4' 
133.103 
GLN 'L-peptide linking' y GLUTAMINE                                                                            ? 'C5 H10 N2 O3' 
146.144 
GLU 'L-peptide linking' y 'GLUTAMIC ACID'                                                                      ? 'C5 H9 N O4' 
147.129 
GLY 'peptide linking'   y GLYCINE                                                                              ? 'C2 H5 N O2' 
75.067  
HIS 'L-peptide linking' y HISTIDINE                                                                            ? 'C6 H10 N3 O2 1' 
156.162 
HOH non-polymer         . WATER                                                                                ? 'H2 O' 18.015  
ILE 'L-peptide linking' y ISOLEUCINE                                                                           ? 'C6 H13 N O2' 
131.173 
LEU 'L-peptide linking' y LEUCINE                                                                              ? 'C6 H13 N O2' 
131.173 
LYS 'L-peptide linking' y LYSINE                                                                               ? 'C6 H15 N2 O2 1' 
147.195 
MET 'L-peptide linking' y METHIONINE                                                                           ? 'C5 H11 N O2 S' 
149.211 
NAP non-polymer         . 'NADP NICOTINAMIDE-ADENINE-DINUCLEOTIDE PHOSPHATE'                                   
;2'-MONOPHOSPHOADENOSINE 5'-DIPHOSPHORIBOSE
;
'C21 H28 N7 O17 P3' 743.405 
PHE 'L-peptide linking' y PHENYLALANINE                                                                        ? 'C9 H11 N O2' 
165.189 
PRO 'L-peptide linking' y PROLINE                                                                              ? 'C5 H9 N O2' 
115.130 
SER 'L-peptide linking' y SERINE                                                                               ? 'C3 H7 N O3' 
105.093 
THR 'L-peptide linking' y THREONINE                                                                            ? 'C4 H9 N O3' 
119.119 
TRP 'L-peptide linking' y TRYPTOPHAN                                                                           ? 'C11 H12 N2 O2' 
204.225 
TYR 'L-peptide linking' y TYROSINE                                                                             ? 'C9 H11 N O3' 
181.189 
VAL 'L-peptide linking' y VALINE                                                                               ? 'C5 H11 N O2' 
117.146 
XCF non-polymer         . '5-[[(2R)-2-cyclopropyl-7,8-dimethoxy-2H-chromen-5-yl]methyl]pyrimidine-2,4-diamine' ? 'C19 H22 N4 O3' 
354.403 
# 
_exptl.entry_id          3FY9 
_exptl.method            'X-RAY DIFFRACTION' 
_exptl.crystals_number   1 
# 
_exptl_crystal.id                    1 
_exptl_crystal.density_meas          ? 
_exptl_crystal.density_Matthews      2.72 
_exptl_crystal.density_percent_sol   54.83 
_exptl_crystal.description           ? 
_exptl_crystal.F_000                 ? 
_exptl_crystal.preparation           ? 
# 
_exptl_crystal_grow.crystal_id      1 
_exptl_crystal_grow.method          ? 
_exptl_crystal_grow.temp            ? 
_exptl_crystal_grow.temp_details    ? 
_exptl_crystal_grow.pH              5.5 
_exptl_crystal_grow.pdbx_details    '25% PEG3350, 200mM NaCl, 100mM bis-Tris, pH5.5' 
_exptl_crystal_grow.pdbx_pH_range   ? 
# 
_diffrn.id                     1 
_diffrn.ambient_temp           100 
_diffrn.ambient_temp_details   ? 
_diffrn.crystal_id             1 
# 
_diffrn_detector.diffrn_id              1 
_diffrn_detector.detector               'IMAGE PLATE' 
_diffrn_detector.type                   'MAR scanner 345 mm plate' 
_diffrn_detector.pdbx_collection_date   2007-10-23 
_diffrn_detector.details                mirrors 
# 
_diffrn_radiation.diffrn_id                        1 
_diffrn_radiation.wavelength_id                    1 
_diffrn_radiation.pdbx_monochromatic_or_laue_m_l   M 
_diffrn_radiation.monochromator                    ? 
_diffrn_radiation.pdbx_diffrn_protocol             'SINGLE WAVELENGTH' 
_diffrn_radiation.pdbx_scattering_type             x-ray 
# 
_diffrn_radiation_wavelength.id           1 
_diffrn_radiation_wavelength.wavelength   1.5418 
_diffrn_radiation_wavelength.wt           1.0 
# 
_diffrn_source.diffrn_id                   1 
_diffrn_source.source                      'ROTATING ANODE' 
_diffrn_source.type                        'ENRAF-NONIUS FR591' 
_diffrn_source.pdbx_synchrotron_site       ? 
_diffrn_source.pdbx_synchrotron_beamline   ? 
_diffrn_source.pdbx_wavelength             ? 
_diffrn_source.pdbx_wavelength_list        1.5418 
# 
_reflns.entry_id                     3FY9 
_reflns.observed_criterion_sigma_I   1.6 
_reflns.observed_criterion_sigma_F   1.6 
_reflns.d_resolution_low             20 
_reflns.d_resolution_high            2.25 
_reflns.number_obs                   8692 
_reflns.number_all                   9334 
_reflns.percent_possible_obs         91.6 
_reflns.pdbx_Rmerge_I_obs            0.181 
_reflns.pdbx_Rsym_value              0.181 
_reflns.pdbx_netI_over_sigmaI        ? 
_reflns.B_iso_Wilson_estimate        ? 
_reflns.pdbx_redundancy              ? 
_reflns.R_free_details               ? 
_reflns.limit_h_max                  ? 
_reflns.limit_h_min                  ? 
_reflns.limit_k_max                  ? 
_reflns.limit_k_min                  ? 
_reflns.limit_l_max                  ? 
_reflns.limit_l_min                  ? 
_reflns.observed_criterion_F_max     ? 
_reflns.observed_criterion_F_min     ? 
_reflns.pdbx_chi_squared             ? 
_reflns.pdbx_scaling_rejects         ? 
_reflns.pdbx_diffrn_id               1 
_reflns.pdbx_ordinal                 1 
# 
_refine.entry_id                                 3FY9 
_refine.ls_number_reflns_obs                     8692 
_refine.ls_number_reflns_all                     ? 
_refine.pdbx_ls_sigma_I                          ? 
_refine.pdbx_ls_sigma_F                          ? 
_refine.pdbx_data_cutoff_high_absF               ? 
_refine.pdbx_data_cutoff_low_absF                ? 
_refine.pdbx_data_cutoff_high_rms_absF           ? 
_refine.ls_d_res_low                             20.00 
_refine.ls_d_res_high                            2.25 
_refine.ls_percent_reflns_obs                    90.26 
_refine.ls_R_factor_obs                          0.22268 
_refine.ls_R_factor_all                          ? 
_refine.ls_R_factor_R_work                       0.21852 
_refine.ls_R_factor_R_free                       0.30230 
_refine.ls_R_factor_R_free_error                 ? 
_refine.ls_R_factor_R_free_error_details         ? 
_refine.ls_percent_reflns_R_free                 4.8 
_refine.ls_number_reflns_R_free                  441 
_refine.ls_number_parameters                     ? 
_refine.ls_number_restraints                     ? 
_refine.occupancy_min                            ? 
_refine.occupancy_max                            ? 
_refine.correlation_coeff_Fo_to_Fc               0.927 
_refine.correlation_coeff_Fo_to_Fc_free          0.849 
_refine.B_iso_mean                               31.225 
_refine.aniso_B[1][1]                            -0.07 
_refine.aniso_B[2][2]                            -0.07 
_refine.aniso_B[3][3]                            0.11 
_refine.aniso_B[1][2]                            -0.04 
_refine.aniso_B[1][3]                            0.00 
_refine.aniso_B[2][3]                            0.00 
_refine.solvent_model_details                    'BABINET MODEL WITH MASK' 
_refine.solvent_model_param_ksol                 ? 
_refine.solvent_model_param_bsol                 ? 
_refine.pdbx_solvent_vdw_probe_radii             1.20 
_refine.pdbx_solvent_ion_probe_radii             0.80 
_refine.pdbx_solvent_shrinkage_radii             0.80 
_refine.pdbx_ls_cross_valid_method               THROUGHOUT 
_refine.details                                  'HYDROGENS HAVE BEEN ADDED IN THE RIDING POSITIONS' 
_refine.pdbx_starting_model                      'PDB ENTRY 3FY8' 
_refine.pdbx_method_to_determine_struct          'MOLECULAR REPLACEMENT' 
_refine.pdbx_isotropic_thermal_model             ? 
_refine.pdbx_stereochemistry_target_values       'MAXIMUM LIKELIHOOD' 
_refine.pdbx_stereochem_target_val_spec_case     ? 
_refine.pdbx_R_Free_selection_details            RANDOM 
_refine.pdbx_overall_ESU_R                       0.388 
_refine.pdbx_overall_ESU_R_Free                  0.298 
_refine.overall_SU_ML                            0.304 
_refine.overall_SU_B                             12.803 
_refine.ls_redundancy_reflns_obs                 ? 
_refine.B_iso_min                                ? 
_refine.B_iso_max                                ? 
_refine.overall_SU_R_Cruickshank_DPI             ? 
_refine.overall_SU_R_free                        ? 
_refine.ls_wR_factor_R_free                      ? 
_refine.ls_wR_factor_R_work                      ? 
_refine.overall_FOM_free_R_set                   ? 
_refine.overall_FOM_work_R_set                   ? 
_refine.pdbx_refine_id                           'X-RAY DIFFRACTION' 
_refine.pdbx_overall_phase_error                 ? 
_refine.pdbx_diffrn_id                           1 
_refine.pdbx_TLS_residual_ADP_flag               ? 
_refine.pdbx_overall_SU_R_free_Cruickshank_DPI   ? 
_refine.pdbx_overall_SU_R_Blow_DPI               ? 
_refine.pdbx_overall_SU_R_free_Blow_DPI          ? 
# 
_refine_hist.pdbx_refine_id                   'X-RAY DIFFRACTION' 
_refine_hist.cycle_id                         LAST 
_refine_hist.pdbx_number_atoms_protein        1273 
_refine_hist.pdbx_number_atoms_nucleic_acid   0 
_refine_hist.pdbx_number_atoms_ligand         74 
_refine_hist.number_atoms_solvent             158 
_refine_hist.number_atoms_total               1505 
_refine_hist.d_res_high                       2.25 
_refine_hist.d_res_low                        20.00 
# 
loop_
_refine_ls_restr.type 
_refine_ls_restr.dev_ideal 
_refine_ls_restr.dev_ideal_target 
_refine_ls_restr.weight 
_refine_ls_restr.number 
_refine_ls_restr.pdbx_refine_id 
_refine_ls_restr.pdbx_restraint_function 
r_bond_refined_d             0.009  0.022  ? 1387 'X-RAY DIFFRACTION' ? 
r_bond_other_d               0.000  0.020  ? 917  'X-RAY DIFFRACTION' ? 
r_angle_refined_deg          1.211  2.017  ? 1894 'X-RAY DIFFRACTION' ? 
r_angle_other_deg            0.909  3.000  ? 2238 'X-RAY DIFFRACTION' ? 
r_dihedral_angle_1_deg       10.933 5.000  ? 156  'X-RAY DIFFRACTION' ? 
r_dihedral_angle_2_deg       41.602 24.194 ? 62   'X-RAY DIFFRACTION' ? 
r_dihedral_angle_3_deg       22.814 15.000 ? 226  'X-RAY DIFFRACTION' ? 
r_dihedral_angle_4_deg       19.193 15.000 ? 6    'X-RAY DIFFRACTION' ? 
r_chiral_restr               0.060  0.200  ? 209  'X-RAY DIFFRACTION' ? 
r_gen_planes_refined         0.004  0.020  ? 1476 'X-RAY DIFFRACTION' ? 
r_gen_planes_other           0.004  0.020  ? 275  'X-RAY DIFFRACTION' ? 
r_nbd_refined                0.273  0.200  ? 334  'X-RAY DIFFRACTION' ? 
r_nbd_other                  0.279  0.200  ? 1074 'X-RAY DIFFRACTION' ? 
r_nbtor_refined              0.200  0.200  ? 652  'X-RAY DIFFRACTION' ? 
r_nbtor_other                0.096  0.200  ? 757  'X-RAY DIFFRACTION' ? 
r_xyhbond_nbd_refined        0.278  0.200  ? 127  'X-RAY DIFFRACTION' ? 
r_xyhbond_nbd_other          ?      ?      ? ?    'X-RAY DIFFRACTION' ? 
r_metal_ion_refined          ?      ?      ? ?    'X-RAY DIFFRACTION' ? 
r_metal_ion_other            ?      ?      ? ?    'X-RAY DIFFRACTION' ? 
r_symmetry_vdw_refined       0.262  0.200  ? 20   'X-RAY DIFFRACTION' ? 
r_symmetry_vdw_other         0.340  0.200  ? 48   'X-RAY DIFFRACTION' ? 
r_symmetry_hbond_refined     0.350  0.200  ? 12   'X-RAY DIFFRACTION' ? 
r_symmetry_hbond_other       ?      ?      ? ?    'X-RAY DIFFRACTION' ? 
r_symmetry_metal_ion_refined ?      ?      ? ?    'X-RAY DIFFRACTION' ? 
r_symmetry_metal_ion_other   ?      ?      ? ?    'X-RAY DIFFRACTION' ? 
r_mcbond_it                  0.892  2.000  ? 999  'X-RAY DIFFRACTION' ? 
r_mcbond_other               0.131  2.000  ? 316  'X-RAY DIFFRACTION' ? 
r_mcangle_it                 1.113  3.000  ? 1280 'X-RAY DIFFRACTION' ? 
r_scbond_it                  0.572  2.000  ? 706  'X-RAY DIFFRACTION' ? 
r_scangle_it                 0.888  3.000  ? 611  'X-RAY DIFFRACTION' ? 
r_rigid_bond_restr           ?      ?      ? ?    'X-RAY DIFFRACTION' ? 
r_sphericity_free            ?      ?      ? ?    'X-RAY DIFFRACTION' ? 
r_sphericity_bonded          ?      ?      ? ?    'X-RAY DIFFRACTION' ? 
# 
_refine_ls_shell.pdbx_total_number_of_bins_used   10 
_refine_ls_shell.d_res_high                       2.250 
_refine_ls_shell.d_res_low                        2.370 
_refine_ls_shell.number_reflns_R_work             941 
_refine_ls_shell.R_factor_R_work                  0.329 
_refine_ls_shell.percent_reflns_obs               69.22 
_refine_ls_shell.R_factor_R_free                  0.354 
_refine_ls_shell.R_factor_R_free_error            ? 
_refine_ls_shell.percent_reflns_R_free            ? 
_refine_ls_shell.number_reflns_R_free             44 
_refine_ls_shell.number_reflns_all                ? 
_refine_ls_shell.R_factor_all                     ? 
_refine_ls_shell.number_reflns_obs                ? 
_refine_ls_shell.redundancy_reflns_obs            ? 
_refine_ls_shell.pdbx_refine_id                   'X-RAY DIFFRACTION' 
# 
_struct.entry_id                  3FY9 
_struct.title                     'Staph. aureus DHFR F98Y complexed with AR-102' 
_struct.pdbx_model_details        ? 
_struct.pdbx_CASP_flag            ? 
_struct.pdbx_model_type_details   ? 
# 
_struct_keywords.entry_id        3FY9 
_struct_keywords.pdbx_keywords   OXIDOREDUCTASE 
_struct_keywords.text            'DHFR, AR-102, OXIDOREDUCTASE, NADP, One-carbon metabolism' 
# 
loop_
_struct_asym.id 
_struct_asym.pdbx_blank_PDB_chainid_flag 
_struct_asym.pdbx_modified 
_struct_asym.entity_id 
_struct_asym.details 
A N N 1 ? 
B N N 2 ? 
C N N 3 ? 
D N N 4 ? 
# 
_struct_biol.id        1 
_struct_biol.details   ? 
# 
loop_
_struct_conf.conf_type_id 
_struct_conf.id 
_struct_conf.pdbx_PDB_helix_id 
_struct_conf.beg_label_comp_id 
_struct_conf.beg_label_asym_id 
_struct_conf.beg_label_seq_id 
_struct_conf.pdbx_beg_PDB_ins_code 
_struct_conf.end_label_comp_id 
_struct_conf.end_label_asym_id 
_struct_conf.end_label_seq_id 
_struct_conf.pdbx_end_PDB_ins_code 
_struct_conf.beg_auth_comp_id 
_struct_conf.beg_auth_asym_id 
_struct_conf.beg_auth_seq_id 
_struct_conf.end_auth_comp_id 
_struct_conf.end_auth_asym_id 
_struct_conf.end_auth_seq_id 
_struct_conf.pdbx_PDB_helix_class 
_struct_conf.details 
_struct_conf.pdbx_PDB_helix_length 
HELX_P HELX_P1 1 LEU A 24 ? THR A 36  ? LEU X 24 THR X 36  1 ? 13 
HELX_P HELX_P2 2 ARG A 44 ? GLY A 51  ? ARG X 44 GLY X 51  1 ? 8  
HELX_P HELX_P3 3 SER A 78 ? LEU A 85  ? SER X 78 LEU X 85  5 ? 8  
HELX_P HELX_P4 4 GLY A 94 ? ILE A 102 ? GLY X 94 ILE X 102 1 ? 9  
# 
_struct_conf_type.id          HELX_P 
_struct_conf_type.criteria    ? 
_struct_conf_type.reference   ? 
# 
_struct_mon_prot_cis.pdbx_id                1 
_struct_mon_prot_cis.label_comp_id          GLY 
_struct_mon_prot_cis.label_seq_id           93 
_struct_mon_prot_cis.label_asym_id          A 
_struct_mon_prot_cis.label_alt_id           . 
_struct_mon_prot_cis.pdbx_PDB_ins_code      ? 
_struct_mon_prot_cis.auth_comp_id           GLY 
_struct_mon_prot_cis.auth_seq_id            93 
_struct_mon_prot_cis.auth_asym_id           X 
_struct_mon_prot_cis.pdbx_label_comp_id_2   GLY 
_struct_mon_prot_cis.pdbx_label_seq_id_2    94 
_struct_mon_prot_cis.pdbx_label_asym_id_2   A 
_struct_mon_prot_cis.pdbx_PDB_ins_code_2    ? 
_struct_mon_prot_cis.pdbx_auth_comp_id_2    GLY 
_struct_mon_prot_cis.pdbx_auth_seq_id_2     94 
_struct_mon_prot_cis.pdbx_auth_asym_id_2    X 
_struct_mon_prot_cis.pdbx_PDB_model_num     1 
_struct_mon_prot_cis.pdbx_omega_angle       5.53 
# 
loop_
_struct_sheet.id 
_struct_sheet.type 
_struct_sheet.number_strands 
_struct_sheet.details 
A ? 8 ? 
B ? 2 ? 
# 
loop_
_struct_sheet_order.sheet_id 
_struct_sheet_order.range_id_1 
_struct_sheet_order.range_id_2 
_struct_sheet_order.offset 
_struct_sheet_order.sense 
A 1 2 ? parallel      
A 2 3 ? parallel      
A 3 4 ? parallel      
A 4 5 ? parallel      
A 5 6 ? parallel      
A 6 7 ? anti-parallel 
A 7 8 ? anti-parallel 
B 1 2 ? anti-parallel 
# 
loop_
_struct_sheet_range.sheet_id 
_struct_sheet_range.id 
_struct_sheet_range.beg_label_comp_id 
_struct_sheet_range.beg_label_asym_id 
_struct_sheet_range.beg_label_seq_id 
_struct_sheet_range.pdbx_beg_PDB_ins_code 
_struct_sheet_range.end_label_comp_id 
_struct_sheet_range.end_label_asym_id 
_struct_sheet_range.end_label_seq_id 
_struct_sheet_range.pdbx_end_PDB_ins_code 
_struct_sheet_range.beg_auth_comp_id 
_struct_sheet_range.beg_auth_asym_id 
_struct_sheet_range.beg_auth_seq_id 
_struct_sheet_range.end_auth_comp_id 
_struct_sheet_range.end_auth_asym_id 
_struct_sheet_range.end_auth_seq_id 
A 1 ASP A 74  ? ILE A 76  ? ASP X 74  ILE X 76  
A 2 ARG A 58  ? LEU A 62  ? ARG X 58  LEU X 62  
A 3 THR A 39  ? GLY A 43  ? THR X 39  GLY X 43  
A 4 VAL A 89  ? GLY A 93  ? VAL X 89  GLY X 93  
A 5 LEU A 2   ? ASP A 9   ? LEU X 2   ASP X 9   
A 6 ASP A 107 ? ILE A 113 ? ASP X 107 ILE X 113 
A 7 HIS A 149 ? ARG A 156 ? HIS X 149 ARG X 156 
A 8 TRP A 131 ? GLU A 138 ? TRP X 131 GLU X 138 
B 1 VAL A 13  ? GLY A 15  ? VAL X 13  GLY X 15  
B 2 THR A 121 ? PHE A 122 ? THR X 121 PHE X 122 
# 
loop_
_pdbx_struct_sheet_hbond.sheet_id 
_pdbx_struct_sheet_hbond.range_id_1 
_pdbx_struct_sheet_hbond.range_id_2 
_pdbx_struct_sheet_hbond.range_1_label_atom_id 
_pdbx_struct_sheet_hbond.range_1_label_comp_id 
_pdbx_struct_sheet_hbond.range_1_label_asym_id 
_pdbx_struct_sheet_hbond.range_1_label_seq_id 
_pdbx_struct_sheet_hbond.range_1_PDB_ins_code 
_pdbx_struct_sheet_hbond.range_1_auth_atom_id 
_pdbx_struct_sheet_hbond.range_1_auth_comp_id 
_pdbx_struct_sheet_hbond.range_1_auth_asym_id 
_pdbx_struct_sheet_hbond.range_1_auth_seq_id 
_pdbx_struct_sheet_hbond.range_2_label_atom_id 
_pdbx_struct_sheet_hbond.range_2_label_comp_id 
_pdbx_struct_sheet_hbond.range_2_label_asym_id 
_pdbx_struct_sheet_hbond.range_2_label_seq_id 
_pdbx_struct_sheet_hbond.range_2_PDB_ins_code 
_pdbx_struct_sheet_hbond.range_2_auth_atom_id 
_pdbx_struct_sheet_hbond.range_2_auth_comp_id 
_pdbx_struct_sheet_hbond.range_2_auth_asym_id 
_pdbx_struct_sheet_hbond.range_2_auth_seq_id 
A 1 2 O ASP A 74  ? O ASP X 74  N ASN A 59  ? N ASN X 59  
A 2 3 O LEU A 62  ? O LEU X 62  N MET A 42  ? N MET X 42  
A 3 4 N VAL A 41  ? N VAL X 41  O PHE A 92  ? O PHE X 92  
A 4 5 O ILE A 91  ? O ILE X 91  N SER A 3   ? N SER X 3   
A 5 6 N ILE A 4   ? N ILE X 4   O TYR A 109 ? O TYR X 109 
A 6 7 N ILE A 110 ? N ILE X 110 O LEU A 152 ? O LEU X 152 
A 7 8 O ILE A 155 ? O ILE X 155 N GLU A 132 ? N GLU X 132 
B 1 2 N ILE A 14  ? N ILE X 14  O THR A 121 ? O THR X 121 
# 
loop_
_struct_site.id 
_struct_site.pdbx_evidence_code 
_struct_site.pdbx_auth_asym_id 
_struct_site.pdbx_auth_comp_id 
_struct_site.pdbx_auth_seq_id 
_struct_site.pdbx_auth_ins_code 
_struct_site.pdbx_num_residues 
_struct_site.details 
AC1 Software X NAP 301 ? 28 'BINDING SITE FOR RESIDUE NAP X 301' 
AC2 Software X XCF 300 ? 11 'BINDING SITE FOR RESIDUE XCF X 300' 
# 
loop_
_struct_site_gen.id 
_struct_site_gen.site_id 
_struct_site_gen.pdbx_num_res 
_struct_site_gen.label_comp_id 
_struct_site_gen.label_asym_id 
_struct_site_gen.label_seq_id 
_struct_site_gen.pdbx_auth_ins_code 
_struct_site_gen.auth_comp_id 
_struct_site_gen.auth_asym_id 
_struct_site_gen.auth_seq_id 
_struct_site_gen.label_atom_id 
_struct_site_gen.label_alt_id 
_struct_site_gen.symmetry 
_struct_site_gen.details 
1  AC1 28 VAL A 6   ? VAL X 6   . ? 1_555 ? 
2  AC1 28 ALA A 7   ? ALA X 7   . ? 1_555 ? 
3  AC1 28 ILE A 14  ? ILE X 14  . ? 1_555 ? 
4  AC1 28 GLY A 15  ? GLY X 15  . ? 1_555 ? 
5  AC1 28 ASN A 18  ? ASN X 18  . ? 1_555 ? 
6  AC1 28 GLN A 19  ? GLN X 19  . ? 1_555 ? 
7  AC1 28 LEU A 20  ? LEU X 20  . ? 1_555 ? 
8  AC1 28 GLY A 43  ? GLY X 43  . ? 1_555 ? 
9  AC1 28 ARG A 44  ? ARG X 44  . ? 1_555 ? 
10 AC1 28 LYS A 45  ? LYS X 45  . ? 1_555 ? 
11 AC1 28 THR A 46  ? THR X 46  . ? 1_555 ? 
12 AC1 28 LEU A 62  ? LEU X 62  . ? 1_555 ? 
13 AC1 28 THR A 63  ? THR X 63  . ? 1_555 ? 
14 AC1 28 SER A 64  ? SER X 64  . ? 1_555 ? 
15 AC1 28 HIS A 77  ? HIS X 77  . ? 1_555 ? 
16 AC1 28 PHE A 92  ? PHE X 92  . ? 1_555 ? 
17 AC1 28 GLY A 93  ? GLY X 93  . ? 1_555 ? 
18 AC1 28 GLY A 94  ? GLY X 94  . ? 1_555 ? 
19 AC1 28 GLN A 95  ? GLN X 95  . ? 1_555 ? 
20 AC1 28 THR A 96  ? THR X 96  . ? 1_555 ? 
21 AC1 28 TYR A 98  ? TYR X 98  . ? 1_555 ? 
22 AC1 28 GLU A 100 ? GLU X 100 . ? 1_555 ? 
23 AC1 28 THR A 121 ? THR X 121 . ? 1_555 ? 
24 AC1 28 HOH D .   ? HOH X 185 . ? 1_555 ? 
25 AC1 28 HOH D .   ? HOH X 198 . ? 1_555 ? 
26 AC1 28 HOH D .   ? HOH X 257 . ? 1_555 ? 
27 AC1 28 XCF C .   ? XCF X 300 . ? 1_555 ? 
28 AC1 28 HOH D .   ? HOH X 303 . ? 1_555 ? 
29 AC2 11 LEU A 5   ? LEU X 5   . ? 1_555 ? 
30 AC2 11 VAL A 6   ? VAL X 6   . ? 1_555 ? 
31 AC2 11 ALA A 7   ? ALA X 7   . ? 1_555 ? 
32 AC2 11 ASP A 27  ? ASP X 27  . ? 1_555 ? 
33 AC2 11 LEU A 28  ? LEU X 28  . ? 1_555 ? 
34 AC2 11 VAL A 31  ? VAL X 31  . ? 1_555 ? 
35 AC2 11 LEU A 54  ? LEU X 54  . ? 1_555 ? 
36 AC2 11 PHE A 92  ? PHE X 92  . ? 1_555 ? 
37 AC2 11 TYR A 98  ? TYR X 98  . ? 1_555 ? 
38 AC2 11 HOH D .   ? HOH X 175 . ? 1_555 ? 
39 AC2 11 NAP B .   ? NAP X 301 . ? 1_555 ? 
# 
_atom_sites.entry_id                    3FY9 
_atom_sites.fract_transf_matrix[1][1]   -0.00113614 
_atom_sites.fract_transf_matrix[1][2]   0.00047796 
_atom_sites.fract_transf_matrix[1][3]   -0.01445977 
_atom_sites.fract_transf_matrix[2][1]   -0.00918704 
_atom_sites.fract_transf_matrix[2][2]   0.00933331 
_atom_sites.fract_transf_matrix[2][3]   -0.00625185 
_atom_sites.fract_transf_matrix[3][1]   0.00664091 
_atom_sites.fract_transf_matrix[3][2]   0.00632742 
_atom_sites.fract_transf_matrix[3][3]   -0.00031264 
_atom_sites.fract_transf_vector[1]      0.399259 
_atom_sites.fract_transf_vector[2]      0.173001 
_atom_sites.fract_transf_vector[3]      0.356427 
# 
loop_
_atom_type.symbol 
C 
N 
O 
P 
S 
# 
loop_
_atom_site.group_PDB 
_atom_site.id 
_atom_site.type_symbol 
_atom_site.label_atom_id 
_atom_site.label_alt_id 
_atom_site.label_comp_id 
_atom_site.label_asym_id 
_atom_site.label_entity_id 
_atom_site.label_seq_id 
_atom_site.pdbx_PDB_ins_code 
_atom_site.Cartn_x 
_atom_site.Cartn_y 
_atom_site.Cartn_z 
_atom_site.occupancy 
_atom_site.B_iso_or_equiv 
_atom_site.pdbx_formal_charge 
_atom_site.auth_seq_id 
_atom_site.auth_comp_id 
_atom_site.auth_asym_id 
_atom_site.auth_atom_id 
_atom_site.pdbx_PDB_model_num 
ATOM   1    N N   . THR A 1 1   ? -10.584 -10.716 2.746   1.00 41.70 ? 1   THR X N   1 
ATOM   2    C CA  . THR A 1 1   ? -10.037 -9.710  3.705   1.00 41.23 ? 1   THR X CA  1 
ATOM   3    C C   . THR A 1 1   ? -9.965  -8.273  3.113   1.00 40.84 ? 1   THR X C   1 
ATOM   4    O O   . THR A 1 1   ? -10.074 -8.073  1.908   1.00 41.20 ? 1   THR X O   1 
ATOM   5    C CB  . THR A 1 1   ? -8.643  -10.148 4.230   1.00 42.39 ? 1   THR X CB  1 
ATOM   6    O OG1 . THR A 1 1   ? -8.366  -11.500 3.833   1.00 43.70 ? 1   THR X OG1 1 
ATOM   7    C CG2 . THR A 1 1   ? -8.587  -10.067 5.757   1.00 42.90 ? 1   THR X CG2 1 
ATOM   8    N N   . LEU A 1 2   ? -9.821  -7.279  3.988   1.00 39.45 ? 2   LEU X N   1 
ATOM   9    C CA  . LEU A 1 2   ? -9.440  -5.933  3.584   1.00 38.29 ? 2   LEU X CA  1 
ATOM   10   C C   . LEU A 1 2   ? -8.179  -5.463  4.317   1.00 37.18 ? 2   LEU X C   1 
ATOM   11   O O   . LEU A 1 2   ? -8.165  -5.272  5.530   1.00 36.45 ? 2   LEU X O   1 
ATOM   12   C CB  . LEU A 1 2   ? -10.584 -4.941  3.842   1.00 38.39 ? 2   LEU X CB  1 
ATOM   13   C CG  . LEU A 1 2   ? -10.321 -3.474  3.453   1.00 38.42 ? 2   LEU X CG  1 
ATOM   14   C CD1 . LEU A 1 2   ? -10.262 -3.336  1.934   1.00 38.33 ? 2   LEU X CD1 1 
ATOM   15   C CD2 . LEU A 1 2   ? -11.366 -2.532  4.045   1.00 38.11 ? 2   LEU X CD2 1 
ATOM   16   N N   . SER A 1 3   ? -7.130  -5.241  3.538   1.00 36.61 ? 3   SER X N   1 
ATOM   17   C CA  . SER A 1 3   ? -5.788  -5.064  4.059   1.00 34.84 ? 3   SER X CA  1 
ATOM   18   C C   . SER A 1 3   ? -5.208  -3.766  3.495   1.00 33.95 ? 3   SER X C   1 
ATOM   19   O O   . SER A 1 3   ? -5.418  -3.436  2.339   1.00 35.24 ? 3   SER X O   1 
ATOM   20   C CB  . SER A 1 3   ? -4.923  -6.272  3.680   1.00 33.75 ? 3   SER X CB  1 
ATOM   21   O OG  . SER A 1 3   ? -5.566  -7.485  4.027   1.00 32.23 ? 3   SER X OG  1 
ATOM   22   N N   . ILE A 1 4   ? -4.485  -3.035  4.333   1.00 33.22 ? 4   ILE X N   1 
ATOM   23   C CA  . ILE A 1 4   ? -3.473  -2.095  3.885   1.00 32.11 ? 4   ILE X CA  1 
ATOM   24   C C   . ILE A 1 4   ? -2.200  -2.826  3.450   1.00 31.58 ? 4   ILE X C   1 
ATOM   25   O O   . ILE A 1 4   ? -1.765  -3.790  4.083   1.00 29.73 ? 4   ILE X O   1 
ATOM   26   C CB  . ILE A 1 4   ? -3.155  -1.074  5.011   1.00 31.78 ? 4   ILE X CB  1 
ATOM   27   C CG1 . ILE A 1 4   ? -4.162  0.093   4.963   1.00 31.90 ? 4   ILE X CG1 1 
ATOM   28   C CG2 . ILE A 1 4   ? -1.711  -0.602  4.923   1.00 31.12 ? 4   ILE X CG2 1 
ATOM   29   C CD1 . ILE A 1 4   ? -4.169  0.984   6.186   1.00 31.24 ? 4   ILE X CD1 1 
ATOM   30   N N   . LEU A 1 5   ? -1.639  -2.373  2.330   1.00 32.34 ? 5   LEU X N   1 
ATOM   31   C CA  . LEU A 1 5   ? -0.292  -2.731  1.904   1.00 32.32 ? 5   LEU X CA  1 
ATOM   32   C C   . LEU A 1 5   ? 0.505   -1.450  1.704   1.00 32.58 ? 5   LEU X C   1 
ATOM   33   O O   . LEU A 1 5   ? 0.139   -0.618  0.880   1.00 33.54 ? 5   LEU X O   1 
ATOM   34   C CB  . LEU A 1 5   ? -0.365  -3.507  0.591   1.00 32.73 ? 5   LEU X CB  1 
ATOM   35   C CG  . LEU A 1 5   ? 0.885   -4.212  0.036   1.00 32.32 ? 5   LEU X CG  1 
ATOM   36   C CD1 . LEU A 1 5   ? 1.400   -5.251  1.014   1.00 32.45 ? 5   LEU X CD1 1 
ATOM   37   C CD2 . LEU A 1 5   ? 0.550   -4.859  -1.307  1.00 32.43 ? 5   LEU X CD2 1 
ATOM   38   N N   . VAL A 1 6   ? 1.585   -1.295  2.466   1.00 32.26 ? 6   VAL X N   1 
ATOM   39   C CA  . VAL A 1 6   ? 2.340   -0.043  2.521   1.00 31.83 ? 6   VAL X CA  1 
ATOM   40   C C   . VAL A 1 6   ? 3.798   -0.321  2.947   1.00 31.33 ? 6   VAL X C   1 
ATOM   41   O O   . VAL A 1 6   ? 4.084   -1.217  3.753   1.00 27.75 ? 6   VAL X O   1 
ATOM   42   C CB  . VAL A 1 6   ? 1.684   0.978   3.498   1.00 31.68 ? 6   VAL X CB  1 
ATOM   43   C CG1 . VAL A 1 6   ? 2.094   0.680   4.946   1.00 31.40 ? 6   VAL X CG1 1 
ATOM   44   C CG2 . VAL A 1 6   ? 2.060   2.386   3.124   1.00 31.39 ? 6   VAL X CG2 1 
ATOM   45   N N   . ALA A 1 7   ? 4.716   0.461   2.391   1.00 31.99 ? 7   ALA X N   1 
ATOM   46   C CA  . ALA A 1 7   ? 6.042   0.613   2.973   1.00 32.57 ? 7   ALA X CA  1 
ATOM   47   C C   . ALA A 1 7   ? 6.177   2.025   3.528   1.00 33.16 ? 7   ALA X C   1 
ATOM   48   O O   . ALA A 1 7   ? 5.905   3.007   2.820   1.00 32.81 ? 7   ALA X O   1 
ATOM   49   C CB  . ALA A 1 7   ? 7.113   0.341   1.931   1.00 31.44 ? 7   ALA X CB  1 
ATOM   50   N N   . HIS A 1 8   ? 6.601   2.133   4.785   1.00 33.49 ? 8   HIS X N   1 
ATOM   51   C CA  . HIS A 1 8   ? 6.894   3.451   5.355   1.00 33.74 ? 8   HIS X CA  1 
ATOM   52   C C   . HIS A 1 8   ? 8.189   3.441   6.150   1.00 33.97 ? 8   HIS X C   1 
ATOM   53   O O   . HIS A 1 8   ? 8.617   2.399   6.646   1.00 35.15 ? 8   HIS X O   1 
ATOM   54   C CB  . HIS A 1 8   ? 5.724   3.946   6.220   1.00 34.08 ? 8   HIS X CB  1 
ATOM   55   C CG  . HIS A 1 8   ? 5.706   3.379   7.611   1.00 34.31 ? 8   HIS X CG  1 
ATOM   56   N ND1 . HIS A 1 8   ? 6.792   3.447   8.462   1.00 34.03 ? 8   HIS X ND1 1 
ATOM   57   C CD2 . HIS A 1 8   ? 4.732   2.740   8.299   1.00 34.08 ? 8   HIS X CD2 1 
ATOM   58   C CE1 . HIS A 1 8   ? 6.481   2.884   9.614   1.00 34.03 ? 8   HIS X CE1 1 
ATOM   59   N NE2 . HIS A 1 8   ? 5.238   2.446   9.542   1.00 34.16 ? 8   HIS X NE2 1 
ATOM   60   N N   . ASP A 1 9   ? 8.829   4.595   6.263   1.00 33.75 ? 9   ASP X N   1 
ATOM   61   C CA  . ASP A 1 9   ? 10.142  4.642   6.892   1.00 33.64 ? 9   ASP X CA  1 
ATOM   62   C C   . ASP A 1 9   ? 10.012  4.941   8.388   1.00 33.73 ? 9   ASP X C   1 
ATOM   63   O O   . ASP A 1 9   ? 8.926   4.822   8.950   1.00 34.04 ? 9   ASP X O   1 
ATOM   64   C CB  . ASP A 1 9   ? 11.061  5.629   6.169   1.00 32.54 ? 9   ASP X CB  1 
ATOM   65   C CG  . ASP A 1 9   ? 10.905  7.056   6.656   1.00 31.75 ? 9   ASP X CG  1 
ATOM   66   O OD1 . ASP A 1 9   ? 9.963   7.348   7.440   1.00 31.96 ? 9   ASP X OD1 1 
ATOM   67   O OD2 . ASP A 1 9   ? 11.756  7.880   6.264   1.00 29.84 ? 9   ASP X OD2 1 
ATOM   68   N N   . LEU A 1 10  ? 11.121  5.277   9.038   1.00 34.21 ? 10  LEU X N   1 
ATOM   69   C CA  . LEU A 1 10  ? 11.161  5.321   10.496  1.00 34.88 ? 10  LEU X CA  1 
ATOM   70   C C   . LEU A 1 10  ? 10.328  6.486   11.040  1.00 35.80 ? 10  LEU X C   1 
ATOM   71   O O   . LEU A 1 10  ? 10.068  6.570   12.239  1.00 35.16 ? 10  LEU X O   1 
ATOM   72   C CB  . LEU A 1 10  ? 12.604  5.423   10.989  1.00 34.80 ? 10  LEU X CB  1 
ATOM   73   C CG  . LEU A 1 10  ? 13.413  4.124   10.825  1.00 35.05 ? 10  LEU X CG  1 
ATOM   74   C CD1 . LEU A 1 10  ? 14.915  4.415   10.860  1.00 34.52 ? 10  LEU X CD1 1 
ATOM   75   C CD2 . LEU A 1 10  ? 13.013  3.075   11.884  1.00 34.37 ? 10  LEU X CD2 1 
ATOM   76   N N   . GLN A 1 11  ? 9.899   7.379   10.154  1.00 36.26 ? 11  GLN X N   1 
ATOM   77   C CA  . GLN A 1 11  ? 9.102   8.521   10.578  1.00 36.46 ? 11  GLN X CA  1 
ATOM   78   C C   . GLN A 1 11  ? 7.813   8.556   9.763   1.00 36.10 ? 11  GLN X C   1 
ATOM   79   O O   . GLN A 1 11  ? 7.191   9.611   9.582   1.00 35.52 ? 11  GLN X O   1 
ATOM   80   C CB  . GLN A 1 11  ? 9.904   9.804   10.415  1.00 37.14 ? 11  GLN X CB  1 
ATOM   81   C CG  . GLN A 1 11  ? 11.143  9.860   11.309  1.00 37.70 ? 11  GLN X CG  1 
ATOM   82   C CD  . GLN A 1 11  ? 12.053  11.008  10.924  1.00 37.93 ? 11  GLN X CD  1 
ATOM   83   O OE1 . GLN A 1 11  ? 12.563  11.740  11.781  1.00 38.51 ? 11  GLN X OE1 1 
ATOM   84   N NE2 . GLN A 1 11  ? 12.244  11.187  9.620   1.00 38.34 ? 11  GLN X NE2 1 
ATOM   85   N N   . ARG A 1 12  ? 7.464   7.372   9.260   1.00 35.13 ? 12  ARG X N   1 
ATOM   86   C CA  . ARG A 1 12  ? 6.229   7.116   8.542   1.00 35.17 ? 12  ARG X CA  1 
ATOM   87   C C   . ARG A 1 12  ? 6.140   7.803   7.179   1.00 33.86 ? 12  ARG X C   1 
ATOM   88   O O   . ARG A 1 12  ? 5.049   8.002   6.655   1.00 32.32 ? 12  ARG X O   1 
ATOM   89   C CB  . ARG A 1 12  ? 5.036   7.486   9.412   1.00 36.08 ? 12  ARG X CB  1 
ATOM   90   C CG  . ARG A 1 12  ? 4.593   6.350   10.319  1.00 36.71 ? 12  ARG X CG  1 
ATOM   91   C CD  . ARG A 1 12  ? 3.537   6.798   11.284  1.00 37.24 ? 12  ARG X CD  1 
ATOM   92   N NE  . ARG A 1 12  ? 4.030   7.835   12.175  1.00 37.91 ? 12  ARG X NE  1 
ATOM   93   C CZ  . ARG A 1 12  ? 3.716   9.125   12.054  1.00 39.00 ? 12  ARG X CZ  1 
ATOM   94   N NH1 . ARG A 1 12  ? 2.912   9.524   11.062  1.00 38.63 ? 12  ARG X NH1 1 
ATOM   95   N NH2 . ARG A 1 12  ? 4.215   10.021  12.923  1.00 39.06 ? 12  ARG X NH2 1 
ATOM   96   N N   . VAL A 1 13  ? 7.283   8.151   6.601   1.00 33.37 ? 13  VAL X N   1 
ATOM   97   C CA  . VAL A 1 13  ? 7.317   8.646   5.225   1.00 33.94 ? 13  VAL X CA  1 
ATOM   98   C C   . VAL A 1 13  ? 6.921   7.512   4.272   1.00 34.40 ? 13  VAL X C   1 
ATOM   99   O O   . VAL A 1 13  ? 7.374   6.381   4.421   1.00 33.83 ? 13  VAL X O   1 
ATOM   100  C CB  . VAL A 1 13  ? 8.717   9.186   4.852   1.00 33.43 ? 13  VAL X CB  1 
ATOM   101  C CG1 . VAL A 1 13  ? 8.898   9.312   3.344   1.00 32.17 ? 13  VAL X CG1 1 
ATOM   102  C CG2 . VAL A 1 13  ? 8.981   10.509  5.565   1.00 33.21 ? 13  VAL X CG2 1 
ATOM   103  N N   . ILE A 1 14  ? 6.042   7.819   3.320   1.00 35.22 ? 14  ILE X N   1 
ATOM   104  C CA  . ILE A 1 14  ? 5.693   6.874   2.265   1.00 34.77 ? 14  ILE X CA  1 
ATOM   105  C C   . ILE A 1 14  ? 6.100   7.386   0.867   1.00 34.85 ? 14  ILE X C   1 
ATOM   106  O O   . ILE A 1 14  ? 6.207   6.610   -0.086  1.00 35.05 ? 14  ILE X O   1 
ATOM   107  C CB  . ILE A 1 14  ? 4.167   6.486   2.331   1.00 34.86 ? 14  ILE X CB  1 
ATOM   108  C CG1 . ILE A 1 14  ? 3.239   7.673   2.026   1.00 34.66 ? 14  ILE X CG1 1 
ATOM   109  C CG2 . ILE A 1 14  ? 3.826   5.895   3.692   1.00 34.53 ? 14  ILE X CG2 1 
ATOM   110  C CD1 . ILE A 1 14  ? 1.808   7.254   1.710   1.00 33.98 ? 14  ILE X CD1 1 
ATOM   111  N N   . GLY A 1 15  ? 6.335   8.691   0.744   1.00 35.01 ? 15  GLY X N   1 
ATOM   112  C CA  . GLY A 1 15  ? 6.202   9.361   -0.555  1.00 35.23 ? 15  GLY X CA  1 
ATOM   113  C C   . GLY A 1 15  ? 7.120   10.556  -0.685  1.00 34.98 ? 15  GLY X C   1 
ATOM   114  O O   . GLY A 1 15  ? 7.290   11.291  0.256   1.00 35.59 ? 15  GLY X O   1 
ATOM   115  N N   . PHE A 1 16  ? 7.723   10.754  -1.851  1.00 36.05 ? 16  PHE X N   1 
ATOM   116  C CA  . PHE A 1 16  ? 8.270   12.071  -2.201  1.00 36.33 ? 16  PHE X CA  1 
ATOM   117  C C   . PHE A 1 16  ? 7.997   12.382  -3.656  1.00 35.97 ? 16  PHE X C   1 
ATOM   118  O O   . PHE A 1 16  ? 8.383   11.636  -4.547  1.00 35.24 ? 16  PHE X O   1 
ATOM   119  C CB  . PHE A 1 16  ? 9.783   12.160  -1.907  1.00 36.71 ? 16  PHE X CB  1 
ATOM   120  C CG  . PHE A 1 16  ? 10.371  13.541  -2.123  1.00 36.62 ? 16  PHE X CG  1 
ATOM   121  C CD1 . PHE A 1 16  ? 11.327  13.761  -3.104  1.00 37.05 ? 16  PHE X CD1 1 
ATOM   122  C CD2 . PHE A 1 16  ? 9.979   14.608  -1.335  1.00 37.02 ? 16  PHE X CD2 1 
ATOM   123  C CE1 . PHE A 1 16  ? 11.862  15.023  -3.311  1.00 36.77 ? 16  PHE X CE1 1 
ATOM   124  C CE2 . PHE A 1 16  ? 10.511  15.865  -1.532  1.00 36.50 ? 16  PHE X CE2 1 
ATOM   125  C CZ  . PHE A 1 16  ? 11.446  16.075  -2.527  1.00 36.96 ? 16  PHE X CZ  1 
ATOM   126  N N   . GLU A 1 17  ? 7.316   13.494  -3.880  1.00 36.65 ? 17  GLU X N   1 
ATOM   127  C CA  . GLU A 1 17  ? 7.015   13.961  -5.225  1.00 37.10 ? 17  GLU X CA  1 
ATOM   128  C C   . GLU A 1 17  ? 6.351   12.855  -6.043  1.00 37.09 ? 17  GLU X C   1 
ATOM   129  O O   . GLU A 1 17  ? 6.642   12.664  -7.229  1.00 36.88 ? 17  GLU X O   1 
ATOM   130  C CB  . GLU A 1 17  ? 8.288   14.503  -5.890  1.00 37.11 ? 17  GLU X CB  1 
ATOM   131  C CG  . GLU A 1 17  ? 8.474   15.974  -5.577  1.00 37.26 ? 17  GLU X CG  1 
ATOM   132  C CD  . GLU A 1 17  ? 9.844   16.499  -5.927  1.00 37.89 ? 17  GLU X CD  1 
ATOM   133  O OE1 . GLU A 1 17  ? 10.682  15.730  -6.442  1.00 37.87 ? 17  GLU X OE1 1 
ATOM   134  O OE2 . GLU A 1 17  ? 10.086  17.700  -5.673  1.00 39.09 ? 17  GLU X OE2 1 
ATOM   135  N N   . ASN A 1 18  ? 5.452   12.126  -5.392  1.00 37.21 ? 18  ASN X N   1 
ATOM   136  C CA  . ASN A 1 18  ? 4.608   11.166  -6.093  1.00 38.05 ? 18  ASN X CA  1 
ATOM   137  C C   . ASN A 1 18  ? 5.423   9.944   -6.544  1.00 38.30 ? 18  ASN X C   1 
ATOM   138  O O   . ASN A 1 18  ? 5.090   9.304   -7.533  1.00 36.55 ? 18  ASN X O   1 
ATOM   139  C CB  . ASN A 1 18  ? 3.931   11.840  -7.301  1.00 38.79 ? 18  ASN X CB  1 
ATOM   140  C CG  . ASN A 1 18  ? 2.705   12.664  -6.905  1.00 39.13 ? 18  ASN X CG  1 
ATOM   141  O OD1 . ASN A 1 18  ? 2.054   12.383  -5.893  1.00 39.23 ? 18  ASN X OD1 1 
ATOM   142  N ND2 . ASN A 1 18  ? 2.388   13.684  -7.702  1.00 38.78 ? 18  ASN X ND2 1 
ATOM   143  N N   . GLN A 1 19  ? 6.484   9.631   -5.795  1.00 38.73 ? 19  GLN X N   1 
ATOM   144  C CA  . GLN A 1 19  ? 7.234   8.387   -5.966  1.00 38.29 ? 19  GLN X CA  1 
ATOM   145  C C   . GLN A 1 19  ? 7.680   7.780   -4.646  1.00 38.08 ? 19  GLN X C   1 
ATOM   146  O O   . GLN A 1 19  ? 7.668   8.426   -3.593  1.00 37.76 ? 19  GLN X O   1 
ATOM   147  C CB  . GLN A 1 19  ? 8.472   8.640   -6.799  1.00 38.73 ? 19  GLN X CB  1 
ATOM   148  C CG  . GLN A 1 19  ? 8.188   9.217   -8.156  1.00 39.26 ? 19  GLN X CG  1 
ATOM   149  C CD  . GLN A 1 19  ? 9.423   9.219   -9.014  1.00 39.89 ? 19  GLN X CD  1 
ATOM   150  O OE1 . GLN A 1 19  ? 10.015  8.167   -9.265  1.00 41.03 ? 19  GLN X OE1 1 
ATOM   151  N NE2 . GLN A 1 19  ? 9.826   10.399  -9.476  1.00 40.91 ? 19  GLN X NE2 1 
ATOM   152  N N   . LEU A 1 20  ? 8.101   6.527   -4.712  1.00 38.10 ? 20  LEU X N   1 
ATOM   153  C CA  . LEU A 1 20  ? 8.766   5.907   -3.579  1.00 37.54 ? 20  LEU X CA  1 
ATOM   154  C C   . LEU A 1 20  ? 10.056  6.666   -3.346  1.00 37.56 ? 20  LEU X C   1 
ATOM   155  O O   . LEU A 1 20  ? 10.719  7.051   -4.301  1.00 37.71 ? 20  LEU X O   1 
ATOM   156  C CB  . LEU A 1 20  ? 9.037   4.428   -3.862  1.00 36.85 ? 20  LEU X CB  1 
ATOM   157  C CG  . LEU A 1 20  ? 7.797   3.526   -4.005  1.00 36.51 ? 20  LEU X CG  1 
ATOM   158  C CD1 . LEU A 1 20  ? 8.214   2.103   -4.315  1.00 35.20 ? 20  LEU X CD1 1 
ATOM   159  C CD2 . LEU A 1 20  ? 6.890   3.574   -2.767  1.00 35.89 ? 20  LEU X CD2 1 
ATOM   160  N N   . PRO A 1 21  ? 10.400  6.932   -2.071  1.00 37.69 ? 21  PRO X N   1 
ATOM   161  C CA  . PRO A 1 21  ? 11.682  7.568   -1.757  1.00 36.93 ? 21  PRO X CA  1 
ATOM   162  C C   . PRO A 1 21  ? 12.877  6.635   -1.894  1.00 36.51 ? 21  PRO X C   1 
ATOM   163  O O   . PRO A 1 21  ? 14.018  7.093   -1.877  1.00 35.47 ? 21  PRO X O   1 
ATOM   164  C CB  . PRO A 1 21  ? 11.508  8.012   -0.300  1.00 37.09 ? 21  PRO X CB  1 
ATOM   165  C CG  . PRO A 1 21  ? 10.030  7.888   -0.017  1.00 37.58 ? 21  PRO X CG  1 
ATOM   166  C CD  . PRO A 1 21  ? 9.590   6.730   -0.861  1.00 37.42 ? 21  PRO X CD  1 
ATOM   167  N N   . TRP A 1 22  ? 12.606  5.336   -2.024  1.00 36.82 ? 22  TRP X N   1 
ATOM   168  C CA  . TRP A 1 22  ? 13.649  4.314   -2.003  1.00 36.97 ? 22  TRP X CA  1 
ATOM   169  C C   . TRP A 1 22  ? 13.544  3.453   -3.255  1.00 38.14 ? 22  TRP X C   1 
ATOM   170  O O   . TRP A 1 22  ? 12.455  3.220   -3.785  1.00 37.63 ? 22  TRP X O   1 
ATOM   171  C CB  . TRP A 1 22  ? 13.528  3.436   -0.751  1.00 36.33 ? 22  TRP X CB  1 
ATOM   172  C CG  . TRP A 1 22  ? 12.105  3.111   -0.424  1.00 36.16 ? 22  TRP X CG  1 
ATOM   173  C CD1 . TRP A 1 22  ? 11.340  2.147   -0.998  1.00 36.15 ? 22  TRP X CD1 1 
ATOM   174  C CD2 . TRP A 1 22  ? 11.264  3.780   0.523   1.00 36.28 ? 22  TRP X CD2 1 
ATOM   175  N NE1 . TRP A 1 22  ? 10.085  2.152   -0.462  1.00 36.07 ? 22  TRP X NE1 1 
ATOM   176  C CE2 . TRP A 1 22  ? 10.002  3.153   0.469   1.00 36.17 ? 22  TRP X CE2 1 
ATOM   177  C CE3 . TRP A 1 22  ? 11.457  4.844   1.415   1.00 35.74 ? 22  TRP X CE3 1 
ATOM   178  C CZ2 . TRP A 1 22  ? 8.932   3.549   1.279   1.00 36.18 ? 22  TRP X CZ2 1 
ATOM   179  C CZ3 . TRP A 1 22  ? 10.404  5.233   2.216   1.00 36.15 ? 22  TRP X CZ3 1 
ATOM   180  C CH2 . TRP A 1 22  ? 9.154   4.588   2.149   1.00 36.13 ? 22  TRP X CH2 1 
ATOM   181  N N   . HIS A 1 23  ? 14.707  3.019   -3.727  1.00 40.26 ? 23  HIS X N   1 
ATOM   182  C CA  . HIS A 1 23  ? 14.899  1.784   -4.487  1.00 40.84 ? 23  HIS X CA  1 
ATOM   183  C C   . HIS A 1 23  ? 15.007  0.533   -3.574  1.00 40.47 ? 23  HIS X C   1 
ATOM   184  O O   . HIS A 1 23  ? 15.994  0.364   -2.879  1.00 40.27 ? 23  HIS X O   1 
ATOM   185  C CB  . HIS A 1 23  ? 16.185  1.948   -5.314  1.00 41.46 ? 23  HIS X CB  1 
ATOM   186  C CG  . HIS A 1 23  ? 16.377  0.900   -6.367  1.00 42.32 ? 23  HIS X CG  1 
ATOM   187  N ND1 . HIS A 1 23  ? 15.358  0.476   -7.194  1.00 43.14 ? 23  HIS X ND1 1 
ATOM   188  C CD2 . HIS A 1 23  ? 17.480  0.204   -6.742  1.00 43.33 ? 23  HIS X CD2 1 
ATOM   189  C CE1 . HIS A 1 23  ? 15.820  -0.440  -8.027  1.00 42.88 ? 23  HIS X CE1 1 
ATOM   190  N NE2 . HIS A 1 23  ? 17.103  -0.628  -7.772  1.00 43.39 ? 23  HIS X NE2 1 
ATOM   191  N N   . LEU A 1 24  ? 13.999  -0.335  -3.581  1.00 39.75 ? 24  LEU X N   1 
ATOM   192  C CA  . LEU A 1 24  ? 14.056  -1.569  -2.786  1.00 39.64 ? 24  LEU X CA  1 
ATOM   193  C C   . LEU A 1 24  ? 13.309  -2.704  -3.492  1.00 39.10 ? 24  LEU X C   1 
ATOM   194  O O   . LEU A 1 24  ? 12.141  -2.974  -3.204  1.00 38.36 ? 24  LEU X O   1 
ATOM   195  C CB  . LEU A 1 24  ? 13.483  -1.339  -1.375  1.00 39.47 ? 24  LEU X CB  1 
ATOM   196  C CG  . LEU A 1 24  ? 13.815  -2.334  -0.248  1.00 39.44 ? 24  LEU X CG  1 
ATOM   197  C CD1 . LEU A 1 24  ? 15.293  -2.357  0.109   1.00 39.46 ? 24  LEU X CD1 1 
ATOM   198  C CD2 . LEU A 1 24  ? 13.004  -2.019  0.992   1.00 39.37 ? 24  LEU X CD2 1 
ATOM   199  N N   . PRO A 1 25  ? 13.988  -3.356  -4.444  1.00 39.24 ? 25  PRO X N   1 
ATOM   200  C CA  . PRO A 1 25  ? 13.340  -4.350  -5.294  1.00 39.63 ? 25  PRO X CA  1 
ATOM   201  C C   . PRO A 1 25  ? 12.650  -5.415  -4.472  1.00 39.96 ? 25  PRO X C   1 
ATOM   202  O O   . PRO A 1 25  ? 11.557  -5.844  -4.825  1.00 40.83 ? 25  PRO X O   1 
ATOM   203  C CB  . PRO A 1 25  ? 14.497  -4.959  -6.089  1.00 39.28 ? 25  PRO X CB  1 
ATOM   204  C CG  . PRO A 1 25  ? 15.594  -3.934  -6.048  1.00 39.22 ? 25  PRO X CG  1 
ATOM   205  C CD  . PRO A 1 25  ? 15.413  -3.157  -4.773  1.00 39.15 ? 25  PRO X CD  1 
ATOM   206  N N   . ASN A 1 26  ? 13.281  -5.826  -3.375  1.00 40.46 ? 26  ASN X N   1 
ATOM   207  C CA  . ASN A 1 26  ? 12.726  -6.865  -2.516  1.00 40.73 ? 26  ASN X CA  1 
ATOM   208  C C   . ASN A 1 26  ? 11.315  -6.554  -2.009  1.00 39.94 ? 26  ASN X C   1 
ATOM   209  O O   . ASN A 1 26  ? 10.511  -7.465  -1.828  1.00 39.63 ? 26  ASN X O   1 
ATOM   210  C CB  . ASN A 1 26  ? 13.673  -7.156  -1.338  1.00 41.90 ? 26  ASN X CB  1 
ATOM   211  C CG  . ASN A 1 26  ? 14.719  -8.222  -1.678  1.00 43.00 ? 26  ASN X CG  1 
ATOM   212  O OD1 . ASN A 1 26  ? 14.799  -8.679  -2.826  1.00 44.04 ? 26  ASN X OD1 1 
ATOM   213  N ND2 . ASN A 1 26  ? 15.524  -8.622  -0.686  1.00 43.04 ? 26  ASN X ND2 1 
ATOM   214  N N   . ASP A 1 27  ? 11.005  -5.278  -1.792  1.00 39.57 ? 27  ASP X N   1 
ATOM   215  C CA  . ASP A 1 27  ? 9.688   -4.909  -1.279  1.00 39.12 ? 27  ASP X CA  1 
ATOM   216  C C   . ASP A 1 27  ? 8.668   -4.893  -2.405  1.00 37.98 ? 27  ASP X C   1 
ATOM   217  O O   . ASP A 1 27  ? 7.499   -5.203  -2.194  1.00 37.02 ? 27  ASP X O   1 
ATOM   218  C CB  . ASP A 1 27  ? 9.720   -3.546  -0.591  1.00 39.78 ? 27  ASP X CB  1 
ATOM   219  C CG  . ASP A 1 27  ? 8.392   -3.199  0.078   1.00 40.03 ? 27  ASP X CG  1 
ATOM   220  O OD1 . ASP A 1 27  ? 7.814   -2.114  -0.205  1.00 39.69 ? 27  ASP X OD1 1 
ATOM   221  O OD2 . ASP A 1 27  ? 7.926   -4.029  0.884   1.00 40.68 ? 27  ASP X OD2 1 
ATOM   222  N N   . LEU A 1 28  ? 9.111   -4.552  -3.606  1.00 37.54 ? 28  LEU X N   1 
ATOM   223  C CA  . LEU A 1 28  ? 8.205   -4.539  -4.743  1.00 38.46 ? 28  LEU X CA  1 
ATOM   224  C C   . LEU A 1 28  ? 7.849   -5.972  -5.134  1.00 38.88 ? 28  LEU X C   1 
ATOM   225  O O   . LEU A 1 28  ? 6.718   -6.256  -5.525  1.00 38.31 ? 28  LEU X O   1 
ATOM   226  C CB  . LEU A 1 28  ? 8.822   -3.816  -5.940  1.00 37.67 ? 28  LEU X CB  1 
ATOM   227  C CG  . LEU A 1 28  ? 9.263   -2.350  -5.810  1.00 37.30 ? 28  LEU X CG  1 
ATOM   228  C CD1 . LEU A 1 28  ? 9.962   -1.945  -7.118  1.00 36.04 ? 28  LEU X CD1 1 
ATOM   229  C CD2 . LEU A 1 28  ? 8.096   -1.413  -5.473  1.00 36.58 ? 28  LEU X CD2 1 
ATOM   230  N N   . LYS A 1 29  ? 8.828   -6.867  -5.014  1.00 40.07 ? 29  LYS X N   1 
ATOM   231  C CA  . LYS A 1 29  ? 8.585   -8.301  -5.091  1.00 40.50 ? 29  LYS X CA  1 
ATOM   232  C C   . LYS A 1 29  ? 7.622   -8.815  -4.028  1.00 40.19 ? 29  LYS X C   1 
ATOM   233  O O   . LYS A 1 29  ? 6.744   -9.620  -4.318  1.00 40.01 ? 29  LYS X O   1 
ATOM   234  C CB  . LYS A 1 29  ? 9.902   -9.060  -4.967  1.00 41.42 ? 29  LYS X CB  1 
ATOM   235  C CG  . LYS A 1 29  ? 9.690   -10.567 -4.977  1.00 42.07 ? 29  LYS X CG  1 
ATOM   236  C CD  . LYS A 1 29  ? 11.007  -11.347 -4.949  1.00 43.07 ? 29  LYS X CD  1 
ATOM   237  C CE  . LYS A 1 29  ? 11.005  -12.414 -6.039  1.00 43.95 ? 29  LYS X CE  1 
ATOM   238  N NZ  . LYS A 1 29  ? 10.103  -11.995 -7.166  1.00 44.66 ? 29  LYS X NZ  1 
ATOM   239  N N   . HIS A 1 30  ? 7.810   -8.361  -2.789  1.00 40.35 ? 30  HIS X N   1 
ATOM   240  C CA  . HIS A 1 30  ? 6.850   -8.595  -1.710  1.00 40.12 ? 30  HIS X CA  1 
ATOM   241  C C   . HIS A 1 30  ? 5.439   -8.184  -2.132  1.00 40.27 ? 30  HIS X C   1 
ATOM   242  O O   . HIS A 1 30  ? 4.473   -8.904  -1.883  1.00 40.54 ? 30  HIS X O   1 
ATOM   243  C CB  . HIS A 1 30  ? 7.294   -7.826  -0.462  1.00 39.88 ? 30  HIS X CB  1 
ATOM   244  C CG  . HIS A 1 30  ? 6.534   -8.170  0.783   1.00 39.71 ? 30  HIS X CG  1 
ATOM   245  N ND1 . HIS A 1 30  ? 5.924   -7.213  1.569   1.00 40.08 ? 30  HIS X ND1 1 
ATOM   246  C CD2 . HIS A 1 30  ? 6.296   -9.356  1.387   1.00 39.70 ? 30  HIS X CD2 1 
ATOM   247  C CE1 . HIS A 1 30  ? 5.350   -7.796  2.607   1.00 39.82 ? 30  HIS X CE1 1 
ATOM   248  N NE2 . HIS A 1 30  ? 5.560   -9.096  2.520   1.00 39.59 ? 30  HIS X NE2 1 
ATOM   249  N N   . VAL A 1 31  ? 5.330   -7.036  -2.791  1.00 40.33 ? 31  VAL X N   1 
ATOM   250  C CA  . VAL A 1 31  ? 4.046   -6.535  -3.278  1.00 39.70 ? 31  VAL X CA  1 
ATOM   251  C C   . VAL A 1 31  ? 3.415   -7.496  -4.289  1.00 39.91 ? 31  VAL X C   1 
ATOM   252  O O   . VAL A 1 31  ? 2.233   -7.826  -4.195  1.00 39.58 ? 31  VAL X O   1 
ATOM   253  C CB  . VAL A 1 31  ? 4.208   -5.131  -3.936  1.00 39.35 ? 31  VAL X CB  1 
ATOM   254  C CG1 . VAL A 1 31  ? 3.080   -4.869  -4.943  1.00 39.33 ? 31  VAL X CG1 1 
ATOM   255  C CG2 . VAL A 1 31  ? 4.240   -4.038  -2.885  1.00 38.22 ? 31  VAL X CG2 1 
ATOM   256  N N   . LYS A 1 32  ? 4.220   -7.926  -5.255  1.00 40.20 ? 32  LYS X N   1 
ATOM   257  C CA  . LYS A 1 32  ? 3.820   -8.879  -6.280  1.00 40.38 ? 32  LYS X CA  1 
ATOM   258  C C   . LYS A 1 32  ? 3.225   -10.133 -5.671  1.00 40.18 ? 32  LYS X C   1 
ATOM   259  O O   . LYS A 1 32  ? 2.060   -10.480 -5.918  1.00 39.46 ? 32  LYS X O   1 
ATOM   260  C CB  . LYS A 1 32  ? 5.048   -9.252  -7.122  1.00 41.00 ? 32  LYS X CB  1 
ATOM   261  C CG  . LYS A 1 32  ? 4.741   -9.659  -8.563  1.00 41.31 ? 32  LYS X CG  1 
ATOM   262  C CD  . LYS A 1 32  ? 5.985   -9.604  -9.490  1.00 41.38 ? 32  LYS X CD  1 
ATOM   263  C CE  . LYS A 1 32  ? 7.273   -9.176  -8.754  1.00 42.00 ? 32  LYS X CE  1 
ATOM   264  N NZ  . LYS A 1 32  ? 8.536   -9.882  -9.283  1.00 41.78 ? 32  LYS X NZ  1 
ATOM   265  N N   . LYS A 1 33  ? 4.045   -10.794 -4.863  1.00 40.86 ? 33  LYS X N   1 
ATOM   266  C CA  . LYS A 1 33  ? 3.682   -12.027 -4.173  1.00 40.72 ? 33  LYS X CA  1 
ATOM   267  C C   . LYS A 1 33  ? 2.392   -11.890 -3.383  1.00 40.34 ? 33  LYS X C   1 
ATOM   268  O O   . LYS A 1 33  ? 1.494   -12.710 -3.491  1.00 39.95 ? 33  LYS X O   1 
ATOM   269  C CB  . LYS A 1 33  ? 4.801   -12.421 -3.215  1.00 41.62 ? 33  LYS X CB  1 
ATOM   270  C CG  . LYS A 1 33  ? 4.409   -13.492 -2.214  1.00 42.20 ? 33  LYS X CG  1 
ATOM   271  C CD  . LYS A 1 33  ? 4.965   -14.871 -2.630  1.00 42.77 ? 33  LYS X CD  1 
ATOM   272  C CE  . LYS A 1 33  ? 5.199   -15.772 -1.409  1.00 43.06 ? 33  LYS X CE  1 
ATOM   273  N NZ  . LYS A 1 33  ? 6.656   -16.083 -1.158  1.00 43.40 ? 33  LYS X NZ  1 
ATOM   274  N N   . LEU A 1 34  ? 2.303   -10.849 -2.572  1.00 40.54 ? 34  LEU X N   1 
ATOM   275  C CA  . LEU A 1 34  ? 1.117   -10.656 -1.746  1.00 40.17 ? 34  LEU X CA  1 
ATOM   276  C C   . LEU A 1 34  ? -0.159  -10.444 -2.586  1.00 40.00 ? 34  LEU X C   1 
ATOM   277  O O   . LEU A 1 34  ? -1.221  -10.940 -2.230  1.00 40.85 ? 34  LEU X O   1 
ATOM   278  C CB  . LEU A 1 34  ? 1.338   -9.501  -0.770  1.00 40.11 ? 34  LEU X CB  1 
ATOM   279  C CG  . LEU A 1 34  ? 1.863   -9.933  0.605   1.00 40.54 ? 34  LEU X CG  1 
ATOM   280  C CD1 . LEU A 1 34  ? 2.269   -8.721  1.444   1.00 40.31 ? 34  LEU X CD1 1 
ATOM   281  C CD2 . LEU A 1 34  ? 0.821   -10.785 1.349   1.00 40.38 ? 34  LEU X CD2 1 
ATOM   282  N N   . SER A 1 35  ? -0.057  -9.718  -3.693  1.00 39.80 ? 35  SER X N   1 
ATOM   283  C CA  . SER A 1 35  ? -1.230  -9.085  -4.297  1.00 39.28 ? 35  SER X CA  1 
ATOM   284  C C   . SER A 1 35  ? -1.629  -9.744  -5.613  1.00 38.65 ? 35  SER X C   1 
ATOM   285  O O   . SER A 1 35  ? -2.763  -9.619  -6.045  1.00 38.65 ? 35  SER X O   1 
ATOM   286  C CB  . SER A 1 35  ? -1.008  -7.568  -4.511  1.00 38.83 ? 35  SER X CB  1 
ATOM   287  O OG  . SER A 1 35  ? 0.123   -7.302  -5.329  1.00 37.84 ? 35  SER X OG  1 
ATOM   288  N N   . THR A 1 36  ? -0.706  -10.449 -6.249  1.00 39.21 ? 36  THR X N   1 
ATOM   289  C CA  . THR A 1 36  ? -1.049  -11.175 -7.484  1.00 39.04 ? 36  THR X CA  1 
ATOM   290  C C   . THR A 1 36  ? -2.292  -12.038 -7.271  1.00 38.53 ? 36  THR X C   1 
ATOM   291  O O   . THR A 1 36  ? -2.425  -12.716 -6.254  1.00 38.27 ? 36  THR X O   1 
ATOM   292  C CB  . THR A 1 36  ? 0.123   -12.067 -7.962  1.00 39.63 ? 36  THR X CB  1 
ATOM   293  O OG1 . THR A 1 36  ? 1.271   -11.247 -8.233  1.00 39.29 ? 36  THR X OG1 1 
ATOM   294  C CG2 . THR A 1 36  ? -0.262  -12.853 -9.223  1.00 38.98 ? 36  THR X CG2 1 
ATOM   295  N N   . GLY A 1 37  ? -3.207  -12.000 -8.232  1.00 37.87 ? 37  GLY X N   1 
ATOM   296  C CA  . GLY A 1 37  ? -4.396  -12.845 -8.189  1.00 37.03 ? 37  GLY X CA  1 
ATOM   297  C C   . GLY A 1 37  ? -5.482  -12.283 -7.303  1.00 36.61 ? 37  GLY X C   1 
ATOM   298  O O   . GLY A 1 37  ? -6.474  -12.961 -6.998  1.00 35.49 ? 37  GLY X O   1 
ATOM   299  N N   . HIS A 1 38  ? -5.284  -11.032 -6.885  1.00 37.16 ? 38  HIS X N   1 
ATOM   300  C CA  . HIS A 1 38  ? -6.166  -10.376 -5.921  1.00 36.69 ? 38  HIS X CA  1 
ATOM   301  C C   . HIS A 1 38  ? -6.566  -9.010  -6.447  1.00 36.46 ? 38  HIS X C   1 
ATOM   302  O O   . HIS A 1 38  ? -6.430  -8.746  -7.634  1.00 36.52 ? 38  HIS X O   1 
ATOM   303  C CB  . HIS A 1 38  ? -5.476  -10.275 -4.563  1.00 36.61 ? 38  HIS X CB  1 
ATOM   304  C CG  . HIS A 1 38  ? -5.144  -11.609 -3.980  1.00 36.77 ? 38  HIS X CG  1 
ATOM   305  N ND1 . HIS A 1 38  ? -6.114  -12.504 -3.589  1.00 36.73 ? 38  HIS X ND1 1 
ATOM   306  C CD2 . HIS A 1 38  ? -3.958  -12.226 -3.775  1.00 36.79 ? 38  HIS X CD2 1 
ATOM   307  C CE1 . HIS A 1 38  ? -5.538  -13.607 -3.152  1.00 36.59 ? 38  HIS X CE1 1 
ATOM   308  N NE2 . HIS A 1 38  ? -4.230  -13.466 -3.260  1.00 36.62 ? 38  HIS X NE2 1 
ATOM   309  N N   . THR A 1 39  ? -7.059  -8.150  -5.563  1.00 36.16 ? 39  THR X N   1 
ATOM   310  C CA  . THR A 1 39  ? -7.528  -6.826  -5.948  1.00 36.09 ? 39  THR X CA  1 
ATOM   311  C C   . THR A 1 39  ? -6.662  -5.766  -5.274  1.00 36.06 ? 39  THR X C   1 
ATOM   312  O O   . THR A 1 39  ? -6.284  -5.907  -4.105  1.00 36.64 ? 39  THR X O   1 
ATOM   313  C CB  . THR A 1 39  ? -9.020  -6.642  -5.569  1.00 36.14 ? 39  THR X CB  1 
ATOM   314  O OG1 . THR A 1 39  ? -9.823  -7.490  -6.398  1.00 36.68 ? 39  THR X OG1 1 
ATOM   315  C CG2 . THR A 1 39  ? -9.488  -5.200  -5.760  1.00 35.64 ? 39  THR X CG2 1 
ATOM   316  N N   . LEU A 1 40  ? -6.334  -4.717  -6.019  1.00 36.08 ? 40  LEU X N   1 
ATOM   317  C CA  . LEU A 1 40  ? -5.806  -3.468  -5.436  1.00 35.89 ? 40  LEU X CA  1 
ATOM   318  C C   . LEU A 1 40  ? -6.796  -2.305  -5.570  1.00 35.55 ? 40  LEU X C   1 
ATOM   319  O O   . LEU A 1 40  ? -7.343  -2.065  -6.639  1.00 33.94 ? 40  LEU X O   1 
ATOM   320  C CB  . LEU A 1 40  ? -4.485  -3.074  -6.103  1.00 35.35 ? 40  LEU X CB  1 
ATOM   321  C CG  . LEU A 1 40  ? -3.440  -4.174  -6.298  1.00 35.00 ? 40  LEU X CG  1 
ATOM   322  C CD1 . LEU A 1 40  ? -2.372  -3.718  -7.282  1.00 34.19 ? 40  LEU X CD1 1 
ATOM   323  C CD2 . LEU A 1 40  ? -2.843  -4.559  -4.952  1.00 34.15 ? 40  LEU X CD2 1 
ATOM   324  N N   . VAL A 1 41  ? -7.005  -1.583  -4.476  1.00 36.21 ? 41  VAL X N   1 
ATOM   325  C CA  . VAL A 1 41  ? -7.598  -0.248  -4.546  1.00 37.09 ? 41  VAL X CA  1 
ATOM   326  C C   . VAL A 1 41  ? -6.555  0.848   -4.292  1.00 37.12 ? 41  VAL X C   1 
ATOM   327  O O   . VAL A 1 41  ? -5.790  0.785   -3.346  1.00 37.39 ? 41  VAL X O   1 
ATOM   328  C CB  . VAL A 1 41  ? -8.810  -0.129  -3.584  1.00 37.07 ? 41  VAL X CB  1 
ATOM   329  C CG1 . VAL A 1 41  ? -9.302  1.322   -3.473  1.00 36.31 ? 41  VAL X CG1 1 
ATOM   330  C CG2 . VAL A 1 41  ? -9.928  -1.056  -4.053  1.00 36.11 ? 41  VAL X CG2 1 
ATOM   331  N N   . MET A 1 42  ? -6.519  1.833   -5.180  1.00 37.55 ? 42  MET X N   1 
ATOM   332  C CA  . MET A 1 42  ? -5.578  2.951   -5.076  1.00 38.03 ? 42  MET X CA  1 
ATOM   333  C C   . MET A 1 42  ? -6.277  4.274   -5.418  1.00 38.15 ? 42  MET X C   1 
ATOM   334  O O   . MET A 1 42  ? -7.242  4.307   -6.169  1.00 39.06 ? 42  MET X O   1 
ATOM   335  C CB  . MET A 1 42  ? -4.380  2.740   -6.018  1.00 37.93 ? 42  MET X CB  1 
ATOM   336  C CG  . MET A 1 42  ? -4.694  2.885   -7.499  1.00 37.52 ? 42  MET X CG  1 
ATOM   337  S SD  . MET A 1 42  ? -3.401  2.177   -8.555  1.00 38.04 ? 42  MET X SD  1 
ATOM   338  C CE  . MET A 1 42  ? -3.733  0.403   -8.466  1.00 36.79 ? 42  MET X CE  1 
ATOM   339  N N   . GLY A 1 43  ? -5.777  5.370   -4.882  1.00 38.20 ? 43  GLY X N   1 
ATOM   340  C CA  . GLY A 1 43  ? -6.247  6.685   -5.313  1.00 38.22 ? 43  GLY X CA  1 
ATOM   341  C C   . GLY A 1 43  ? -5.650  7.095   -6.645  1.00 37.98 ? 43  GLY X C   1 
ATOM   342  O O   . GLY A 1 43  ? -4.608  6.568   -7.067  1.00 37.70 ? 43  GLY X O   1 
ATOM   343  N N   . ARG A 1 44  ? -6.309  8.041   -7.310  1.00 37.54 ? 44  ARG X N   1 
ATOM   344  C CA  . ARG A 1 44  ? -5.904  8.456   -8.643  1.00 37.56 ? 44  ARG X CA  1 
ATOM   345  C C   . ARG A 1 44  ? -4.393  8.771   -8.747  1.00 37.79 ? 44  ARG X C   1 
ATOM   346  O O   . ARG A 1 44  ? -3.737  8.415   -9.735  1.00 37.84 ? 44  ARG X O   1 
ATOM   347  C CB  . ARG A 1 44  ? -6.734  9.659   -9.072  1.00 37.67 ? 44  ARG X CB  1 
ATOM   348  C CG  . ARG A 1 44  ? -6.515  10.050  -10.500 1.00 37.48 ? 44  ARG X CG  1 
ATOM   349  C CD  . ARG A 1 44  ? -5.463  11.122  -10.618 1.00 36.90 ? 44  ARG X CD  1 
ATOM   350  N NE  . ARG A 1 44  ? -5.814  12.336  -9.890  1.00 36.96 ? 44  ARG X NE  1 
ATOM   351  C CZ  . ARG A 1 44  ? -5.037  13.413  -9.852  1.00 36.63 ? 44  ARG X CZ  1 
ATOM   352  N NH1 . ARG A 1 44  ? -3.879  13.399  -10.498 1.00 37.30 ? 44  ARG X NH1 1 
ATOM   353  N NH2 . ARG A 1 44  ? -5.398  14.484  -9.166  1.00 36.57 ? 44  ARG X NH2 1 
ATOM   354  N N   . LYS A 1 45  ? -3.834  9.425   -7.730  1.00 37.81 ? 45  LYS X N   1 
ATOM   355  C CA  . LYS A 1 45  ? -2.453  9.880   -7.810  1.00 37.38 ? 45  LYS X CA  1 
ATOM   356  C C   . LYS A 1 45  ? -1.522  8.683   -7.848  1.00 36.53 ? 45  LYS X C   1 
ATOM   357  O O   . LYS A 1 45  ? -0.604  8.630   -8.661  1.00 36.70 ? 45  LYS X O   1 
ATOM   358  C CB  . LYS A 1 45  ? -2.086  10.793  -6.631  1.00 37.71 ? 45  LYS X CB  1 
ATOM   359  C CG  . LYS A 1 45  ? -2.982  12.009  -6.461  1.00 38.29 ? 45  LYS X CG  1 
ATOM   360  C CD  . LYS A 1 45  ? -2.172  13.291  -6.548  1.00 38.73 ? 45  LYS X CD  1 
ATOM   361  C CE  . LYS A 1 45  ? -2.597  14.314  -5.505  1.00 39.16 ? 45  LYS X CE  1 
ATOM   362  N NZ  . LYS A 1 45  ? -2.891  15.667  -6.099  1.00 39.71 ? 45  LYS X NZ  1 
ATOM   363  N N   . THR A 1 46  ? -1.744  7.725   -6.963  1.00 36.22 ? 46  THR X N   1 
ATOM   364  C CA  . THR A 1 46  ? -0.891  6.537   -6.929  1.00 37.06 ? 46  THR X CA  1 
ATOM   365  C C   . THR A 1 46  ? -0.928  5.807   -8.290  1.00 36.94 ? 46  THR X C   1 
ATOM   366  O O   . THR A 1 46  ? 0.105   5.329   -8.751  1.00 34.83 ? 46  THR X O   1 
ATOM   367  C CB  . THR A 1 46  ? -1.275  5.556   -5.763  1.00 36.59 ? 46  THR X CB  1 
ATOM   368  O OG1 . THR A 1 46  ? -0.915  6.129   -4.508  1.00 36.41 ? 46  THR X OG1 1 
ATOM   369  C CG2 . THR A 1 46  ? -0.549  4.224   -5.885  1.00 36.27 ? 46  THR X CG2 1 
ATOM   370  N N   . PHE A 1 47  ? -2.107  5.730   -8.922  1.00 38.38 ? 47  PHE X N   1 
ATOM   371  C CA  . PHE A 1 47  ? -2.232  5.039   -10.206 1.00 39.43 ? 47  PHE X CA  1 
ATOM   372  C C   . PHE A 1 47  ? -1.391  5.696   -11.296 1.00 39.76 ? 47  PHE X C   1 
ATOM   373  O O   . PHE A 1 47  ? -0.705  5.016   -12.055 1.00 38.77 ? 47  PHE X O   1 
ATOM   374  C CB  . PHE A 1 47  ? -3.684  4.962   -10.691 1.00 40.33 ? 47  PHE X CB  1 
ATOM   375  C CG  . PHE A 1 47  ? -3.800  4.524   -12.140 1.00 40.61 ? 47  PHE X CG  1 
ATOM   376  C CD1 . PHE A 1 47  ? -4.139  5.430   -13.136 1.00 40.69 ? 47  PHE X CD1 1 
ATOM   377  C CD2 . PHE A 1 47  ? -3.517  3.213   -12.509 1.00 40.83 ? 47  PHE X CD2 1 
ATOM   378  C CE1 . PHE A 1 47  ? -4.211  5.034   -14.472 1.00 40.71 ? 47  PHE X CE1 1 
ATOM   379  C CE2 . PHE A 1 47  ? -3.592  2.821   -13.837 1.00 40.75 ? 47  PHE X CE2 1 
ATOM   380  C CZ  . PHE A 1 47  ? -3.932  3.737   -14.818 1.00 40.33 ? 47  PHE X CZ  1 
ATOM   381  N N   . GLU A 1 48  ? -1.453  7.019   -11.361 1.00 40.84 ? 48  GLU X N   1 
ATOM   382  C CA  . GLU A 1 48  ? -0.527  7.815   -12.184 1.00 42.19 ? 48  GLU X CA  1 
ATOM   383  C C   . GLU A 1 48  ? 0.956   7.542   -11.898 1.00 42.43 ? 48  GLU X C   1 
ATOM   384  O O   . GLU A 1 48  ? 1.756   7.374   -12.816 1.00 42.96 ? 48  GLU X O   1 
ATOM   385  C CB  . GLU A 1 48  ? -0.828  9.300   -11.983 1.00 43.88 ? 48  GLU X CB  1 
ATOM   386  C CG  . GLU A 1 48  ? -1.460  9.974   -13.190 1.00 45.49 ? 48  GLU X CG  1 
ATOM   387  C CD  . GLU A 1 48  ? -2.954  9.733   -13.307 1.00 46.73 ? 48  GLU X CD  1 
ATOM   388  O OE1 . GLU A 1 48  ? -3.335  8.759   -13.999 1.00 47.35 ? 48  GLU X OE1 1 
ATOM   389  O OE2 . GLU A 1 48  ? -3.743  10.531  -12.735 1.00 47.21 ? 48  GLU X OE2 1 
ATOM   390  N N   . SER A 1 49  ? 1.331   7.485   -10.628 1.00 42.96 ? 49  SER X N   1 
ATOM   391  C CA  . SER A 1 49  ? 2.616   6.895   -10.240 1.00 43.06 ? 49  SER X CA  1 
ATOM   392  C C   . SER A 1 49  ? 2.922   5.574   -10.955 1.00 42.88 ? 49  SER X C   1 
ATOM   393  O O   . SER A 1 49  ? 3.944   5.454   -11.622 1.00 41.69 ? 49  SER X O   1 
ATOM   394  C CB  . SER A 1 49  ? 2.671   6.669   -8.722  1.00 43.96 ? 49  SER X CB  1 
ATOM   395  O OG  . SER A 1 49  ? 2.949   7.873   -8.023  1.00 44.74 ? 49  SER X OG  1 
ATOM   396  N N   . ILE A 1 50  ? 2.079   4.559   -10.795 1.00 43.46 ? 50  ILE X N   1 
ATOM   397  C CA  . ILE A 1 50  ? 2.430   3.260   -11.366 1.00 44.57 ? 50  ILE X CA  1 
ATOM   398  C C   . ILE A 1 50  ? 2.323   3.354   -12.879 1.00 45.05 ? 50  ILE X C   1 
ATOM   399  O O   . ILE A 1 50  ? 3.171   2.835   -13.603 1.00 46.22 ? 50  ILE X O   1 
ATOM   400  C CB  . ILE A 1 50  ? 1.586   2.062   -10.801 1.00 44.60 ? 50  ILE X CB  1 
ATOM   401  C CG1 . ILE A 1 50  ? 0.102   2.212   -11.136 1.00 45.00 ? 50  ILE X CG1 1 
ATOM   402  C CG2 . ILE A 1 50  ? 1.756   1.951   -9.285  1.00 44.88 ? 50  ILE X CG2 1 
ATOM   403  C CD1 . ILE A 1 50  ? -0.752  0.969   -10.765 1.00 45.01 ? 50  ILE X CD1 1 
ATOM   404  N N   . GLY A 1 51  ? 1.304   4.053   -13.358 1.00 45.07 ? 51  GLY X N   1 
ATOM   405  C CA  . GLY A 1 51  ? 1.298   4.509   -14.744 1.00 45.44 ? 51  GLY X CA  1 
ATOM   406  C C   . GLY A 1 51  ? 0.468   3.579   -15.612 1.00 45.93 ? 51  GLY X C   1 
ATOM   407  O O   . GLY A 1 51  ? 0.065   3.930   -16.720 1.00 46.00 ? 51  GLY X O   1 
ATOM   408  N N   . LYS A 1 52  ? 0.192   2.386   -15.097 1.00 46.07 ? 52  LYS X N   1 
ATOM   409  C CA  . LYS A 1 52  ? -0.894  1.592   -15.621 1.00 45.92 ? 52  LYS X CA  1 
ATOM   410  C C   . LYS A 1 52  ? -1.223  0.436   -14.697 1.00 45.54 ? 52  LYS X C   1 
ATOM   411  O O   . LYS A 1 52  ? -0.597  0.271   -13.652 1.00 45.66 ? 52  LYS X O   1 
ATOM   412  C CB  . LYS A 1 52  ? -0.510  1.055   -16.993 1.00 47.03 ? 52  LYS X CB  1 
ATOM   413  C CG  . LYS A 1 52  ? 0.320   -0.210  -16.917 1.00 48.08 ? 52  LYS X CG  1 
ATOM   414  C CD  . LYS A 1 52  ? 1.802   0.079   -17.045 1.00 48.70 ? 52  LYS X CD  1 
ATOM   415  C CE  . LYS A 1 52  ? 2.221   0.116   -18.518 1.00 49.32 ? 52  LYS X CE  1 
ATOM   416  N NZ  . LYS A 1 52  ? 3.376   -0.783  -18.788 1.00 49.55 ? 52  LYS X NZ  1 
ATOM   417  N N   . PRO A 1 53  ? -2.206  -0.387  -15.086 1.00 44.84 ? 53  PRO X N   1 
ATOM   418  C CA  . PRO A 1 53  ? -2.592  -1.490  -14.223 1.00 44.35 ? 53  PRO X CA  1 
ATOM   419  C C   . PRO A 1 53  ? -1.394  -2.376  -13.935 1.00 43.35 ? 53  PRO X C   1 
ATOM   420  O O   . PRO A 1 53  ? -0.476  -2.442  -14.731 1.00 43.75 ? 53  PRO X O   1 
ATOM   421  C CB  . PRO A 1 53  ? -3.652  -2.234  -15.047 1.00 44.40 ? 53  PRO X CB  1 
ATOM   422  C CG  . PRO A 1 53  ? -4.149  -1.244  -16.050 1.00 44.34 ? 53  PRO X CG  1 
ATOM   423  C CD  . PRO A 1 53  ? -2.996  -0.340  -16.334 1.00 44.71 ? 53  PRO X CD  1 
ATOM   424  N N   . LEU A 1 54  ? -1.398  -3.042  -12.794 1.00 43.35 ? 54  LEU X N   1 
ATOM   425  C CA  . LEU A 1 54  ? -0.473  -4.141  -12.557 1.00 43.44 ? 54  LEU X CA  1 
ATOM   426  C C   . LEU A 1 54  ? -1.109  -5.445  -13.005 1.00 43.42 ? 54  LEU X C   1 
ATOM   427  O O   . LEU A 1 54  ? -2.253  -5.735  -12.654 1.00 43.92 ? 54  LEU X O   1 
ATOM   428  C CB  . LEU A 1 54  ? -0.104  -4.218  -11.078 1.00 43.37 ? 54  LEU X CB  1 
ATOM   429  C CG  . LEU A 1 54  ? 0.741   -3.036  -10.603 1.00 43.63 ? 54  LEU X CG  1 
ATOM   430  C CD1 . LEU A 1 54  ? 0.882   -3.049  -9.107  1.00 43.34 ? 54  LEU X CD1 1 
ATOM   431  C CD2 . LEU A 1 54  ? 2.117   -3.075  -11.282 1.00 44.27 ? 54  LEU X CD2 1 
ATOM   432  N N   . PRO A 1 55  ? -0.381  -6.217  -13.818 1.00 43.22 ? 55  PRO X N   1 
ATOM   433  C CA  . PRO A 1 55  ? -0.921  -7.447  -14.381 1.00 43.07 ? 55  PRO X CA  1 
ATOM   434  C C   . PRO A 1 55  ? -1.333  -8.486  -13.337 1.00 42.98 ? 55  PRO X C   1 
ATOM   435  O O   . PRO A 1 55  ? -0.783  -8.532  -12.229 1.00 43.40 ? 55  PRO X O   1 
ATOM   436  C CB  . PRO A 1 55  ? 0.219   -7.977  -15.264 1.00 43.34 ? 55  PRO X CB  1 
ATOM   437  C CG  . PRO A 1 55  ? 1.439   -7.228  -14.866 1.00 43.63 ? 55  PRO X CG  1 
ATOM   438  C CD  . PRO A 1 55  ? 0.983   -5.927  -14.290 1.00 43.47 ? 55  PRO X CD  1 
ATOM   439  N N   . ASN A 1 56  ? -2.299  -9.321  -13.699 1.00 42.13 ? 56  ASN X N   1 
ATOM   440  C CA  . ASN A 1 56  ? -2.570  -10.539 -12.948 1.00 41.74 ? 56  ASN X CA  1 
ATOM   441  C C   . ASN A 1 56  ? -3.253  -10.263 -11.618 1.00 41.32 ? 56  ASN X C   1 
ATOM   442  O O   . ASN A 1 56  ? -3.237  -11.101 -10.722 1.00 41.14 ? 56  ASN X O   1 
ATOM   443  C CB  . ASN A 1 56  ? -1.275  -11.281 -12.684 1.00 41.57 ? 56  ASN X CB  1 
ATOM   444  C CG  . ASN A 1 56  ? -0.705  -11.912 -13.926 1.00 41.32 ? 56  ASN X CG  1 
ATOM   445  O OD1 . ASN A 1 56  ? 0.508   -12.001 -14.074 1.00 41.28 ? 56  ASN X OD1 1 
ATOM   446  N ND2 . ASN A 1 56  ? -1.574  -12.372 -14.817 1.00 41.39 ? 56  ASN X ND2 1 
ATOM   447  N N   . ARG A 1 57  ? -3.844  -9.083  -11.492 1.00 41.16 ? 57  ARG X N   1 
ATOM   448  C CA  . ARG A 1 57  ? -4.792  -8.822  -10.434 1.00 41.20 ? 57  ARG X CA  1 
ATOM   449  C C   . ARG A 1 57  ? -5.840  -7.848  -10.908 1.00 41.17 ? 57  ARG X C   1 
ATOM   450  O O   . ARG A 1 57  ? -5.721  -7.237  -11.977 1.00 39.69 ? 57  ARG X O   1 
ATOM   451  C CB  . ARG A 1 57  ? -4.092  -8.250  -9.197  1.00 41.62 ? 57  ARG X CB  1 
ATOM   452  C CG  . ARG A 1 57  ? -3.115  -7.114  -9.468  1.00 41.38 ? 57  ARG X CG  1 
ATOM   453  C CD  . ARG A 1 57  ? -1.832  -7.300  -8.679  1.00 41.66 ? 57  ARG X CD  1 
ATOM   454  N NE  . ARG A 1 57  ? -0.707  -7.585  -9.559  1.00 41.99 ? 57  ARG X NE  1 
ATOM   455  C CZ  . ARG A 1 57  ? 0.552   -7.233  -9.316  1.00 42.11 ? 57  ARG X CZ  1 
ATOM   456  N NH1 . ARG A 1 57  ? 0.864   -6.597  -8.198  1.00 42.49 ? 57  ARG X NH1 1 
ATOM   457  N NH2 . ARG A 1 57  ? 1.505   -7.521  -10.193 1.00 42.15 ? 57  ARG X NH2 1 
ATOM   458  N N   . ARG A 1 58  ? -6.875  -7.699  -10.095 1.00 41.20 ? 58  ARG X N   1 
ATOM   459  C CA  . ARG A 1 58  ? -7.831  -6.643  -10.309 1.00 41.70 ? 58  ARG X CA  1 
ATOM   460  C C   . ARG A 1 58  ? -7.275  -5.296  -9.825  1.00 41.94 ? 58  ARG X C   1 
ATOM   461  O O   . ARG A 1 58  ? -6.740  -5.177  -8.718  1.00 41.78 ? 58  ARG X O   1 
ATOM   462  C CB  . ARG A 1 58  ? -9.144  -6.966  -9.612  1.00 42.03 ? 58  ARG X CB  1 
ATOM   463  C CG  . ARG A 1 58  ? -10.213 -5.953  -9.882  1.00 41.92 ? 58  ARG X CG  1 
ATOM   464  C CD  . ARG A 1 58  ? -11.480 -6.292  -9.155  1.00 42.49 ? 58  ARG X CD  1 
ATOM   465  N NE  . ARG A 1 58  ? -12.547 -5.393  -9.566  1.00 43.59 ? 58  ARG X NE  1 
ATOM   466  C CZ  . ARG A 1 58  ? -13.796 -5.457  -9.124  1.00 43.86 ? 58  ARG X CZ  1 
ATOM   467  N NH1 . ARG A 1 58  ? -14.153 -6.381  -8.237  1.00 44.30 ? 58  ARG X NH1 1 
ATOM   468  N NH2 . ARG A 1 58  ? -14.686 -4.589  -9.563  1.00 43.82 ? 58  ARG X NH2 1 
ATOM   469  N N   . ASN A 1 59  ? -7.404  -4.301  -10.696 1.00 41.72 ? 59  ASN X N   1 
ATOM   470  C CA  . ASN A 1 59  ? -6.924  -2.957  -10.467 1.00 41.02 ? 59  ASN X CA  1 
ATOM   471  C C   . ASN A 1 59  ? -8.117  -1.999  -10.401 1.00 40.92 ? 59  ASN X C   1 
ATOM   472  O O   . ASN A 1 59  ? -8.877  -1.872  -11.359 1.00 40.55 ? 59  ASN X O   1 
ATOM   473  C CB  . ASN A 1 59  ? -6.011  -2.524  -11.612 1.00 40.39 ? 59  ASN X CB  1 
ATOM   474  C CG  . ASN A 1 59  ? -4.603  -3.053  -11.484 1.00 39.91 ? 59  ASN X CG  1 
ATOM   475  O OD1 . ASN A 1 59  ? -3.683  -2.306  -11.148 1.00 40.36 ? 59  ASN X OD1 1 
ATOM   476  N ND2 . ASN A 1 59  ? -4.412  -4.325  -11.788 1.00 38.39 ? 59  ASN X ND2 1 
ATOM   477  N N   . VAL A 1 60  ? -8.262  -1.325  -9.263  1.00 40.82 ? 60  VAL X N   1 
ATOM   478  C CA  . VAL A 1 60  ? -9.412  -0.473  -9.002  1.00 40.48 ? 60  VAL X CA  1 
ATOM   479  C C   . VAL A 1 60  ? -8.902  0.891   -8.525  1.00 41.08 ? 60  VAL X C   1 
ATOM   480  O O   . VAL A 1 60  ? -8.063  0.971   -7.611  1.00 40.89 ? 60  VAL X O   1 
ATOM   481  C CB  . VAL A 1 60  ? -10.334 -1.108  -7.939  1.00 39.86 ? 60  VAL X CB  1 
ATOM   482  C CG1 . VAL A 1 60  ? -11.364 -0.117  -7.464  1.00 39.86 ? 60  VAL X CG1 1 
ATOM   483  C CG2 . VAL A 1 60  ? -10.994 -2.365  -8.479  1.00 39.15 ? 60  VAL X CG2 1 
ATOM   484  N N   . VAL A 1 61  ? -9.366  1.959   -9.175  1.00 41.09 ? 61  VAL X N   1 
ATOM   485  C CA  . VAL A 1 61  ? -8.844  3.303   -8.905  1.00 40.23 ? 61  VAL X CA  1 
ATOM   486  C C   . VAL A 1 61  ? -9.952  4.203   -8.388  1.00 40.57 ? 61  VAL X C   1 
ATOM   487  O O   . VAL A 1 61  ? -10.993 4.367   -9.027  1.00 41.14 ? 61  VAL X O   1 
ATOM   488  C CB  . VAL A 1 61  ? -8.181  3.951   -10.149 1.00 39.43 ? 61  VAL X CB  1 
ATOM   489  C CG1 . VAL A 1 61  ? -7.868  5.402   -9.891  1.00 39.08 ? 61  VAL X CG1 1 
ATOM   490  C CG2 . VAL A 1 61  ? -6.907  3.213   -10.520 1.00 39.22 ? 61  VAL X CG2 1 
ATOM   491  N N   . LEU A 1 62  ? -9.713  4.783   -7.218  1.00 39.92 ? 62  LEU X N   1 
ATOM   492  C CA  . LEU A 1 62  ? -10.660 5.682   -6.607  1.00 39.35 ? 62  LEU X CA  1 
ATOM   493  C C   . LEU A 1 62  ? -10.358 7.114   -7.001  1.00 39.18 ? 62  LEU X C   1 
ATOM   494  O O   . LEU A 1 62  ? -9.215  7.589   -6.890  1.00 39.68 ? 62  LEU X O   1 
ATOM   495  C CB  . LEU A 1 62  ? -10.600 5.532   -5.094  1.00 39.96 ? 62  LEU X CB  1 
ATOM   496  C CG  . LEU A 1 62  ? -11.319 6.617   -4.314  1.00 40.21 ? 62  LEU X CG  1 
ATOM   497  C CD1 . LEU A 1 62  ? -12.831 6.360   -4.360  1.00 40.80 ? 62  LEU X CD1 1 
ATOM   498  C CD2 . LEU A 1 62  ? -10.787 6.657   -2.905  1.00 39.94 ? 62  LEU X CD2 1 
ATOM   499  N N   . THR A 1 63  ? -11.390 7.802   -7.473  1.00 38.42 ? 63  THR X N   1 
ATOM   500  C CA  . THR A 1 63  ? -11.209 9.058   -8.188  1.00 37.74 ? 63  THR X CA  1 
ATOM   501  C C   . THR A 1 63  ? -12.532 9.784   -8.293  1.00 37.27 ? 63  THR X C   1 
ATOM   502  O O   . THR A 1 63  ? -13.576 9.158   -8.429  1.00 37.62 ? 63  THR X O   1 
ATOM   503  C CB  . THR A 1 63  ? -10.669 8.831   -9.607  1.00 36.89 ? 63  THR X CB  1 
ATOM   504  O OG1 . THR A 1 63  ? -10.332 10.088  -10.193 1.00 36.21 ? 63  THR X OG1 1 
ATOM   505  C CG2 . THR A 1 63  ? -11.698 8.132   -10.471 1.00 36.67 ? 63  THR X CG2 1 
ATOM   506  N N   . SER A 1 64  ? -12.499 11.105  -8.252  1.00 37.32 ? 64  SER X N   1 
ATOM   507  C CA  . SER A 1 64  ? -13.723 11.861  -8.479  1.00 37.62 ? 64  SER X CA  1 
ATOM   508  C C   . SER A 1 64  ? -13.954 12.097  -9.967  1.00 37.87 ? 64  SER X C   1 
ATOM   509  O O   . SER A 1 64  ? -15.029 12.526  -10.365 1.00 38.44 ? 64  SER X O   1 
ATOM   510  C CB  . SER A 1 64  ? -13.723 13.174  -7.691  1.00 36.97 ? 64  SER X CB  1 
ATOM   511  O OG  . SER A 1 64  ? -12.812 14.108  -8.239  1.00 37.34 ? 64  SER X OG  1 
ATOM   512  N N   . ASP A 1 65  ? -12.966 11.779  -10.795 1.00 38.47 ? 65  ASP X N   1 
ATOM   513  C CA  . ASP A 1 65  ? -13.069 12.031  -12.230 1.00 38.51 ? 65  ASP X CA  1 
ATOM   514  C C   . ASP A 1 65  ? -14.029 11.045  -12.895 1.00 39.18 ? 65  ASP X C   1 
ATOM   515  O O   . ASP A 1 65  ? -13.755 9.845   -12.989 1.00 40.05 ? 65  ASP X O   1 
ATOM   516  C CB  . ASP A 1 65  ? -11.691 11.946  -12.880 1.00 38.26 ? 65  ASP X CB  1 
ATOM   517  C CG  . ASP A 1 65  ? -11.710 12.340  -14.359 1.00 38.59 ? 65  ASP X CG  1 
ATOM   518  O OD1 . ASP A 1 65  ? -10.776 11.944  -15.098 1.00 39.90 ? 65  ASP X OD1 1 
ATOM   519  O OD2 . ASP A 1 65  ? -12.646 13.042  -14.788 1.00 36.89 ? 65  ASP X OD2 1 
ATOM   520  N N   . THR A 1 66  ? -15.169 11.544  -13.348 1.00 39.99 ? 66  THR X N   1 
ATOM   521  C CA  . THR A 1 66  ? -16.206 10.666  -13.880 1.00 39.90 ? 66  THR X CA  1 
ATOM   522  C C   . THR A 1 66  ? -15.942 10.353  -15.343 1.00 39.53 ? 66  THR X C   1 
ATOM   523  O O   . THR A 1 66  ? -16.653 9.569   -15.964 1.00 39.55 ? 66  THR X O   1 
ATOM   524  C CB  . THR A 1 66  ? -17.617 11.274  -13.693 1.00 41.07 ? 66  THR X CB  1 
ATOM   525  O OG1 . THR A 1 66  ? -17.724 12.517  -14.416 1.00 42.11 ? 66  THR X OG1 1 
ATOM   526  C CG2 . THR A 1 66  ? -17.892 11.517  -12.214 1.00 40.88 ? 66  THR X CG2 1 
ATOM   527  N N   . SER A 1 67  ? -14.902 10.959  -15.893 1.00 40.02 ? 67  SER X N   1 
ATOM   528  C CA  . SER A 1 67  ? -14.505 10.694  -17.262 1.00 40.41 ? 67  SER X CA  1 
ATOM   529  C C   . SER A 1 67  ? -13.311 9.764   -17.310 1.00 40.49 ? 67  SER X C   1 
ATOM   530  O O   . SER A 1 67  ? -12.799 9.445   -18.374 1.00 39.37 ? 67  SER X O   1 
ATOM   531  C CB  . SER A 1 67  ? -14.182 12.009  -17.958 1.00 40.87 ? 67  SER X CB  1 
ATOM   532  O OG  . SER A 1 67  ? -15.375 12.750  -18.170 1.00 41.78 ? 67  SER X OG  1 
ATOM   533  N N   . PHE A 1 68  ? -12.873 9.332   -16.133 1.00 41.80 ? 68  PHE X N   1 
ATOM   534  C CA  . PHE A 1 68  ? -11.893 8.254   -15.995 1.00 42.22 ? 68  PHE X CA  1 
ATOM   535  C C   . PHE A 1 68  ? -12.398 6.939   -16.563 1.00 42.99 ? 68  PHE X C   1 
ATOM   536  O O   . PHE A 1 68  ? -13.306 6.325   -16.022 1.00 43.33 ? 68  PHE X O   1 
ATOM   537  C CB  . PHE A 1 68  ? -11.562 8.059   -14.512 1.00 41.49 ? 68  PHE X CB  1 
ATOM   538  C CG  . PHE A 1 68  ? -10.325 7.268   -14.281 1.00 41.24 ? 68  PHE X CG  1 
ATOM   539  C CD1 . PHE A 1 68  ? -9.164  7.888   -13.854 1.00 41.24 ? 68  PHE X CD1 1 
ATOM   540  C CD2 . PHE A 1 68  ? -10.310 5.907   -14.512 1.00 41.17 ? 68  PHE X CD2 1 
ATOM   541  C CE1 . PHE A 1 68  ? -8.007  7.165   -13.645 1.00 41.16 ? 68  PHE X CE1 1 
ATOM   542  C CE2 . PHE A 1 68  ? -9.159  5.181   -14.314 1.00 41.37 ? 68  PHE X CE2 1 
ATOM   543  C CZ  . PHE A 1 68  ? -7.999  5.818   -13.872 1.00 41.40 ? 68  PHE X CZ  1 
ATOM   544  N N   . ASN A 1 69  ? -11.803 6.495   -17.652 1.00 45.05 ? 69  ASN X N   1 
ATOM   545  C CA  . ASN A 1 69  ? -12.046 5.142   -18.149 1.00 45.43 ? 69  ASN X CA  1 
ATOM   546  C C   . ASN A 1 69  ? -10.769 4.642   -18.781 1.00 45.90 ? 69  ASN X C   1 
ATOM   547  O O   . ASN A 1 69  ? -10.385 5.118   -19.848 1.00 46.86 ? 69  ASN X O   1 
ATOM   548  C CB  . ASN A 1 69  ? -13.194 5.123   -19.170 1.00 46.30 ? 69  ASN X CB  1 
ATOM   549  C CG  . ASN A 1 69  ? -13.514 3.710   -19.689 1.00 47.04 ? 69  ASN X CG  1 
ATOM   550  O OD1 . ASN A 1 69  ? -13.284 2.706   -19.006 1.00 48.36 ? 69  ASN X OD1 1 
ATOM   551  N ND2 . ASN A 1 69  ? -14.060 3.637   -20.905 1.00 47.77 ? 69  ASN X ND2 1 
ATOM   552  N N   . VAL A 1 70  ? -10.104 3.710   -18.102 1.00 45.58 ? 70  VAL X N   1 
ATOM   553  C CA  . VAL A 1 70  ? -8.779  3.257   -18.484 1.00 46.04 ? 70  VAL X CA  1 
ATOM   554  C C   . VAL A 1 70  ? -8.795  1.741   -18.705 1.00 46.75 ? 70  VAL X C   1 
ATOM   555  O O   . VAL A 1 70  ? -9.184  0.980   -17.819 1.00 46.70 ? 70  VAL X O   1 
ATOM   556  C CB  . VAL A 1 70  ? -7.722  3.640   -17.398 1.00 45.27 ? 70  VAL X CB  1 
ATOM   557  C CG1 . VAL A 1 70  ? -6.356  3.056   -17.721 1.00 44.57 ? 70  VAL X CG1 1 
ATOM   558  C CG2 . VAL A 1 70  ? -7.614  5.141   -17.275 1.00 44.64 ? 70  VAL X CG2 1 
ATOM   559  N N   . GLU A 1 71  ? -8.370  1.298   -19.888 1.00 48.16 ? 71  GLU X N   1 
ATOM   560  C CA  . GLU A 1 71  ? -8.282  -0.140  -20.183 1.00 48.50 ? 71  GLU X CA  1 
ATOM   561  C C   . GLU A 1 71  ? -7.644  -0.910  -19.035 1.00 48.21 ? 71  GLU X C   1 
ATOM   562  O O   . GLU A 1 71  ? -6.498  -0.652  -18.678 1.00 47.63 ? 71  GLU X O   1 
ATOM   563  C CB  . GLU A 1 71  ? -7.464  -0.386  -21.451 1.00 50.37 ? 71  GLU X CB  1 
ATOM   564  C CG  . GLU A 1 71  ? -8.233  -0.130  -22.735 1.00 51.98 ? 71  GLU X CG  1 
ATOM   565  C CD  . GLU A 1 71  ? -9.584  -0.822  -22.735 1.00 52.98 ? 71  GLU X CD  1 
ATOM   566  O OE1 . GLU A 1 71  ? -10.566 -0.259  -23.288 1.00 53.11 ? 71  GLU X OE1 1 
ATOM   567  O OE2 . GLU A 1 71  ? -9.647  -1.934  -22.167 1.00 53.72 ? 71  GLU X OE2 1 
ATOM   568  N N   . GLY A 1 72  ? -8.398  -1.857  -18.476 1.00 48.14 ? 72  GLY X N   1 
ATOM   569  C CA  . GLY A 1 72  ? -7.886  -2.811  -17.486 1.00 47.53 ? 72  GLY X CA  1 
ATOM   570  C C   . GLY A 1 72  ? -8.131  -2.353  -16.057 1.00 47.45 ? 72  GLY X C   1 
ATOM   571  O O   . GLY A 1 72  ? -7.683  -2.987  -15.098 1.00 47.12 ? 72  GLY X O   1 
ATOM   572  N N   . VAL A 1 73  ? -8.834  -1.229  -15.919 1.00 46.96 ? 73  VAL X N   1 
ATOM   573  C CA  . VAL A 1 73  ? -9.013  -0.570  -14.623 1.00 46.06 ? 73  VAL X CA  1 
ATOM   574  C C   . VAL A 1 73  ? -10.503 -0.455  -14.363 1.00 45.69 ? 73  VAL X C   1 
ATOM   575  O O   . VAL A 1 73  ? -11.272 -0.131  -15.265 1.00 45.60 ? 73  VAL X O   1 
ATOM   576  C CB  . VAL A 1 73  ? -8.367  0.851   -14.603 1.00 44.96 ? 73  VAL X CB  1 
ATOM   577  C CG1 . VAL A 1 73  ? -8.513  1.516   -13.216 1.00 44.03 ? 73  VAL X CG1 1 
ATOM   578  C CG2 . VAL A 1 73  ? -6.914  0.789   -15.047 1.00 44.12 ? 73  VAL X CG2 1 
ATOM   579  N N   . ASP A 1 74  ? -10.908 -0.723  -13.132 1.00 45.93 ? 74  ASP X N   1 
ATOM   580  C CA  . ASP A 1 74  ? -12.255 -0.413  -12.693 1.00 46.25 ? 74  ASP X CA  1 
ATOM   581  C C   . ASP A 1 74  ? -12.244 0.845   -11.845 1.00 46.40 ? 74  ASP X C   1 
ATOM   582  O O   . ASP A 1 74  ? -11.466 0.960   -10.904 1.00 47.04 ? 74  ASP X O   1 
ATOM   583  C CB  . ASP A 1 74  ? -12.822 -1.567  -11.874 1.00 46.41 ? 74  ASP X CB  1 
ATOM   584  C CG  . ASP A 1 74  ? -12.704 -2.878  -12.580 1.00 46.41 ? 74  ASP X CG  1 
ATOM   585  O OD1 . ASP A 1 74  ? -12.629 -3.921  -11.899 1.00 46.63 ? 74  ASP X OD1 1 
ATOM   586  O OD2 . ASP A 1 74  ? -12.680 -2.860  -13.827 1.00 46.87 ? 74  ASP X OD2 1 
ATOM   587  N N   . VAL A 1 75  ? -13.110 1.789   -12.181 1.00 46.39 ? 75  VAL X N   1 
ATOM   588  C CA  . VAL A 1 75  ? -13.126 3.066   -11.498 1.00 46.42 ? 75  VAL X CA  1 
ATOM   589  C C   . VAL A 1 75  ? -14.084 2.917   -10.343 1.00 46.45 ? 75  VAL X C   1 
ATOM   590  O O   . VAL A 1 75  ? -15.069 2.177   -10.432 1.00 46.60 ? 75  VAL X O   1 
ATOM   591  C CB  . VAL A 1 75  ? -13.606 4.209   -12.410 1.00 46.60 ? 75  VAL X CB  1 
ATOM   592  C CG1 . VAL A 1 75  ? -15.122 4.140   -12.584 1.00 46.59 ? 75  VAL X CG1 1 
ATOM   593  C CG2 . VAL A 1 75  ? -13.186 5.567   -11.841 1.00 46.48 ? 75  VAL X CG2 1 
ATOM   594  N N   . ILE A 1 76  ? -13.806 3.613   -9.252  1.00 46.21 ? 76  ILE X N   1 
ATOM   595  C CA  . ILE A 1 76  ? -14.839 3.863   -8.269  1.00 46.06 ? 76  ILE X CA  1 
ATOM   596  C C   . ILE A 1 76  ? -14.665 5.261   -7.712  1.00 45.92 ? 76  ILE X C   1 
ATOM   597  O O   . ILE A 1 76  ? -13.604 5.866   -7.869  1.00 45.55 ? 76  ILE X O   1 
ATOM   598  C CB  . ILE A 1 76  ? -14.838 2.788   -7.149  1.00 46.06 ? 76  ILE X CB  1 
ATOM   599  C CG1 . ILE A 1 76  ? -13.441 2.634   -6.518  1.00 45.84 ? 76  ILE X CG1 1 
ATOM   600  C CG2 . ILE A 1 76  ? -15.327 1.447   -7.721  1.00 45.27 ? 76  ILE X CG2 1 
ATOM   601  C CD1 . ILE A 1 76  ? -13.413 2.788   -5.007  1.00 45.82 ? 76  ILE X CD1 1 
ATOM   602  N N   . HIS A 1 77  ? -15.720 5.775   -7.086  1.00 45.93 ? 77  HIS X N   1 
ATOM   603  C CA  . HIS A 1 77  ? -15.829 7.196   -6.812  1.00 46.14 ? 77  HIS X CA  1 
ATOM   604  C C   . HIS A 1 77  ? -16.243 7.501   -5.391  1.00 45.73 ? 77  HIS X C   1 
ATOM   605  O O   . HIS A 1 77  ? -16.365 8.670   -5.040  1.00 45.53 ? 77  HIS X O   1 
ATOM   606  C CB  . HIS A 1 77  ? -16.860 7.824   -7.731  1.00 46.90 ? 77  HIS X CB  1 
ATOM   607  C CG  . HIS A 1 77  ? -16.458 7.818   -9.164  1.00 47.35 ? 77  HIS X CG  1 
ATOM   608  N ND1 . HIS A 1 77  ? -15.282 8.383   -9.606  1.00 47.21 ? 77  HIS X ND1 1 
ATOM   609  C CD2 . HIS A 1 77  ? -17.069 7.306   -10.255 1.00 47.73 ? 77  HIS X CD2 1 
ATOM   610  C CE1 . HIS A 1 77  ? -15.187 8.224   -10.911 1.00 47.77 ? 77  HIS X CE1 1 
ATOM   611  N NE2 . HIS A 1 77  ? -16.259 7.576   -11.330 1.00 48.36 ? 77  HIS X NE2 1 
ATOM   612  N N   . SER A 1 78  ? -16.474 6.467   -4.583  1.00 46.31 ? 78  SER X N   1 
ATOM   613  C CA  . SER A 1 78  ? -16.512 6.631   -3.127  1.00 47.21 ? 78  SER X CA  1 
ATOM   614  C C   . SER A 1 78  ? -15.689 5.581   -2.398  1.00 47.32 ? 78  SER X C   1 
ATOM   615  O O   . SER A 1 78  ? -15.467 4.486   -2.911  1.00 47.47 ? 78  SER X O   1 
ATOM   616  C CB  . SER A 1 78  ? -17.953 6.575   -2.615  1.00 48.18 ? 78  SER X CB  1 
ATOM   617  O OG  . SER A 1 78  ? -18.527 5.285   -2.806  1.00 49.30 ? 78  SER X OG  1 
ATOM   618  N N   . ILE A 1 79  ? -15.254 5.932   -1.191  1.00 47.66 ? 79  ILE X N   1 
ATOM   619  C CA  . ILE A 1 79  ? -14.717 4.971   -0.230  1.00 47.72 ? 79  ILE X CA  1 
ATOM   620  C C   . ILE A 1 79  ? -15.633 3.750   -0.065  1.00 47.61 ? 79  ILE X C   1 
ATOM   621  O O   . ILE A 1 79  ? -15.152 2.631   0.124   1.00 47.55 ? 79  ILE X O   1 
ATOM   622  C CB  . ILE A 1 79  ? -14.464 5.644   1.158   1.00 47.88 ? 79  ILE X CB  1 
ATOM   623  C CG1 . ILE A 1 79  ? -13.154 6.432   1.158   1.00 47.31 ? 79  ILE X CG1 1 
ATOM   624  C CG2 . ILE A 1 79  ? -14.442 4.605   2.276   1.00 48.30 ? 79  ILE X CG2 1 
ATOM   625  C CD1 . ILE A 1 79  ? -12.028 5.764   0.428   1.00 47.06 ? 79  ILE X CD1 1 
ATOM   626  N N   . GLU A 1 80  ? -16.944 3.964   -0.165  1.00 47.93 ? 80  GLU X N   1 
ATOM   627  C CA  . GLU A 1 80  ? -17.929 2.916   0.116   1.00 48.08 ? 80  GLU X CA  1 
ATOM   628  C C   . GLU A 1 80  ? -17.908 1.782   -0.913  1.00 47.64 ? 80  GLU X C   1 
ATOM   629  O O   . GLU A 1 80  ? -18.191 0.634   -0.585  1.00 47.80 ? 80  GLU X O   1 
ATOM   630  C CB  . GLU A 1 80  ? -19.341 3.504   0.204   1.00 49.48 ? 80  GLU X CB  1 
ATOM   631  C CG  . GLU A 1 80  ? -19.638 4.262   1.499   1.00 50.80 ? 80  GLU X CG  1 
ATOM   632  C CD  . GLU A 1 80  ? -19.553 3.393   2.758   1.00 52.37 ? 80  GLU X CD  1 
ATOM   633  O OE1 . GLU A 1 80  ? -18.957 3.869   3.757   1.00 53.36 ? 80  GLU X OE1 1 
ATOM   634  O OE2 . GLU A 1 80  ? -20.085 2.249   2.766   1.00 53.16 ? 80  GLU X OE2 1 
ATOM   635  N N   . ASP A 1 81  ? -17.577 2.092   -2.156  1.00 46.72 ? 81  ASP X N   1 
ATOM   636  C CA  . ASP A 1 81  ? -17.555 1.059   -3.188  1.00 46.87 ? 81  ASP X CA  1 
ATOM   637  C C   . ASP A 1 81  ? -16.539 -0.030  -2.878  1.00 46.53 ? 81  ASP X C   1 
ATOM   638  O O   . ASP A 1 81  ? -16.610 -1.120  -3.452  1.00 45.69 ? 81  ASP X O   1 
ATOM   639  C CB  . ASP A 1 81  ? -17.243 1.664   -4.551  1.00 46.67 ? 81  ASP X CB  1 
ATOM   640  C CG  . ASP A 1 81  ? -18.201 2.745   -4.918  1.00 46.80 ? 81  ASP X CG  1 
ATOM   641  O OD1 . ASP A 1 81  ? -19.407 2.501   -4.741  1.00 47.99 ? 81  ASP X OD1 1 
ATOM   642  O OD2 . ASP A 1 81  ? -17.768 3.833   -5.356  1.00 46.97 ? 81  ASP X OD2 1 
ATOM   643  N N   . ILE A 1 82  ? -15.595 0.269   -1.986  1.00 46.30 ? 82  ILE X N   1 
ATOM   644  C CA  . ILE A 1 82  ? -14.521 -0.677  -1.679  1.00 46.60 ? 82  ILE X CA  1 
ATOM   645  C C   . ILE A 1 82  ? -15.155 -1.881  -1.023  1.00 46.89 ? 82  ILE X C   1 
ATOM   646  O O   . ILE A 1 82  ? -14.823 -3.022  -1.351  1.00 46.71 ? 82  ILE X O   1 
ATOM   647  C CB  . ILE A 1 82  ? -13.429 -0.080  -0.736  1.00 46.23 ? 82  ILE X CB  1 
ATOM   648  C CG1 . ILE A 1 82  ? -12.724 1.105   -1.406  1.00 46.11 ? 82  ILE X CG1 1 
ATOM   649  C CG2 . ILE A 1 82  ? -12.400 -1.150  -0.350  1.00 45.77 ? 82  ILE X CG2 1 
ATOM   650  C CD1 . ILE A 1 82  ? -12.116 2.103   -0.440  1.00 45.93 ? 82  ILE X CD1 1 
ATOM   651  N N   . TYR A 1 83  ? -16.093 -1.606  -0.117  1.00 47.76 ? 83  TYR X N   1 
ATOM   652  C CA  . TYR A 1 83  ? -16.668 -2.621  0.758   1.00 48.68 ? 83  TYR X CA  1 
ATOM   653  C C   . TYR A 1 83  ? -17.530 -3.621  0.003   1.00 49.13 ? 83  TYR X C   1 
ATOM   654  O O   . TYR A 1 83  ? -18.112 -4.525  0.609   1.00 49.27 ? 83  TYR X O   1 
ATOM   655  C CB  . TYR A 1 83  ? -17.523 -1.963  1.840   1.00 49.44 ? 83  TYR X CB  1 
ATOM   656  C CG  . TYR A 1 83  ? -16.777 -0.949  2.653   1.00 49.46 ? 83  TYR X CG  1 
ATOM   657  C CD1 . TYR A 1 83  ? -15.607 -1.291  3.313   1.00 49.81 ? 83  TYR X CD1 1 
ATOM   658  C CD2 . TYR A 1 83  ? -17.239 0.350   2.767   1.00 49.59 ? 83  TYR X CD2 1 
ATOM   659  C CE1 . TYR A 1 83  ? -14.905 -0.360  4.073   1.00 49.80 ? 83  TYR X CE1 1 
ATOM   660  C CE2 . TYR A 1 83  ? -16.555 1.292   3.526   1.00 49.85 ? 83  TYR X CE2 1 
ATOM   661  C CZ  . TYR A 1 83  ? -15.384 0.926   4.176   1.00 49.96 ? 83  TYR X CZ  1 
ATOM   662  O OH  . TYR A 1 83  ? -14.696 1.844   4.928   1.00 50.07 ? 83  TYR X OH  1 
ATOM   663  N N   . GLN A 1 84  ? -17.626 -3.453  -1.312  1.00 49.39 ? 84  GLN X N   1 
ATOM   664  C CA  . GLN A 1 84  ? -18.519 -4.280  -2.101  1.00 49.45 ? 84  GLN X CA  1 
ATOM   665  C C   . GLN A 1 84  ? -17.730 -5.207  -3.011  1.00 49.62 ? 84  GLN X C   1 
ATOM   666  O O   . GLN A 1 84  ? -18.260 -6.203  -3.492  1.00 50.22 ? 84  GLN X O   1 
ATOM   667  C CB  . GLN A 1 84  ? -19.482 -3.412  -2.907  1.00 50.28 ? 84  GLN X CB  1 
ATOM   668  C CG  . GLN A 1 84  ? -20.643 -2.869  -2.058  1.00 50.74 ? 84  GLN X CG  1 
ATOM   669  C CD  . GLN A 1 84  ? -20.507 -1.383  -1.741  1.00 51.11 ? 84  GLN X CD  1 
ATOM   670  O OE1 . GLN A 1 84  ? -20.417 -0.988  -0.575  1.00 51.50 ? 84  GLN X OE1 1 
ATOM   671  N NE2 . GLN A 1 84  ? -20.503 -0.550  -2.784  1.00 51.65 ? 84  GLN X NE2 1 
ATOM   672  N N   . LEU A 1 85  ? -16.457 -4.894  -3.230  1.00 49.37 ? 85  LEU X N   1 
ATOM   673  C CA  . LEU A 1 85  ? -15.608 -5.759  -4.046  1.00 48.70 ? 85  LEU X CA  1 
ATOM   674  C C   . LEU A 1 85  ? -15.477 -7.127  -3.388  1.00 48.49 ? 85  LEU X C   1 
ATOM   675  O O   . LEU A 1 85  ? -15.359 -7.224  -2.167  1.00 49.13 ? 85  LEU X O   1 
ATOM   676  C CB  . LEU A 1 85  ? -14.233 -5.119  -4.261  1.00 48.80 ? 85  LEU X CB  1 
ATOM   677  C CG  . LEU A 1 85  ? -14.287 -3.687  -4.804  1.00 48.77 ? 85  LEU X CG  1 
ATOM   678  C CD1 . LEU A 1 85  ? -13.065 -2.871  -4.373  1.00 48.72 ? 85  LEU X CD1 1 
ATOM   679  C CD2 . LEU A 1 85  ? -14.427 -3.716  -6.310  1.00 48.60 ? 85  LEU X CD2 1 
ATOM   680  N N   . PRO A 1 86  ? -15.545 -8.196  -4.194  1.00 47.88 ? 86  PRO X N   1 
ATOM   681  C CA  . PRO A 1 86  ? -15.180 -9.562  -3.783  1.00 46.74 ? 86  PRO X CA  1 
ATOM   682  C C   . PRO A 1 86  ? -13.703 -9.755  -3.439  1.00 45.60 ? 86  PRO X C   1 
ATOM   683  O O   . PRO A 1 86  ? -12.813 -9.188  -4.092  1.00 45.04 ? 86  PRO X O   1 
ATOM   684  C CB  . PRO A 1 86  ? -15.550 -10.415 -5.008  1.00 47.24 ? 86  PRO X CB  1 
ATOM   685  C CG  . PRO A 1 86  ? -16.474 -9.568  -5.827  1.00 47.51 ? 86  PRO X CG  1 
ATOM   686  C CD  . PRO A 1 86  ? -16.061 -8.152  -5.573  1.00 47.74 ? 86  PRO X CD  1 
ATOM   687  N N   . GLY A 1 87  ? -13.465 -10.575 -2.419  1.00 44.38 ? 87  GLY X N   1 
ATOM   688  C CA  . GLY A 1 87  ? -12.203 -11.291 -2.258  1.00 43.14 ? 87  GLY X CA  1 
ATOM   689  C C   . GLY A 1 87  ? -11.231 -10.499 -1.401  1.00 42.21 ? 87  GLY X C   1 
ATOM   690  O O   . GLY A 1 87  ? -11.638 -9.691  -0.558  1.00 41.85 ? 87  GLY X O   1 
ATOM   691  N N   . HIS A 1 88  ? -9.938  -10.720 -1.621  1.00 41.04 ? 88  HIS X N   1 
ATOM   692  C CA  . HIS A 1 88  ? -8.914  -10.054 -0.828  1.00 40.10 ? 88  HIS X CA  1 
ATOM   693  C C   . HIS A 1 88  ? -8.498  -8.752  -1.457  1.00 39.21 ? 88  HIS X C   1 
ATOM   694  O O   . HIS A 1 88  ? -7.852  -8.731  -2.496  1.00 39.36 ? 88  HIS X O   1 
ATOM   695  C CB  . HIS A 1 88  ? -7.680  -10.929 -0.664  1.00 39.34 ? 88  HIS X CB  1 
ATOM   696  C CG  . HIS A 1 88  ? -6.787  -10.487 0.451   1.00 39.37 ? 88  HIS X CG  1 
ATOM   697  N ND1 . HIS A 1 88  ? -5.740  -11.250 0.913   1.00 38.93 ? 88  HIS X ND1 1 
ATOM   698  C CD2 . HIS A 1 88  ? -6.793  -9.361  1.203   1.00 39.33 ? 88  HIS X CD2 1 
ATOM   699  C CE1 . HIS A 1 88  ? -5.140  -10.613 1.904   1.00 39.49 ? 88  HIS X CE1 1 
ATOM   700  N NE2 . HIS A 1 88  ? -5.758  -9.461  2.095   1.00 39.08 ? 88  HIS X NE2 1 
ATOM   701  N N   . VAL A 1 89  ? -8.862  -7.664  -0.797  1.00 39.40 ? 89  VAL X N   1 
ATOM   702  C CA  . VAL A 1 89  ? -8.591  -6.324  -1.297  1.00 39.44 ? 89  VAL X CA  1 
ATOM   703  C C   . VAL A 1 89  ? -7.415  -5.667  -0.546  1.00 39.38 ? 89  VAL X C   1 
ATOM   704  O O   . VAL A 1 89  ? -7.481  -5.456  0.674   1.00 39.73 ? 89  VAL X O   1 
ATOM   705  C CB  . VAL A 1 89  ? -9.847  -5.455  -1.167  1.00 39.52 ? 89  VAL X CB  1 
ATOM   706  C CG1 . VAL A 1 89  ? -9.557  -4.023  -1.599  1.00 39.69 ? 89  VAL X CG1 1 
ATOM   707  C CG2 . VAL A 1 89  ? -10.992 -6.062  -1.967  1.00 39.31 ? 89  VAL X CG2 1 
ATOM   708  N N   . PHE A 1 90  ? -6.345  -5.353  -1.284  1.00 38.91 ? 90  PHE X N   1 
ATOM   709  C CA  . PHE A 1 90  ? -5.233  -4.542  -0.754  1.00 38.21 ? 90  PHE X CA  1 
ATOM   710  C C   . PHE A 1 90  ? -5.398  -3.050  -1.076  1.00 37.64 ? 90  PHE X C   1 
ATOM   711  O O   . PHE A 1 90  ? -5.443  -2.667  -2.239  1.00 35.51 ? 90  PHE X O   1 
ATOM   712  C CB  . PHE A 1 90  ? -3.900  -5.047  -1.311  1.00 38.38 ? 90  PHE X CB  1 
ATOM   713  C CG  . PHE A 1 90  ? -3.595  -6.471  -0.941  1.00 38.43 ? 90  PHE X CG  1 
ATOM   714  C CD1 . PHE A 1 90  ? -2.918  -6.771  0.239   1.00 38.72 ? 90  PHE X CD1 1 
ATOM   715  C CD2 . PHE A 1 90  ? -4.020  -7.513  -1.745  1.00 38.41 ? 90  PHE X CD2 1 
ATOM   716  C CE1 . PHE A 1 90  ? -2.645  -8.101  0.592   1.00 38.75 ? 90  PHE X CE1 1 
ATOM   717  C CE2 . PHE A 1 90  ? -3.750  -8.840  -1.401  1.00 38.45 ? 90  PHE X CE2 1 
ATOM   718  C CZ  . PHE A 1 90  ? -3.061  -9.130  -0.237  1.00 38.32 ? 90  PHE X CZ  1 
ATOM   719  N N   . ILE A 1 91  ? -5.490  -2.229  -0.026  1.00 37.33 ? 91  ILE X N   1 
ATOM   720  C CA  . ILE A 1 91  ? -5.349  -0.778  -0.142  1.00 37.23 ? 91  ILE X CA  1 
ATOM   721  C C   . ILE A 1 91  ? -3.921  -0.321  -0.451  1.00 36.97 ? 91  ILE X C   1 
ATOM   722  O O   . ILE A 1 91  ? -3.025  -0.381  0.392   1.00 36.12 ? 91  ILE X O   1 
ATOM   723  C CB  . ILE A 1 91  ? -5.802  -0.070  1.133   1.00 37.63 ? 91  ILE X CB  1 
ATOM   724  C CG1 . ILE A 1 91  ? -7.280  -0.382  1.428   1.00 37.73 ? 91  ILE X CG1 1 
ATOM   725  C CG2 . ILE A 1 91  ? -5.565  1.432   1.007   1.00 37.06 ? 91  ILE X CG2 1 
ATOM   726  C CD1 . ILE A 1 91  ? -8.229  -0.195  0.206   1.00 38.01 ? 91  ILE X CD1 1 
ATOM   727  N N   . PHE A 1 92  ? -3.737  0.165   -1.674  1.00 36.76 ? 92  PHE X N   1 
ATOM   728  C CA  . PHE A 1 92  ? -2.453  0.125   -2.354  1.00 36.62 ? 92  PHE X CA  1 
ATOM   729  C C   . PHE A 1 92  ? -1.710  1.456   -2.223  1.00 35.77 ? 92  PHE X C   1 
ATOM   730  O O   . PHE A 1 92  ? -0.528  1.548   -2.541  1.00 35.32 ? 92  PHE X O   1 
ATOM   731  C CB  . PHE A 1 92  ? -2.686  -0.179  -3.831  1.00 37.34 ? 92  PHE X CB  1 
ATOM   732  C CG  . PHE A 1 92  ? -1.477  -0.661  -4.537  1.00 37.70 ? 92  PHE X CG  1 
ATOM   733  C CD1 . PHE A 1 92  ? -1.078  -0.077  -5.733  1.00 37.59 ? 92  PHE X CD1 1 
ATOM   734  C CD2 . PHE A 1 92  ? -0.727  -1.706  -4.012  1.00 37.55 ? 92  PHE X CD2 1 
ATOM   735  C CE1 . PHE A 1 92  ? 0.048   -0.536  -6.387  1.00 37.75 ? 92  PHE X CE1 1 
ATOM   736  C CE2 . PHE A 1 92  ? 0.399   -2.164  -4.664  1.00 37.31 ? 92  PHE X CE2 1 
ATOM   737  C CZ  . PHE A 1 92  ? 0.787   -1.591  -5.848  1.00 37.40 ? 92  PHE X CZ  1 
ATOM   738  N N   . GLY A 1 93  ? -2.417  2.472   -1.752  1.00 35.19 ? 93  GLY X N   1 
ATOM   739  C CA  . GLY A 1 93  ? -1.908  3.835   -1.724  1.00 35.86 ? 93  GLY X CA  1 
ATOM   740  C C   . GLY A 1 93  ? -2.946  4.809   -2.259  1.00 36.00 ? 93  GLY X C   1 
ATOM   741  O O   . GLY A 1 93  ? -3.874  4.399   -2.932  1.00 35.96 ? 93  GLY X O   1 
ATOM   742  N N   . GLY A 1 94  ? -2.794  6.100   -1.968  1.00 36.59 ? 94  GLY X N   1 
ATOM   743  C CA  . GLY A 1 94  ? -1.618  6.619   -1.264  1.00 37.02 ? 94  GLY X CA  1 
ATOM   744  C C   . GLY A 1 94  ? -2.005  7.231   0.074   1.00 36.73 ? 94  GLY X C   1 
ATOM   745  O O   . GLY A 1 94  ? -2.837  6.699   0.793   1.00 35.98 ? 94  GLY X O   1 
ATOM   746  N N   . GLN A 1 95  ? -1.397  8.360   0.402   1.00 37.46 ? 95  GLN X N   1 
ATOM   747  C CA  . GLN A 1 95  ? -1.552  8.939   1.721   1.00 37.93 ? 95  GLN X CA  1 
ATOM   748  C C   . GLN A 1 95  ? -3.025  9.031   2.079   1.00 38.38 ? 95  GLN X C   1 
ATOM   749  O O   . GLN A 1 95  ? -3.427  8.661   3.181   1.00 38.85 ? 95  GLN X O   1 
ATOM   750  C CB  . GLN A 1 95  ? -0.884  10.310  1.787   1.00 37.93 ? 95  GLN X CB  1 
ATOM   751  C CG  . GLN A 1 95  ? -1.165  11.088  3.069   1.00 38.07 ? 95  GLN X CG  1 
ATOM   752  C CD  . GLN A 1 95  ? -0.410  12.405  3.102   1.00 38.31 ? 95  GLN X CD  1 
ATOM   753  O OE1 . GLN A 1 95  ? 0.779   12.443  3.395   1.00 38.09 ? 95  GLN X OE1 1 
ATOM   754  N NE2 . GLN A 1 95  ? -1.097  13.492  2.762   1.00 39.61 ? 95  GLN X NE2 1 
ATOM   755  N N   . THR A 1 96  ? -3.851  9.508   1.160   1.00 38.40 ? 96  THR X N   1 
ATOM   756  C CA  . THR A 1 96  ? -5.202  9.857   1.553   1.00 38.83 ? 96  THR X CA  1 
ATOM   757  C C   . THR A 1 96  ? -6.046  8.582   1.724   1.00 38.54 ? 96  THR X C   1 
ATOM   758  O O   . THR A 1 96  ? -6.798  8.454   2.680   1.00 38.16 ? 96  THR X O   1 
ATOM   759  C CB  . THR A 1 96  ? -5.846  10.887  0.564   1.00 39.34 ? 96  THR X CB  1 
ATOM   760  O OG1 . THR A 1 96  ? -6.403  10.200  -0.556  1.00 40.86 ? 96  THR X OG1 1 
ATOM   761  C CG2 . THR A 1 96  ? -4.809  11.871  0.068   1.00 38.34 ? 96  THR X CG2 1 
ATOM   762  N N   . LEU A 1 97  ? -5.890  7.627   0.813   1.00 38.86 ? 97  LEU X N   1 
ATOM   763  C CA  . LEU A 1 97  ? -6.478  6.284   0.979   1.00 38.57 ? 97  LEU X CA  1 
ATOM   764  C C   . LEU A 1 97  ? -6.153  5.667   2.350   1.00 38.77 ? 97  LEU X C   1 
ATOM   765  O O   . LEU A 1 97  ? -7.020  5.107   3.020   1.00 39.51 ? 97  LEU X O   1 
ATOM   766  C CB  . LEU A 1 97  ? -5.976  5.342   -0.119  1.00 38.67 ? 97  LEU X CB  1 
ATOM   767  C CG  . LEU A 1 97  ? -6.888  5.049   -1.316  1.00 38.82 ? 97  LEU X CG  1 
ATOM   768  C CD1 . LEU A 1 97  ? -8.214  4.414   -0.850  1.00 38.07 ? 97  LEU X CD1 1 
ATOM   769  C CD2 . LEU A 1 97  ? -7.124  6.308   -2.204  1.00 38.27 ? 97  LEU X CD2 1 
ATOM   770  N N   . TYR A 1 98  ? -4.901  5.749   2.766   1.00 37.88 ? 98  TYR X N   1 
ATOM   771  C CA  . TYR A 1 98  ? -4.513  5.144   4.037   1.00 37.43 ? 98  TYR X CA  1 
ATOM   772  C C   . TYR A 1 98  ? -5.216  5.853   5.208   1.00 37.00 ? 98  TYR X C   1 
ATOM   773  O O   . TYR A 1 98  ? -5.751  5.220   6.125   1.00 35.64 ? 98  TYR X O   1 
ATOM   774  C CB  . TYR A 1 98  ? -3.000  5.207   4.196   1.00 35.77 ? 98  TYR X CB  1 
ATOM   775  C CG  . TYR A 1 98  ? -2.212  4.354   3.202   1.00 35.53 ? 98  TYR X CG  1 
ATOM   776  C CD1 . TYR A 1 98  ? -2.553  3.020   2.946   1.00 35.61 ? 98  TYR X CD1 1 
ATOM   777  C CD2 . TYR A 1 98  ? -1.106  4.882   2.545   1.00 35.19 ? 98  TYR X CD2 1 
ATOM   778  C CE1 . TYR A 1 98  ? -1.806  2.235   2.048   1.00 35.07 ? 98  TYR X CE1 1 
ATOM   779  C CE2 . TYR A 1 98  ? -0.369  4.132   1.654   1.00 35.37 ? 98  TYR X CE2 1 
ATOM   780  C CZ  . TYR A 1 98  ? -0.717  2.805   1.407   1.00 35.56 ? 98  TYR X CZ  1 
ATOM   781  O OH  . TYR A 1 98  ? 0.057   2.087   0.523   1.00 35.31 ? 98  TYR X OH  1 
ATOM   782  N N   . GLU A 1 99  ? -5.219  7.178   5.162   1.00 37.92 ? 99  GLU X N   1 
ATOM   783  C CA  . GLU A 1 99  ? -5.997  7.982   6.110   1.00 38.08 ? 99  GLU X CA  1 
ATOM   784  C C   . GLU A 1 99  ? -7.479  7.565   6.184   1.00 37.55 ? 99  GLU X C   1 
ATOM   785  O O   . GLU A 1 99  ? -8.041  7.384   7.267   1.00 37.05 ? 99  GLU X O   1 
ATOM   786  C CB  . GLU A 1 99  ? -5.842  9.459   5.761   1.00 37.86 ? 99  GLU X CB  1 
ATOM   787  C CG  . GLU A 1 99  ? -4.381  9.823   5.587   1.00 38.52 ? 99  GLU X CG  1 
ATOM   788  C CD  . GLU A 1 99  ? -4.124  11.316  5.497   1.00 38.66 ? 99  GLU X CD  1 
ATOM   789  O OE1 . GLU A 1 99  ? -3.146  11.775  6.112   1.00 38.50 ? 99  GLU X OE1 1 
ATOM   790  O OE2 . GLU A 1 99  ? -4.874  12.024  4.788   1.00 39.74 ? 99  GLU X OE2 1 
ATOM   791  N N   . GLU A 1 100 ? -8.110  7.394   5.034   1.00 37.83 ? 100 GLU X N   1 
ATOM   792  C CA  . GLU A 1 100 ? -9.530  7.094   5.016   1.00 38.48 ? 100 GLU X CA  1 
ATOM   793  C C   . GLU A 1 100 ? -9.781  5.628   5.340   1.00 38.94 ? 100 GLU X C   1 
ATOM   794  O O   . GLU A 1 100 ? -10.903 5.243   5.639   1.00 40.20 ? 100 GLU X O   1 
ATOM   795  C CB  . GLU A 1 100 ? -10.151 7.423   3.655   1.00 38.24 ? 100 GLU X CB  1 
ATOM   796  C CG  . GLU A 1 100 ? -9.774  8.770   3.088   1.00 38.30 ? 100 GLU X CG  1 
ATOM   797  C CD  . GLU A 1 100 ? -10.144 8.901   1.628   1.00 38.20 ? 100 GLU X CD  1 
ATOM   798  O OE1 . GLU A 1 100 ? -11.207 9.477   1.330   1.00 38.27 ? 100 GLU X OE1 1 
ATOM   799  O OE2 . GLU A 1 100 ? -9.377  8.425   0.771   1.00 38.51 ? 100 GLU X OE2 1 
ATOM   800  N N   . MET A 1 101 ? -8.762  4.792   5.251   1.00 38.78 ? 101 MET X N   1 
ATOM   801  C CA  . MET A 1 101 ? -9.021  3.366   5.278   1.00 39.38 ? 101 MET X CA  1 
ATOM   802  C C   . MET A 1 101 ? -8.570  2.703   6.584   1.00 39.53 ? 101 MET X C   1 
ATOM   803  O O   . MET A 1 101 ? -9.039  1.610   6.912   1.00 39.53 ? 101 MET X O   1 
ATOM   804  C CB  . MET A 1 101 ? -8.396  2.678   4.057   1.00 39.97 ? 101 MET X CB  1 
ATOM   805  C CG  . MET A 1 101 ? -9.322  2.644   2.813   1.00 40.44 ? 101 MET X CG  1 
ATOM   806  S SD  . MET A 1 101 ? -11.123 2.787   3.142   1.00 40.72 ? 101 MET X SD  1 
ATOM   807  C CE  . MET A 1 101 ? -11.533 1.046   3.219   1.00 39.43 ? 101 MET X CE  1 
ATOM   808  N N   . ILE A 1 102 ? -7.694  3.364   7.341   1.00 39.54 ? 102 ILE X N   1 
ATOM   809  C CA  . ILE A 1 102 ? -6.903  2.673   8.374   1.00 39.61 ? 102 ILE X CA  1 
ATOM   810  C C   . ILE A 1 102 ? -7.694  2.245   9.612   1.00 39.63 ? 102 ILE X C   1 
ATOM   811  O O   . ILE A 1 102 ? -7.241  1.380   10.352  1.00 39.32 ? 102 ILE X O   1 
ATOM   812  C CB  . ILE A 1 102 ? -5.719  3.513   8.872   1.00 39.42 ? 102 ILE X CB  1 
ATOM   813  C CG1 . ILE A 1 102 ? -4.700  2.594   9.573   1.00 39.95 ? 102 ILE X CG1 1 
ATOM   814  C CG2 . ILE A 1 102 ? -6.207  4.587   9.836   1.00 38.97 ? 102 ILE X CG2 1 
ATOM   815  C CD1 . ILE A 1 102 ? -3.256  3.188   9.786   1.00 39.29 ? 102 ILE X CD1 1 
ATOM   816  N N   . ASP A 1 103 ? -8.856  2.845   9.847   1.00 39.76 ? 103 ASP X N   1 
ATOM   817  C CA  . ASP A 1 103 ? -9.742  2.383   10.912  1.00 40.67 ? 103 ASP X CA  1 
ATOM   818  C C   . ASP A 1 103 ? -10.752 1.374   10.363  1.00 40.71 ? 103 ASP X C   1 
ATOM   819  O O   . ASP A 1 103 ? -11.590 0.865   11.083  1.00 41.30 ? 103 ASP X O   1 
ATOM   820  C CB  . ASP A 1 103 ? -10.493 3.555   11.568  1.00 41.25 ? 103 ASP X CB  1 
ATOM   821  C CG  . ASP A 1 103 ? -9.564  4.587   12.203  1.00 41.37 ? 103 ASP X CG  1 
ATOM   822  O OD1 . ASP A 1 103 ? -9.911  5.773   12.161  1.00 41.99 ? 103 ASP X OD1 1 
ATOM   823  O OD2 . ASP A 1 103 ? -8.511  4.238   12.766  1.00 42.11 ? 103 ASP X OD2 1 
ATOM   824  N N   . LYS A 1 104 ? -10.672 1.078   9.081   1.00 41.47 ? 104 LYS X N   1 
ATOM   825  C CA  . LYS A 1 104 ? -11.672 0.209   8.469   1.00 41.93 ? 104 LYS X CA  1 
ATOM   826  C C   . LYS A 1 104 ? -11.110 -1.179  8.193   1.00 41.76 ? 104 LYS X C   1 
ATOM   827  O O   . LYS A 1 104 ? -11.865 -2.128  8.000   1.00 42.99 ? 104 LYS X O   1 
ATOM   828  C CB  . LYS A 1 104 ? -12.199 0.826   7.164   1.00 43.07 ? 104 LYS X CB  1 
ATOM   829  C CG  . LYS A 1 104 ? -12.843 2.197   7.321   1.00 43.72 ? 104 LYS X CG  1 
ATOM   830  C CD  . LYS A 1 104 ? -13.607 2.348   8.648   1.00 44.32 ? 104 LYS X CD  1 
ATOM   831  C CE  . LYS A 1 104 ? -14.078 3.813   8.872   1.00 44.43 ? 104 LYS X CE  1 
ATOM   832  N NZ  . LYS A 1 104 ? -15.054 3.961   10.006  1.00 44.62 ? 104 LYS X NZ  1 
ATOM   833  N N   . VAL A 1 105 ? -9.789  -1.300  8.153   1.00 41.05 ? 105 VAL X N   1 
ATOM   834  C CA  . VAL A 1 105 ? -9.169  -2.515  7.628   1.00 40.70 ? 105 VAL X CA  1 
ATOM   835  C C   . VAL A 1 105 ? -8.937  -3.602  8.691   1.00 40.46 ? 105 VAL X C   1 
ATOM   836  O O   . VAL A 1 105 ? -8.625  -3.319  9.851   1.00 39.49 ? 105 VAL X O   1 
ATOM   837  C CB  . VAL A 1 105 ? -7.833  -2.219  6.957   1.00 40.36 ? 105 VAL X CB  1 
ATOM   838  C CG1 . VAL A 1 105 ? -8.050  -1.277  5.797   1.00 40.41 ? 105 VAL X CG1 1 
ATOM   839  C CG2 . VAL A 1 105 ? -6.840  -1.653  7.978   1.00 39.66 ? 105 VAL X CG2 1 
ATOM   840  N N   . ASP A 1 106 ? -9.084  -4.851  8.252   1.00 39.89 ? 106 ASP X N   1 
ATOM   841  C CA  . ASP A 1 106 ? -8.805  -6.010  9.074   1.00 39.55 ? 106 ASP X CA  1 
ATOM   842  C C   . ASP A 1 106 ? -7.365  -6.026  9.553   1.00 38.60 ? 106 ASP X C   1 
ATOM   843  O O   . ASP A 1 106 ? -7.101  -6.183  10.734  1.00 39.14 ? 106 ASP X O   1 
ATOM   844  C CB  . ASP A 1 106 ? -9.099  -7.272  8.273   1.00 40.05 ? 106 ASP X CB  1 
ATOM   845  C CG  . ASP A 1 106 ? -10.443 -7.215  7.591   1.00 40.56 ? 106 ASP X CG  1 
ATOM   846  O OD1 . ASP A 1 106 ? -11.423 -6.823  8.253   1.00 40.35 ? 106 ASP X OD1 1 
ATOM   847  O OD2 . ASP A 1 106 ? -10.515 -7.550  6.388   1.00 41.55 ? 106 ASP X OD2 1 
ATOM   848  N N   . ASP A 1 107 ? -6.440  -5.850  8.623   1.00 38.00 ? 107 ASP X N   1 
ATOM   849  C CA  . ASP A 1 107 ? -5.022  -5.978  8.920   1.00 37.23 ? 107 ASP X CA  1 
ATOM   850  C C   . ASP A 1 107 ? -4.184  -5.101  7.992   1.00 36.53 ? 107 ASP X C   1 
ATOM   851  O O   . ASP A 1 107 ? -4.722  -4.419  7.105   1.00 36.42 ? 107 ASP X O   1 
ATOM   852  C CB  . ASP A 1 107 ? -4.581  -7.444  8.816   1.00 36.73 ? 107 ASP X CB  1 
ATOM   853  C CG  . ASP A 1 107 ? -4.919  -8.072  7.483   1.00 36.54 ? 107 ASP X CG  1 
ATOM   854  O OD1 . ASP A 1 107 ? -4.473  -9.203  7.257   1.00 37.78 ? 107 ASP X OD1 1 
ATOM   855  O OD2 . ASP A 1 107 ? -5.608  -7.453  6.651   1.00 36.78 ? 107 ASP X OD2 1 
ATOM   856  N N   . MET A 1 108 ? -2.871  -5.117  8.220   1.00 35.39 ? 108 MET X N   1 
ATOM   857  C CA  . MET A 1 108 ? -1.928  -4.343  7.425   1.00 35.32 ? 108 MET X CA  1 
ATOM   858  C C   . MET A 1 108 ? -0.674  -5.170  7.135   1.00 35.32 ? 108 MET X C   1 
ATOM   859  O O   . MET A 1 108 ? -0.066  -5.765  8.041   1.00 34.25 ? 108 MET X O   1 
ATOM   860  C CB  . MET A 1 108 ? -1.535  -3.044  8.153   1.00 34.84 ? 108 MET X CB  1 
ATOM   861  C CG  . MET A 1 108 ? -2.703  -2.379  8.893   1.00 34.99 ? 108 MET X CG  1 
ATOM   862  S SD  . MET A 1 108 ? -2.517  -0.620  9.275   1.00 34.96 ? 108 MET X SD  1 
ATOM   863  C CE  . MET A 1 108 ? -1.489  -0.626  10.739  1.00 33.55 ? 108 MET X CE  1 
ATOM   864  N N   . TYR A 1 109 ? -0.279  -5.179  5.866   1.00 34.89 ? 109 TYR X N   1 
ATOM   865  C CA  . TYR A 1 109 ? 1.068   -5.563  5.501   1.00 35.05 ? 109 TYR X CA  1 
ATOM   866  C C   . TYR A 1 109 ? 1.959   -4.346  5.311   1.00 35.40 ? 109 TYR X C   1 
ATOM   867  O O   . TYR A 1 109 ? 1.986   -3.710  4.250   1.00 34.10 ? 109 TYR X O   1 
ATOM   868  C CB  . TYR A 1 109 ? 1.031   -6.442  4.260   1.00 35.34 ? 109 TYR X CB  1 
ATOM   869  C CG  . TYR A 1 109 ? 0.218   -7.699  4.477   1.00 35.46 ? 109 TYR X CG  1 
ATOM   870  C CD1 . TYR A 1 109 ? -1.152  -7.697  4.284   1.00 35.82 ? 109 TYR X CD1 1 
ATOM   871  C CD2 . TYR A 1 109 ? 0.816   -8.882  4.905   1.00 35.33 ? 109 TYR X CD2 1 
ATOM   872  C CE1 . TYR A 1 109 ? -1.908  -8.840  4.487   1.00 35.40 ? 109 TYR X CE1 1 
ATOM   873  C CE2 . TYR A 1 109 ? 0.070   -10.026 5.101   1.00 35.23 ? 109 TYR X CE2 1 
ATOM   874  C CZ  . TYR A 1 109 ? -1.293  -9.996  4.893   1.00 35.39 ? 109 TYR X CZ  1 
ATOM   875  O OH  . TYR A 1 109 ? -2.061  -11.126 5.086   1.00 35.76 ? 109 TYR X OH  1 
ATOM   876  N N   . ILE A 1 110 ? 2.677   -4.020  6.383   1.00 36.26 ? 110 ILE X N   1 
ATOM   877  C CA  . ILE A 1 110 ? 3.628   -2.922  6.389   1.00 35.67 ? 110 ILE X CA  1 
ATOM   878  C C   . ILE A 1 110 ? 5.017   -3.461  6.169   1.00 35.05 ? 110 ILE X C   1 
ATOM   879  O O   . ILE A 1 110 ? 5.428   -4.403  6.835   1.00 34.78 ? 110 ILE X O   1 
ATOM   880  C CB  . ILE A 1 110 ? 3.606   -2.181  7.735   1.00 35.89 ? 110 ILE X CB  1 
ATOM   881  C CG1 . ILE A 1 110 ? 2.205   -1.618  7.994   1.00 36.65 ? 110 ILE X CG1 1 
ATOM   882  C CG2 . ILE A 1 110 ? 4.654   -1.065  7.754   1.00 35.69 ? 110 ILE X CG2 1 
ATOM   883  C CD1 . ILE A 1 110 ? 2.195   -0.330  8.830   1.00 36.46 ? 110 ILE X CD1 1 
ATOM   884  N N   . THR A 1 111 ? 5.744   -2.839  5.249   1.00 35.09 ? 111 THR X N   1 
ATOM   885  C CA  . THR A 1 111 ? 7.204   -2.874  5.259   1.00 35.33 ? 111 THR X CA  1 
ATOM   886  C C   . THR A 1 111 ? 7.786   -1.635  5.934   1.00 35.46 ? 111 THR X C   1 
ATOM   887  O O   . THR A 1 111 ? 7.547   -0.497  5.503   1.00 35.01 ? 111 THR X O   1 
ATOM   888  C CB  . THR A 1 111 ? 7.729   -2.918  3.822   1.00 35.63 ? 111 THR X CB  1 
ATOM   889  O OG1 . THR A 1 111 ? 7.048   -3.949  3.105   1.00 35.92 ? 111 THR X OG1 1 
ATOM   890  C CG2 . THR A 1 111 ? 9.241   -3.146  3.796   1.00 35.31 ? 111 THR X CG2 1 
ATOM   891  N N   . VAL A 1 112 ? 8.567   -1.848  6.985   1.00 36.18 ? 112 VAL X N   1 
ATOM   892  C CA  . VAL A 1 112 ? 9.222   -0.727  7.672   1.00 36.60 ? 112 VAL X CA  1 
ATOM   893  C C   . VAL A 1 112 ? 10.640  -0.561  7.162   1.00 36.66 ? 112 VAL X C   1 
ATOM   894  O O   . VAL A 1 112 ? 11.490  -1.424  7.359   1.00 36.23 ? 112 VAL X O   1 
ATOM   895  C CB  . VAL A 1 112 ? 9.278   -0.912  9.228   1.00 36.59 ? 112 VAL X CB  1 
ATOM   896  C CG1 . VAL A 1 112 ? 9.830   0.361   9.889   1.00 35.45 ? 112 VAL X CG1 1 
ATOM   897  C CG2 . VAL A 1 112 ? 7.902   -1.289  9.788   1.00 35.86 ? 112 VAL X CG2 1 
ATOM   898  N N   . ILE A 1 113 ? 10.882  0.556   6.493   1.00 37.82 ? 113 ILE X N   1 
ATOM   899  C CA  . ILE A 1 113 ? 12.201  0.875   5.997   1.00 37.96 ? 113 ILE X CA  1 
ATOM   900  C C   . ILE A 1 113 ? 12.964  1.612   7.098   1.00 38.40 ? 113 ILE X C   1 
ATOM   901  O O   . ILE A 1 113 ? 12.606  2.728   7.505   1.00 37.33 ? 113 ILE X O   1 
ATOM   902  C CB  . ILE A 1 113 ? 12.139  1.732   4.701   1.00 38.71 ? 113 ILE X CB  1 
ATOM   903  C CG1 . ILE A 1 113 ? 10.875  1.420   3.894   1.00 38.63 ? 113 ILE X CG1 1 
ATOM   904  C CG2 . ILE A 1 113 ? 13.367  1.486   3.823   1.00 38.57 ? 113 ILE X CG2 1 
ATOM   905  C CD1 . ILE A 1 113 ? 11.049  0.267   2.914   1.00 38.09 ? 113 ILE X CD1 1 
ATOM   906  N N   . GLU A 1 114 ? 14.009  0.959   7.587   1.00 38.77 ? 114 GLU X N   1 
ATOM   907  C CA  . GLU A 1 114 ? 14.764  1.448   8.716   1.00 39.41 ? 114 GLU X CA  1 
ATOM   908  C C   . GLU A 1 114 ? 15.715  2.521   8.236   1.00 38.96 ? 114 GLU X C   1 
ATOM   909  O O   . GLU A 1 114 ? 16.927  2.416   8.394   1.00 38.76 ? 114 GLU X O   1 
ATOM   910  C CB  . GLU A 1 114 ? 15.536  0.302   9.360   1.00 40.52 ? 114 GLU X CB  1 
ATOM   911  C CG  . GLU A 1 114 ? 14.733  -0.964  9.436   1.00 41.91 ? 114 GLU X CG  1 
ATOM   912  C CD  . GLU A 1 114 ? 13.647  -0.884  10.483  1.00 43.42 ? 114 GLU X CD  1 
ATOM   913  O OE1 . GLU A 1 114 ? 13.854  -0.193  11.502  1.00 44.83 ? 114 GLU X OE1 1 
ATOM   914  O OE2 . GLU A 1 114 ? 12.579  -1.507  10.297  1.00 45.48 ? 114 GLU X OE2 1 
ATOM   915  N N   . GLY A 1 115 ? 15.139  3.555   7.640   1.00 39.21 ? 115 GLY X N   1 
ATOM   916  C CA  . GLY A 1 115 ? 15.889  4.746   7.244   1.00 38.71 ? 115 GLY X CA  1 
ATOM   917  C C   . GLY A 1 115 ? 15.112  6.009   7.541   1.00 37.96 ? 115 GLY X C   1 
ATOM   918  O O   . GLY A 1 115 ? 13.943  5.952   7.940   1.00 36.72 ? 115 GLY X O   1 
ATOM   919  N N   . LYS A 1 116 ? 15.764  7.151   7.351   1.00 37.32 ? 116 LYS X N   1 
ATOM   920  C CA  . LYS A 1 116 ? 15.063  8.423   7.378   1.00 37.35 ? 116 LYS X CA  1 
ATOM   921  C C   . LYS A 1 116 ? 15.185  9.118   6.041   1.00 35.98 ? 116 LYS X C   1 
ATOM   922  O O   . LYS A 1 116 ? 16.275  9.517   5.637   1.00 35.50 ? 116 LYS X O   1 
ATOM   923  C CB  . LYS A 1 116 ? 15.587  9.309   8.506   1.00 37.84 ? 116 LYS X CB  1 
ATOM   924  C CG  . LYS A 1 116 ? 15.100  8.858   9.874   1.00 38.67 ? 116 LYS X CG  1 
ATOM   925  C CD  . LYS A 1 116 ? 16.130  9.106   10.951  1.00 39.03 ? 116 LYS X CD  1 
ATOM   926  C CE  . LYS A 1 116 ? 15.873  10.404  11.726  1.00 39.74 ? 116 LYS X CE  1 
ATOM   927  N NZ  . LYS A 1 116 ? 17.165  11.081  12.187  1.00 40.06 ? 116 LYS X NZ  1 
ATOM   928  N N   . PHE A 1 117 ? 14.058  9.241   5.350   1.00 35.60 ? 117 PHE X N   1 
ATOM   929  C CA  . PHE A 1 117 ? 14.043  9.793   4.001   1.00 35.68 ? 117 PHE X CA  1 
ATOM   930  C C   . PHE A 1 117 ? 13.432  11.165  4.071   1.00 35.37 ? 117 PHE X C   1 
ATOM   931  O O   . PHE A 1 117 ? 12.753  11.471  5.050   1.00 36.52 ? 117 PHE X O   1 
ATOM   932  C CB  . PHE A 1 117 ? 13.277  8.868   3.055   1.00 34.85 ? 117 PHE X CB  1 
ATOM   933  C CG  . PHE A 1 117 ? 14.017  7.599   2.752   1.00 35.09 ? 117 PHE X CG  1 
ATOM   934  C CD1 . PHE A 1 117 ? 14.705  7.442   1.554   1.00 34.97 ? 117 PHE X CD1 1 
ATOM   935  C CD2 . PHE A 1 117 ? 14.072  6.570   3.691   1.00 34.90 ? 117 PHE X CD2 1 
ATOM   936  C CE1 . PHE A 1 117 ? 15.420  6.281   1.298   1.00 34.69 ? 117 PHE X CE1 1 
ATOM   937  C CE2 . PHE A 1 117 ? 14.783  5.413   3.435   1.00 34.69 ? 117 PHE X CE2 1 
ATOM   938  C CZ  . PHE A 1 117 ? 15.459  5.269   2.235   1.00 34.66 ? 117 PHE X CZ  1 
ATOM   939  N N   . ARG A 1 118 ? 13.685  12.001  3.066   1.00 35.54 ? 118 ARG X N   1 
ATOM   940  C CA  . ARG A 1 118 ? 12.834  13.165  2.817   1.00 36.02 ? 118 ARG X CA  1 
ATOM   941  C C   . ARG A 1 118 ? 11.516  12.755  2.155   1.00 34.78 ? 118 ARG X C   1 
ATOM   942  O O   . ARG A 1 118 ? 11.501  12.063  1.144   1.00 34.32 ? 118 ARG X O   1 
ATOM   943  C CB  . ARG A 1 118 ? 13.558  14.204  1.955   1.00 38.83 ? 118 ARG X CB  1 
ATOM   944  C CG  . ARG A 1 118 ? 12.728  14.689  0.764   1.00 41.91 ? 118 ARG X CG  1 
ATOM   945  C CD  . ARG A 1 118 ? 12.223  16.123  0.940   1.00 44.02 ? 118 ARG X CD  1 
ATOM   946  N NE  . ARG A 1 118 ? 13.333  16.976  1.315   1.00 45.57 ? 118 ARG X NE  1 
ATOM   947  C CZ  . ARG A 1 118 ? 14.582  16.768  0.911   1.00 46.13 ? 118 ARG X CZ  1 
ATOM   948  N NH1 . ARG A 1 118 ? 14.836  15.748  0.104   1.00 46.39 ? 118 ARG X NH1 1 
ATOM   949  N NH2 . ARG A 1 118 ? 15.571  17.571  1.318   1.00 46.32 ? 118 ARG X NH2 1 
ATOM   950  N N   . GLY A 1 119 ? 10.400  13.168  2.732   1.00 34.04 ? 119 GLY X N   1 
ATOM   951  C CA  . GLY A 1 119 ? 9.111   12.855  2.126   1.00 34.10 ? 119 GLY X CA  1 
ATOM   952  C C   . GLY A 1 119 ? 8.158   14.020  2.092   1.00 32.87 ? 119 GLY X C   1 
ATOM   953  O O   . GLY A 1 119 ? 8.329   15.003  2.794   1.00 33.53 ? 119 GLY X O   1 
ATOM   954  N N   . ASP A 1 120 ? 7.135   13.916  1.270   1.00 32.86 ? 120 ASP X N   1 
ATOM   955  C CA  . ASP A 1 120 ? 6.081   14.894  1.319   1.00 32.57 ? 120 ASP X CA  1 
ATOM   956  C C   . ASP A 1 120 ? 4.759   14.245  1.632   1.00 32.59 ? 120 ASP X C   1 
ATOM   957  O O   . ASP A 1 120 ? 3.757   14.946  1.818   1.00 32.43 ? 120 ASP X O   1 
ATOM   958  C CB  . ASP A 1 120 ? 6.003   15.689  0.003   1.00 33.48 ? 120 ASP X CB  1 
ATOM   959  C CG  . ASP A 1 120 ? 5.852   14.804  -1.226  1.00 33.01 ? 120 ASP X CG  1 
ATOM   960  O OD1 . ASP A 1 120 ? 6.251   15.238  -2.317  1.00 32.92 ? 120 ASP X OD1 1 
ATOM   961  O OD2 . ASP A 1 120 ? 5.346   13.681  -1.099  1.00 33.59 ? 120 ASP X OD2 1 
ATOM   962  N N   . THR A 1 121 ? 4.744   12.913  1.713   1.00 32.81 ? 121 THR X N   1 
ATOM   963  C CA  . THR A 1 121 ? 3.548   12.209  2.187   1.00 32.63 ? 121 THR X CA  1 
ATOM   964  C C   . THR A 1 121 ? 3.888   11.173  3.265   1.00 32.15 ? 121 THR X C   1 
ATOM   965  O O   . THR A 1 121 ? 5.024   10.698  3.354   1.00 30.47 ? 121 THR X O   1 
ATOM   966  C CB  . THR A 1 121 ? 2.772   11.543  1.014   1.00 32.75 ? 121 THR X CB  1 
ATOM   967  O OG1 . THR A 1 121 ? 3.696   10.964  0.114   1.00 32.71 ? 121 THR X OG1 1 
ATOM   968  C CG2 . THR A 1 121 ? 1.935   12.573  0.232   1.00 33.34 ? 121 THR X CG2 1 
ATOM   969  N N   . PHE A 1 122 ? 2.888   10.854  4.090   1.00 32.35 ? 122 PHE X N   1 
ATOM   970  C CA  . PHE A 1 122 ? 3.092   10.058  5.314   1.00 32.78 ? 122 PHE X CA  1 
ATOM   971  C C   . PHE A 1 122 ? 1.993   9.055   5.511   1.00 33.06 ? 122 PHE X C   1 
ATOM   972  O O   . PHE A 1 122 ? 0.840   9.282   5.110   1.00 33.26 ? 122 PHE X O   1 
ATOM   973  C CB  . PHE A 1 122 ? 3.129   10.943  6.561   1.00 32.51 ? 122 PHE X CB  1 
ATOM   974  C CG  . PHE A 1 122 ? 4.395   11.719  6.698   1.00 32.57 ? 122 PHE X CG  1 
ATOM   975  C CD1 . PHE A 1 122 ? 5.338   11.364  7.638   1.00 32.14 ? 122 PHE X CD1 1 
ATOM   976  C CD2 . PHE A 1 122 ? 4.654   12.787  5.859   1.00 32.05 ? 122 PHE X CD2 1 
ATOM   977  C CE1 . PHE A 1 122 ? 6.500   12.070  7.757   1.00 32.38 ? 122 PHE X CE1 1 
ATOM   978  C CE2 . PHE A 1 122 ? 5.816   13.495  5.974   1.00 32.58 ? 122 PHE X CE2 1 
ATOM   979  C CZ  . PHE A 1 122 ? 6.746   13.131  6.928   1.00 32.58 ? 122 PHE X CZ  1 
ATOM   980  N N   . PHE A 1 123 ? 2.349   7.960   6.175   1.00 33.69 ? 123 PHE X N   1 
ATOM   981  C CA  . PHE A 1 123 ? 1.360   7.044   6.771   1.00 33.66 ? 123 PHE X CA  1 
ATOM   982  C C   . PHE A 1 123 ? 0.816   7.609   8.065   1.00 33.63 ? 123 PHE X C   1 
ATOM   983  O O   . PHE A 1 123 ? 1.574   8.165   8.838   1.00 33.17 ? 123 PHE X O   1 
ATOM   984  C CB  . PHE A 1 123 ? 2.000   5.680   7.047   1.00 32.80 ? 123 PHE X CB  1 
ATOM   985  C CG  . PHE A 1 123 ? 1.003   4.565   7.161   1.00 33.19 ? 123 PHE X CG  1 
ATOM   986  C CD1 . PHE A 1 123 ? 0.253   4.171   6.061   1.00 32.70 ? 123 PHE X CD1 1 
ATOM   987  C CD2 . PHE A 1 123 ? 0.791   3.924   8.372   1.00 32.52 ? 123 PHE X CD2 1 
ATOM   988  C CE1 . PHE A 1 123 ? -0.657  3.145   6.175   1.00 32.73 ? 123 PHE X CE1 1 
ATOM   989  C CE2 . PHE A 1 123 ? -0.134  2.898   8.476   1.00 32.34 ? 123 PHE X CE2 1 
ATOM   990  C CZ  . PHE A 1 123 ? -0.851  2.516   7.386   1.00 32.08 ? 123 PHE X CZ  1 
ATOM   991  N N   . PRO A 1 124 ? -0.499  7.473   8.298   1.00 34.70 ? 124 PRO X N   1 
ATOM   992  C CA  . PRO A 1 124 ? -1.098  7.794   9.583   1.00 35.87 ? 124 PRO X CA  1 
ATOM   993  C C   . PRO A 1 124 ? -0.387  7.130   10.763  1.00 37.38 ? 124 PRO X C   1 
ATOM   994  O O   . PRO A 1 124 ? -0.044  5.945   10.693  1.00 37.72 ? 124 PRO X O   1 
ATOM   995  C CB  . PRO A 1 124 ? -2.551  7.302   9.451   1.00 35.41 ? 124 PRO X CB  1 
ATOM   996  C CG  . PRO A 1 124 ? -2.610  6.524   8.168   1.00 35.48 ? 124 PRO X CG  1 
ATOM   997  C CD  . PRO A 1 124 ? -1.509  7.052   7.319   1.00 35.29 ? 124 PRO X CD  1 
ATOM   998  N N   . PRO A 1 125 ? -0.145  7.911   11.834  1.00 38.07 ? 125 PRO X N   1 
ATOM   999  C CA  . PRO A 1 125 ? 0.330   7.399   13.111  1.00 38.49 ? 125 PRO X CA  1 
ATOM   1000 C C   . PRO A 1 125 ? -0.612  6.352   13.674  1.00 39.11 ? 125 PRO X C   1 
ATOM   1001 O O   . PRO A 1 125 ? -1.829  6.533   13.669  1.00 39.57 ? 125 PRO X O   1 
ATOM   1002 C CB  . PRO A 1 125 ? 0.342   8.637   14.010  1.00 39.06 ? 125 PRO X CB  1 
ATOM   1003 C CG  . PRO A 1 125 ? 0.413   9.805   13.056  1.00 39.18 ? 125 PRO X CG  1 
ATOM   1004 C CD  . PRO A 1 125 ? -0.328  9.376   11.842  1.00 38.37 ? 125 PRO X CD  1 
ATOM   1005 N N   . TYR A 1 126 ? -0.047  5.247   14.136  1.00 39.44 ? 126 TYR X N   1 
ATOM   1006 C CA  . TYR A 1 126 ? -0.844  4.183   14.673  1.00 39.65 ? 126 TYR X CA  1 
ATOM   1007 C C   . TYR A 1 126 ? -0.180  3.646   15.911  1.00 40.15 ? 126 TYR X C   1 
ATOM   1008 O O   . TYR A 1 126 ? 0.973   3.944   16.177  1.00 39.40 ? 126 TYR X O   1 
ATOM   1009 C CB  . TYR A 1 126 ? -1.020  3.075   13.642  1.00 38.54 ? 126 TYR X CB  1 
ATOM   1010 C CG  . TYR A 1 126 ? 0.268   2.433   13.152  1.00 38.54 ? 126 TYR X CG  1 
ATOM   1011 C CD1 . TYR A 1 126 ? 0.700   1.210   13.661  1.00 37.71 ? 126 TYR X CD1 1 
ATOM   1012 C CD2 . TYR A 1 126 ? 1.027   3.032   12.152  1.00 37.95 ? 126 TYR X CD2 1 
ATOM   1013 C CE1 . TYR A 1 126 ? 1.841   0.613   13.198  1.00 37.92 ? 126 TYR X CE1 1 
ATOM   1014 C CE2 . TYR A 1 126 ? 2.160   2.445   11.683  1.00 38.24 ? 126 TYR X CE2 1 
ATOM   1015 C CZ  . TYR A 1 126 ? 2.578   1.229   12.209  1.00 38.26 ? 126 TYR X CZ  1 
ATOM   1016 O OH  . TYR A 1 126 ? 3.736   0.646   11.730  1.00 37.95 ? 126 TYR X OH  1 
ATOM   1017 N N   . THR A 1 127 ? -0.917  2.858   16.680  1.00 42.10 ? 127 THR X N   1 
ATOM   1018 C CA  . THR A 1 127 ? -0.399  2.375   17.948  1.00 43.24 ? 127 THR X CA  1 
ATOM   1019 C C   . THR A 1 127 ? -0.426  0.845   18.013  1.00 44.55 ? 127 THR X C   1 
ATOM   1020 O O   . THR A 1 127 ? -1.350  0.199   17.510  1.00 45.32 ? 127 THR X O   1 
ATOM   1021 C CB  . THR A 1 127 ? -1.170  2.994   19.128  1.00 42.96 ? 127 THR X CB  1 
ATOM   1022 O OG1 . THR A 1 127 ? -0.667  2.453   20.354  1.00 42.92 ? 127 THR X OG1 1 
ATOM   1023 C CG2 . THR A 1 127 ? -2.649  2.712   19.005  1.00 42.39 ? 127 THR X CG2 1 
ATOM   1024 N N   . PHE A 1 128 ? 0.608   0.270   18.618  1.00 45.89 ? 128 PHE X N   1 
ATOM   1025 C CA  . PHE A 1 128 ? 0.755   -1.172  18.658  1.00 46.41 ? 128 PHE X CA  1 
ATOM   1026 C C   . PHE A 1 128 ? -0.156  -1.751  19.714  1.00 47.05 ? 128 PHE X C   1 
ATOM   1027 O O   . PHE A 1 128 ? -0.361  -2.954  19.779  1.00 47.84 ? 128 PHE X O   1 
ATOM   1028 C CB  . PHE A 1 128 ? 2.194   -1.540  18.973  1.00 47.88 ? 128 PHE X CB  1 
ATOM   1029 C CG  . PHE A 1 128 ? 3.054   -1.712  17.757  1.00 48.30 ? 128 PHE X CG  1 
ATOM   1030 C CD1 . PHE A 1 128 ? 2.974   -2.869  16.996  1.00 48.06 ? 128 PHE X CD1 1 
ATOM   1031 C CD2 . PHE A 1 128 ? 3.949   -0.710  17.374  1.00 48.86 ? 128 PHE X CD2 1 
ATOM   1032 C CE1 . PHE A 1 128 ? 3.762   -3.027  15.882  1.00 48.35 ? 128 PHE X CE1 1 
ATOM   1033 C CE2 . PHE A 1 128 ? 4.746   -0.860  16.248  1.00 48.47 ? 128 PHE X CE2 1 
ATOM   1034 C CZ  . PHE A 1 128 ? 4.652   -2.015  15.501  1.00 48.64 ? 128 PHE X CZ  1 
ATOM   1035 N N   . GLU A 1 129 ? -0.723  -0.888  20.541  1.00 47.44 ? 129 GLU X N   1 
ATOM   1036 C CA  . GLU A 1 129 ? -1.867  -1.280  21.362  1.00 47.75 ? 129 GLU X CA  1 
ATOM   1037 C C   . GLU A 1 129 ? -3.121  -1.651  20.566  1.00 47.19 ? 129 GLU X C   1 
ATOM   1038 O O   . GLU A 1 129 ? -4.034  -2.268  21.099  1.00 47.68 ? 129 GLU X O   1 
ATOM   1039 C CB  . GLU A 1 129 ? -2.206  -0.151  22.325  1.00 48.60 ? 129 GLU X CB  1 
ATOM   1040 C CG  . GLU A 1 129 ? -0.991  0.622   22.754  1.00 49.44 ? 129 GLU X CG  1 
ATOM   1041 C CD  . GLU A 1 129 ? -1.321  1.684   23.778  1.00 50.02 ? 129 GLU X CD  1 
ATOM   1042 O OE1 . GLU A 1 129 ? -0.772  1.595   24.899  1.00 51.55 ? 129 GLU X OE1 1 
ATOM   1043 O OE2 . GLU A 1 129 ? -2.122  2.606   23.461  1.00 51.11 ? 129 GLU X OE2 1 
ATOM   1044 N N   . ASP A 1 130 ? -3.176  -1.260  19.302  1.00 46.03 ? 130 ASP X N   1 
ATOM   1045 C CA  . ASP A 1 130 ? -4.374  -1.439  18.515  1.00 45.27 ? 130 ASP X CA  1 
ATOM   1046 C C   . ASP A 1 130 ? -4.171  -2.605  17.553  1.00 44.01 ? 130 ASP X C   1 
ATOM   1047 O O   . ASP A 1 130 ? -5.099  -3.020  16.840  1.00 43.02 ? 130 ASP X O   1 
ATOM   1048 C CB  . ASP A 1 130 ? -4.675  -0.163  17.723  1.00 46.25 ? 130 ASP X CB  1 
ATOM   1049 C CG  . ASP A 1 130 ? -5.200  0.972   18.597  1.00 46.98 ? 130 ASP X CG  1 
ATOM   1050 O OD1 . ASP A 1 130 ? -5.564  2.031   18.030  1.00 46.54 ? 130 ASP X OD1 1 
ATOM   1051 O OD2 . ASP A 1 130 ? -5.242  0.808   19.843  1.00 48.13 ? 130 ASP X OD2 1 
ATOM   1052 N N   . TRP A 1 131 ? -2.944  -3.118  17.531  1.00 42.94 ? 131 TRP X N   1 
ATOM   1053 C CA  . TRP A 1 131 ? -2.452  -3.923  16.408  1.00 42.43 ? 131 TRP X CA  1 
ATOM   1054 C C   . TRP A 1 131 ? -1.531  -5.023  16.887  1.00 41.71 ? 131 TRP X C   1 
ATOM   1055 O O   . TRP A 1 131 ? -0.530  -4.757  17.543  1.00 40.94 ? 131 TRP X O   1 
ATOM   1056 C CB  . TRP A 1 131 ? -1.702  -3.054  15.396  1.00 41.74 ? 131 TRP X CB  1 
ATOM   1057 C CG  . TRP A 1 131 ? -2.589  -2.096  14.685  1.00 41.40 ? 131 TRP X CG  1 
ATOM   1058 C CD1 . TRP A 1 131 ? -2.703  -0.762  14.924  1.00 41.07 ? 131 TRP X CD1 1 
ATOM   1059 C CD2 . TRP A 1 131 ? -3.503  -2.401  13.628  1.00 41.19 ? 131 TRP X CD2 1 
ATOM   1060 N NE1 . TRP A 1 131 ? -3.631  -0.212  14.072  1.00 41.34 ? 131 TRP X NE1 1 
ATOM   1061 C CE2 . TRP A 1 131 ? -4.137  -1.200  13.268  1.00 41.29 ? 131 TRP X CE2 1 
ATOM   1062 C CE3 . TRP A 1 131 ? -3.839  -3.570  12.945  1.00 41.33 ? 131 TRP X CE3 1 
ATOM   1063 C CZ2 . TRP A 1 131 ? -5.094  -1.137  12.256  1.00 41.50 ? 131 TRP X CZ2 1 
ATOM   1064 C CZ3 . TRP A 1 131 ? -4.785  -3.505  11.941  1.00 41.35 ? 131 TRP X CZ3 1 
ATOM   1065 C CH2 . TRP A 1 131 ? -5.402  -2.296  11.606  1.00 41.34 ? 131 TRP X CH2 1 
ATOM   1066 N N   . GLU A 1 132 ? -1.880  -6.258  16.541  1.00 41.96 ? 132 GLU X N   1 
ATOM   1067 C CA  . GLU A 1 132 ? -1.106  -7.433  16.926  1.00 41.84 ? 132 GLU X CA  1 
ATOM   1068 C C   . GLU A 1 132 ? -0.131  -7.848  15.814  1.00 40.47 ? 132 GLU X C   1 
ATOM   1069 O O   . GLU A 1 132 ? -0.500  -7.940  14.636  1.00 39.15 ? 132 GLU X O   1 
ATOM   1070 C CB  . GLU A 1 132 ? -2.067  -8.589  17.256  1.00 43.00 ? 132 GLU X CB  1 
ATOM   1071 C CG  . GLU A 1 132 ? -1.400  -9.954  17.460  1.00 43.87 ? 132 GLU X CG  1 
ATOM   1072 C CD  . GLU A 1 132 ? -2.411  -11.113 17.551  1.00 44.96 ? 132 GLU X CD  1 
ATOM   1073 O OE1 . GLU A 1 132 ? -2.393  -11.823 18.592  1.00 45.15 ? 132 GLU X OE1 1 
ATOM   1074 O OE2 . GLU A 1 132 ? -3.209  -11.317 16.582  1.00 46.67 ? 132 GLU X OE2 1 
ATOM   1075 N N   . VAL A 1 133 ? 1.111   -8.110  16.206  1.00 39.61 ? 133 VAL X N   1 
ATOM   1076 C CA  . VAL A 1 133 ? 2.167   -8.511  15.275  1.00 38.96 ? 133 VAL X CA  1 
ATOM   1077 C C   . VAL A 1 133 ? 2.036   -10.004 14.926  1.00 38.38 ? 133 VAL X C   1 
ATOM   1078 O O   . VAL A 1 133 ? 2.610   -10.875 15.591  1.00 38.24 ? 133 VAL X O   1 
ATOM   1079 C CB  . VAL A 1 133 ? 3.588   -8.211  15.859  1.00 38.89 ? 133 VAL X CB  1 
ATOM   1080 C CG1 . VAL A 1 133 ? 4.665   -8.531  14.854  1.00 38.80 ? 133 VAL X CG1 1 
ATOM   1081 C CG2 . VAL A 1 133 ? 3.700   -6.744  16.313  1.00 38.45 ? 133 VAL X CG2 1 
ATOM   1082 N N   . ALA A 1 134 ? 1.260   -10.287 13.883  1.00 37.07 ? 134 ALA X N   1 
ATOM   1083 C CA  . ALA A 1 134 ? 1.073   -11.648 13.420  1.00 36.42 ? 134 ALA X CA  1 
ATOM   1084 C C   . ALA A 1 134 ? 2.426   -12.187 12.968  1.00 36.26 ? 134 ALA X C   1 
ATOM   1085 O O   . ALA A 1 134 ? 2.694   -13.388 13.073  1.00 37.35 ? 134 ALA X O   1 
ATOM   1086 C CB  . ALA A 1 134 ? 0.066   -11.691 12.297  1.00 35.38 ? 134 ALA X CB  1 
ATOM   1087 N N   . SER A 1 135 ? 3.289   -11.291 12.497  1.00 35.68 ? 135 SER X N   1 
ATOM   1088 C CA  . SER A 1 135 ? 4.591   -11.688 11.991  1.00 35.64 ? 135 SER X CA  1 
ATOM   1089 C C   . SER A 1 135 ? 5.517   -10.502 11.747  1.00 35.49 ? 135 SER X C   1 
ATOM   1090 O O   . SER A 1 135 ? 5.100   -9.430  11.283  1.00 36.20 ? 135 SER X O   1 
ATOM   1091 C CB  . SER A 1 135 ? 4.453   -12.535 10.712  1.00 35.29 ? 135 SER X CB  1 
ATOM   1092 O OG  . SER A 1 135 ? 3.681   -11.886 9.713   1.00 34.13 ? 135 SER X OG  1 
ATOM   1093 N N   . SER A 1 136 ? 6.780   -10.722 12.069  1.00 35.04 ? 136 SER X N   1 
ATOM   1094 C CA  . SER A 1 136 ? 7.846   -9.772  11.818  1.00 36.04 ? 136 SER X CA  1 
ATOM   1095 C C   . SER A 1 136 ? 9.066   -10.527 11.283  1.00 36.51 ? 136 SER X C   1 
ATOM   1096 O O   . SER A 1 136 ? 9.598   -11.424 11.922  1.00 35.87 ? 136 SER X O   1 
ATOM   1097 C CB  . SER A 1 136 ? 8.189   -9.004  13.104  1.00 35.19 ? 136 SER X CB  1 
ATOM   1098 O OG  . SER A 1 136 ? 9.266   -8.109  12.906  1.00 34.08 ? 136 SER X OG  1 
ATOM   1099 N N   . VAL A 1 137 ? 9.466   -10.173 10.070  1.00 38.76 ? 137 VAL X N   1 
ATOM   1100 C CA  . VAL A 1 137 ? 10.486  -10.895 9.339   1.00 39.55 ? 137 VAL X CA  1 
ATOM   1101 C C   . VAL A 1 137 ? 11.403  -9.865  8.689   1.00 40.80 ? 137 VAL X C   1 
ATOM   1102 O O   . VAL A 1 137 ? 11.014  -9.153  7.755   1.00 40.32 ? 137 VAL X O   1 
ATOM   1103 C CB  . VAL A 1 137 ? 9.866   -11.834 8.295   1.00 39.79 ? 137 VAL X CB  1 
ATOM   1104 C CG1 . VAL A 1 137 ? 10.926  -12.741 7.656   1.00 39.60 ? 137 VAL X CG1 1 
ATOM   1105 C CG2 . VAL A 1 137 ? 8.765   -12.681 8.938   1.00 39.59 ? 137 VAL X CG2 1 
ATOM   1106 N N   . GLU A 1 138 ? 12.613  -9.785  9.239   1.00 42.20 ? 138 GLU X N   1 
ATOM   1107 C CA  . GLU A 1 138 ? 13.742  -9.056  8.660   1.00 43.04 ? 138 GLU X CA  1 
ATOM   1108 C C   . GLU A 1 138 ? 13.926  -9.267  7.161   1.00 44.20 ? 138 GLU X C   1 
ATOM   1109 O O   . GLU A 1 138 ? 14.207  -10.378 6.720   1.00 44.60 ? 138 GLU X O   1 
ATOM   1110 C CB  . GLU A 1 138 ? 14.997  -9.547  9.332   1.00 43.25 ? 138 GLU X CB  1 
ATOM   1111 C CG  . GLU A 1 138 ? 15.474  -8.747  10.513  1.00 43.90 ? 138 GLU X CG  1 
ATOM   1112 C CD  . GLU A 1 138 ? 16.969  -8.871  10.634  1.00 44.29 ? 138 GLU X CD  1 
ATOM   1113 O OE1 . GLU A 1 138 ? 17.667  -8.377  9.718   1.00 44.69 ? 138 GLU X OE1 1 
ATOM   1114 O OE2 . GLU A 1 138 ? 17.446  -9.513  11.602  1.00 45.78 ? 138 GLU X OE2 1 
ATOM   1115 N N   . GLY A 1 139 ? 13.806  -8.198  6.378   1.00 45.12 ? 139 GLY X N   1 
ATOM   1116 C CA  . GLY A 1 139 ? 14.226  -8.240  4.986   1.00 45.46 ? 139 GLY X CA  1 
ATOM   1117 C C   . GLY A 1 139 ? 15.697  -8.598  4.873   1.00 46.03 ? 139 GLY X C   1 
ATOM   1118 O O   . GLY A 1 139 ? 16.513  -8.167  5.688   1.00 45.68 ? 139 GLY X O   1 
ATOM   1119 N N   . LYS A 1 140 ? 16.032  -9.396  3.862   1.00 46.97 ? 140 LYS X N   1 
ATOM   1120 C CA  . LYS A 1 140 ? 17.425  -9.742  3.578   1.00 47.55 ? 140 LYS X CA  1 
ATOM   1121 C C   . LYS A 1 140 ? 18.097  -8.664  2.721   1.00 47.17 ? 140 LYS X C   1 
ATOM   1122 O O   . LYS A 1 140 ? 17.498  -8.126  1.781   1.00 46.59 ? 140 LYS X O   1 
ATOM   1123 C CB  . LYS A 1 140 ? 17.510  -11.120 2.903   1.00 48.38 ? 140 LYS X CB  1 
ATOM   1124 C CG  . LYS A 1 140 ? 16.835  -12.249 3.715   1.00 48.60 ? 140 LYS X CG  1 
ATOM   1125 C CD  . LYS A 1 140 ? 17.703  -13.504 3.820   1.00 48.77 ? 140 LYS X CD  1 
ATOM   1126 C CE  . LYS A 1 140 ? 16.896  -14.770 3.465   1.00 49.04 ? 140 LYS X CE  1 
ATOM   1127 N NZ  . LYS A 1 140 ? 17.046  -15.869 4.474   1.00 48.83 ? 140 LYS X NZ  1 
ATOM   1128 N N   . LEU A 1 141 ? 19.333  -8.332  3.079   1.00 47.38 ? 141 LEU X N   1 
ATOM   1129 C CA  . LEU A 1 141 ? 20.074  -7.282  2.396   1.00 48.68 ? 141 LEU X CA  1 
ATOM   1130 C C   . LEU A 1 141 ? 21.010  -7.911  1.369   1.00 49.10 ? 141 LEU X C   1 
ATOM   1131 O O   . LEU A 1 141 ? 21.605  -8.948  1.629   1.00 49.39 ? 141 LEU X O   1 
ATOM   1132 C CB  . LEU A 1 141 ? 20.847  -6.429  3.404   1.00 48.67 ? 141 LEU X CB  1 
ATOM   1133 C CG  . LEU A 1 141 ? 19.971  -5.699  4.438   1.00 49.03 ? 141 LEU X CG  1 
ATOM   1134 C CD1 . LEU A 1 141 ? 20.778  -4.737  5.317   1.00 48.98 ? 141 LEU X CD1 1 
ATOM   1135 C CD2 . LEU A 1 141 ? 18.828  -4.945  3.753   1.00 49.14 ? 141 LEU X CD2 1 
ATOM   1136 N N   . ASP A 1 142 ? 21.094  -7.310  0.188   1.00 50.06 ? 142 ASP X N   1 
ATOM   1137 C CA  . ASP A 1 142 ? 22.266  -7.467  -0.678  1.00 50.96 ? 142 ASP X CA  1 
ATOM   1138 C C   . ASP A 1 142 ? 22.752  -6.116  -1.226  1.00 51.33 ? 142 ASP X C   1 
ATOM   1139 O O   . ASP A 1 142 ? 22.447  -5.060  -0.671  1.00 51.14 ? 142 ASP X O   1 
ATOM   1140 C CB  . ASP A 1 142 ? 21.989  -8.450  -1.828  1.00 50.82 ? 142 ASP X CB  1 
ATOM   1141 C CG  . ASP A 1 142 ? 20.564  -8.362  -2.370  1.00 50.96 ? 142 ASP X CG  1 
ATOM   1142 O OD1 . ASP A 1 142 ? 19.788  -9.321  -2.182  1.00 51.17 ? 142 ASP X OD1 1 
ATOM   1143 O OD2 . ASP A 1 142 ? 20.220  -7.356  -3.017  1.00 51.13 ? 142 ASP X OD2 1 
ATOM   1144 N N   . GLU A 1 143 ? 23.534  -6.157  -2.294  1.00 52.01 ? 143 GLU X N   1 
ATOM   1145 C CA  . GLU A 1 143 ? 23.952  -4.935  -2.971  1.00 52.95 ? 143 GLU X CA  1 
ATOM   1146 C C   . GLU A 1 143 ? 22.715  -4.265  -3.570  1.00 52.86 ? 143 GLU X C   1 
ATOM   1147 O O   . GLU A 1 143 ? 22.521  -3.056  -3.452  1.00 53.31 ? 143 GLU X O   1 
ATOM   1148 C CB  . GLU A 1 143 ? 24.978  -5.258  -4.065  1.00 53.97 ? 143 GLU X CB  1 
ATOM   1149 C CG  . GLU A 1 143 ? 26.252  -4.397  -4.035  1.00 54.60 ? 143 GLU X CG  1 
ATOM   1150 C CD  . GLU A 1 143 ? 27.544  -5.225  -4.087  1.00 54.71 ? 143 GLU X CD  1 
ATOM   1151 O OE1 . GLU A 1 143 ? 27.806  -5.889  -5.117  1.00 55.50 ? 143 GLU X OE1 1 
ATOM   1152 O OE2 . GLU A 1 143 ? 28.308  -5.203  -3.099  1.00 55.58 ? 143 GLU X OE2 1 
ATOM   1153 N N   . LYS A 1 144 ? 21.862  -5.081  -4.182  1.00 52.91 ? 144 LYS X N   1 
ATOM   1154 C CA  . LYS A 1 144 ? 20.650  -4.597  -4.859  1.00 51.93 ? 144 LYS X CA  1 
ATOM   1155 C C   . LYS A 1 144 ? 19.542  -4.238  -3.866  1.00 50.68 ? 144 LYS X C   1 
ATOM   1156 O O   . LYS A 1 144 ? 18.488  -3.735  -4.256  1.00 50.82 ? 144 LYS X O   1 
ATOM   1157 C CB  . LYS A 1 144 ? 20.150  -5.663  -5.845  1.00 52.33 ? 144 LYS X CB  1 
ATOM   1158 C CG  . LYS A 1 144 ? 20.553  -5.401  -7.299  1.00 52.66 ? 144 LYS X CG  1 
ATOM   1159 C CD  . LYS A 1 144 ? 20.941  -6.692  -8.022  1.00 53.03 ? 144 LYS X CD  1 
ATOM   1160 C CE  . LYS A 1 144 ? 19.978  -7.038  -9.174  1.00 53.54 ? 144 LYS X CE  1 
ATOM   1161 N NZ  . LYS A 1 144 ? 20.598  -6.874  -10.538 1.00 53.63 ? 144 LYS X NZ  1 
ATOM   1162 N N   . ASN A 1 145 ? 19.788  -4.510  -2.587  1.00 49.15 ? 145 ASN X N   1 
ATOM   1163 C CA  . ASN A 1 145 ? 18.804  -4.297  -1.533  1.00 48.04 ? 145 ASN X CA  1 
ATOM   1164 C C   . ASN A 1 145 ? 19.494  -3.885  -0.250  1.00 46.33 ? 145 ASN X C   1 
ATOM   1165 O O   . ASN A 1 145 ? 19.771  -4.726  0.606   1.00 46.41 ? 145 ASN X O   1 
ATOM   1166 C CB  . ASN A 1 145 ? 17.982  -5.563  -1.275  1.00 47.69 ? 145 ASN X CB  1 
ATOM   1167 C CG  . ASN A 1 145 ? 16.985  -5.868  -2.401  1.00 47.47 ? 145 ASN X CG  1 
ATOM   1168 O OD1 . ASN A 1 145 ? 15.905  -5.265  -2.498  1.00 46.50 ? 145 ASN X OD1 1 
ATOM   1169 N ND2 . ASN A 1 145 ? 17.342  -6.826  -3.245  1.00 46.96 ? 145 ASN X ND2 1 
ATOM   1170 N N   . THR A 1 146 ? 19.759  -2.589  -0.119  1.00 44.74 ? 146 THR X N   1 
ATOM   1171 C CA  . THR A 1 146 ? 20.894  -2.089  0.663   1.00 43.56 ? 146 THR X CA  1 
ATOM   1172 C C   . THR A 1 146 ? 20.409  -1.328  1.919   1.00 42.57 ? 146 THR X C   1 
ATOM   1173 O O   . THR A 1 146 ? 21.204  -1.018  2.809   1.00 41.86 ? 146 THR X O   1 
ATOM   1174 C CB  . THR A 1 146 ? 21.815  -1.156  -0.201  1.00 43.98 ? 146 THR X CB  1 
ATOM   1175 O OG1 . THR A 1 146 ? 21.222  0.140   -0.329  1.00 44.39 ? 146 THR X OG1 1 
ATOM   1176 C CG2 . THR A 1 146 ? 22.037  -1.721  -1.600  1.00 43.46 ? 146 THR X CG2 1 
ATOM   1177 N N   . ILE A 1 147 ? 19.099  -1.046  1.969   1.00 42.18 ? 147 ILE X N   1 
ATOM   1178 C CA  . ILE A 1 147 ? 18.400  -0.554  3.180   1.00 41.06 ? 147 ILE X CA  1 
ATOM   1179 C C   . ILE A 1 147 ? 17.785  -1.652  4.059   1.00 40.17 ? 147 ILE X C   1 
ATOM   1180 O O   . ILE A 1 147 ? 17.037  -2.512  3.580   1.00 39.12 ? 147 ILE X O   1 
ATOM   1181 C CB  . ILE A 1 147 ? 17.225  0.371   2.800   1.00 41.48 ? 147 ILE X CB  1 
ATOM   1182 C CG1 . ILE A 1 147 ? 17.563  1.186   1.554   1.00 41.83 ? 147 ILE X CG1 1 
ATOM   1183 C CG2 . ILE A 1 147 ? 16.871  1.298   3.957   1.00 41.49 ? 147 ILE X CG2 1 
ATOM   1184 C CD1 . ILE A 1 147 ? 16.699  0.866   0.359   1.00 42.06 ? 147 ILE X CD1 1 
ATOM   1185 N N   . PRO A 1 148 ? 18.056  -1.588  5.368   1.00 39.59 ? 148 PRO X N   1 
ATOM   1186 C CA  . PRO A 1 148 ? 17.351  -2.445  6.311   1.00 39.07 ? 148 PRO X CA  1 
ATOM   1187 C C   . PRO A 1 148 ? 15.834  -2.261  6.265   1.00 38.13 ? 148 PRO X C   1 
ATOM   1188 O O   . PRO A 1 148 ? 15.343  -1.149  6.186   1.00 37.14 ? 148 PRO X O   1 
ATOM   1189 C CB  . PRO A 1 148 ? 17.919  -2.019  7.669   1.00 39.55 ? 148 PRO X CB  1 
ATOM   1190 C CG  . PRO A 1 148 ? 19.228  -1.366  7.364   1.00 39.81 ? 148 PRO X CG  1 
ATOM   1191 C CD  . PRO A 1 148 ? 19.039  -0.712  6.036   1.00 39.63 ? 148 PRO X CD  1 
ATOM   1192 N N   . HIS A 1 149 ? 15.102  -3.365  6.300   1.00 37.76 ? 149 HIS X N   1 
ATOM   1193 C CA  . HIS A 1 149 ? 13.661  -3.314  6.246   1.00 37.30 ? 149 HIS X CA  1 
ATOM   1194 C C   . HIS A 1 149 ? 13.067  -4.534  6.938   1.00 37.62 ? 149 HIS X C   1 
ATOM   1195 O O   . HIS A 1 149 ? 13.667  -5.627  6.929   1.00 36.94 ? 149 HIS X O   1 
ATOM   1196 C CB  . HIS A 1 149 ? 13.180  -3.218  4.805   1.00 36.91 ? 149 HIS X CB  1 
ATOM   1197 C CG  . HIS A 1 149 ? 13.596  -4.365  3.943   1.00 36.61 ? 149 HIS X CG  1 
ATOM   1198 N ND1 . HIS A 1 149 ? 14.896  -4.546  3.521   1.00 36.64 ? 149 HIS X ND1 1 
ATOM   1199 C CD2 . HIS A 1 149 ? 12.876  -5.369  3.385   1.00 36.40 ? 149 HIS X CD2 1 
ATOM   1200 C CE1 . HIS A 1 149 ? 14.963  -5.628  2.765   1.00 36.49 ? 149 HIS X CE1 1 
ATOM   1201 N NE2 . HIS A 1 149 ? 13.751  -6.146  2.666   1.00 36.15 ? 149 HIS X NE2 1 
ATOM   1202 N N   . THR A 1 150 ? 11.901  -4.340  7.558   1.00 36.90 ? 150 THR X N   1 
ATOM   1203 C CA  . THR A 1 150 ? 11.200  -5.453  8.184   1.00 36.86 ? 150 THR X CA  1 
ATOM   1204 C C   . THR A 1 150 ? 9.751   -5.526  7.743   1.00 36.23 ? 150 THR X C   1 
ATOM   1205 O O   . THR A 1 150 ? 9.031   -4.543  7.768   1.00 36.27 ? 150 THR X O   1 
ATOM   1206 C CB  . THR A 1 150 ? 11.273  -5.372  9.720   1.00 37.07 ? 150 THR X CB  1 
ATOM   1207 O OG1 . THR A 1 150 ? 12.621  -5.075  10.109  1.00 37.58 ? 150 THR X OG1 1 
ATOM   1208 C CG2 . THR A 1 150 ? 10.819  -6.678  10.364  1.00 36.55 ? 150 THR X CG2 1 
ATOM   1209 N N   . PHE A 1 151 ? 9.345   -6.717  7.335   1.00 36.27 ? 151 PHE X N   1 
ATOM   1210 C CA  . PHE A 1 151 ? 7.988   -6.985  6.927   1.00 36.10 ? 151 PHE X CA  1 
ATOM   1211 C C   . PHE A 1 151 ? 7.153   -7.304  8.144   1.00 35.64 ? 151 PHE X C   1 
ATOM   1212 O O   . PHE A 1 151 ? 7.328   -8.363  8.750   1.00 35.67 ? 151 PHE X O   1 
ATOM   1213 C CB  . PHE A 1 151 ? 7.971   -8.185  5.991   1.00 37.40 ? 151 PHE X CB  1 
ATOM   1214 C CG  . PHE A 1 151 ? 8.616   -7.926  4.657   1.00 37.84 ? 151 PHE X CG  1 
ATOM   1215 C CD1 . PHE A 1 151 ? 8.276   -6.808  3.912   1.00 37.61 ? 151 PHE X CD1 1 
ATOM   1216 C CD2 . PHE A 1 151 ? 9.542   -8.810  4.140   1.00 38.19 ? 151 PHE X CD2 1 
ATOM   1217 C CE1 . PHE A 1 151 ? 8.842   -6.581  2.689   1.00 37.44 ? 151 PHE X CE1 1 
ATOM   1218 C CE2 . PHE A 1 151 ? 10.115  -8.576  2.892   1.00 38.25 ? 151 PHE X CE2 1 
ATOM   1219 C CZ  . PHE A 1 151 ? 9.760   -7.459  2.178   1.00 37.41 ? 151 PHE X CZ  1 
ATOM   1220 N N   . LEU A 1 152 ? 6.266   -6.375  8.503   1.00 34.76 ? 152 LEU X N   1 
ATOM   1221 C CA  . LEU A 1 152 ? 5.265   -6.588  9.542   1.00 34.76 ? 152 LEU X CA  1 
ATOM   1222 C C   . LEU A 1 152 ? 3.962   -7.046  8.934   1.00 34.66 ? 152 LEU X C   1 
ATOM   1223 O O   . LEU A 1 152 ? 3.526   -6.520  7.905   1.00 35.51 ? 152 LEU X O   1 
ATOM   1224 C CB  . LEU A 1 152 ? 4.970   -5.299  10.293  1.00 33.79 ? 152 LEU X CB  1 
ATOM   1225 C CG  . LEU A 1 152 ? 6.032   -4.777  11.244  1.00 33.33 ? 152 LEU X CG  1 
ATOM   1226 C CD1 . LEU A 1 152 ? 5.441   -3.623  12.048  1.00 32.25 ? 152 LEU X CD1 1 
ATOM   1227 C CD2 . LEU A 1 152 ? 6.566   -5.909  12.133  1.00 32.22 ? 152 LEU X CD2 1 
ATOM   1228 N N   . HIS A 1 153 ? 3.313   -7.998  9.589   1.00 34.02 ? 153 HIS X N   1 
ATOM   1229 C CA  . HIS A 1 153 ? 1.910   -8.202  9.355   1.00 34.14 ? 153 HIS X CA  1 
ATOM   1230 C C   . HIS A 1 153 ? 1.179   -7.945  10.659  1.00 34.39 ? 153 HIS X C   1 
ATOM   1231 O O   . HIS A 1 153 ? 1.432   -8.620  11.647  1.00 34.61 ? 153 HIS X O   1 
ATOM   1232 C CB  . HIS A 1 153 ? 1.668   -9.611  8.836   1.00 33.76 ? 153 HIS X CB  1 
ATOM   1233 C CG  . HIS A 1 153 ? 0.233   -9.903  8.557   1.00 34.20 ? 153 HIS X CG  1 
ATOM   1234 N ND1 . HIS A 1 153 ? -0.347  -11.120 8.842   1.00 34.30 ? 153 HIS X ND1 1 
ATOM   1235 C CD2 . HIS A 1 153 ? -0.744  -9.133  8.022   1.00 34.00 ? 153 HIS X CD2 1 
ATOM   1236 C CE1 . HIS A 1 153 ? -1.617  -11.091 8.484   1.00 34.33 ? 153 HIS X CE1 1 
ATOM   1237 N NE2 . HIS A 1 153 ? -1.882  -9.896  7.983   1.00 34.41 ? 153 HIS X NE2 1 
ATOM   1238 N N   . LEU A 1 154 ? 0.298   -6.946  10.661  1.00 35.11 ? 154 LEU X N   1 
ATOM   1239 C CA  . LEU A 1 154 ? -0.459  -6.560  11.858  1.00 35.77 ? 154 LEU X CA  1 
ATOM   1240 C C   . LEU A 1 154 ? -1.947  -6.896  11.719  1.00 36.01 ? 154 LEU X C   1 
ATOM   1241 O O   . LEU A 1 154 ? -2.547  -6.665  10.662  1.00 35.25 ? 154 LEU X O   1 
ATOM   1242 C CB  . LEU A 1 154 ? -0.318  -5.062  12.110  1.00 36.21 ? 154 LEU X CB  1 
ATOM   1243 C CG  . LEU A 1 154 ? 1.100   -4.525  12.220  1.00 36.72 ? 154 LEU X CG  1 
ATOM   1244 C CD1 . LEU A 1 154 ? 1.073   -3.009  12.402  1.00 36.80 ? 154 LEU X CD1 1 
ATOM   1245 C CD2 . LEU A 1 154 ? 1.833   -5.208  13.369  1.00 37.59 ? 154 LEU X CD2 1 
ATOM   1246 N N   . ILE A 1 155 ? -2.543  -7.434  12.783  1.00 36.67 ? 155 ILE X N   1 
ATOM   1247 C CA  . ILE A 1 155 ? -3.993  -7.601  12.821  1.00 37.37 ? 155 ILE X CA  1 
ATOM   1248 C C   . ILE A 1 155 ? -4.631  -6.785  13.937  1.00 38.07 ? 155 ILE X C   1 
ATOM   1249 O O   . ILE A 1 155 ? -4.097  -6.692  15.044  1.00 37.48 ? 155 ILE X O   1 
ATOM   1250 C CB  . ILE A 1 155 ? -4.408  -9.068  12.994  1.00 37.43 ? 155 ILE X CB  1 
ATOM   1251 C CG1 . ILE A 1 155 ? -3.749  -9.941  11.921  1.00 37.39 ? 155 ILE X CG1 1 
ATOM   1252 C CG2 . ILE A 1 155 ? -5.954  -9.185  12.938  1.00 36.44 ? 155 ILE X CG2 1 
ATOM   1253 C CD1 . ILE A 1 155 ? -4.008  -11.421 12.085  1.00 37.20 ? 155 ILE X CD1 1 
ATOM   1254 N N   . ARG A 1 156 ? -5.782  -6.191  13.637  1.00 39.31 ? 156 ARG X N   1 
ATOM   1255 C CA  . ARG A 1 156 ? -6.417  -5.270  14.579  1.00 39.47 ? 156 ARG X CA  1 
ATOM   1256 C C   . ARG A 1 156 ? -6.725  -6.063  15.833  1.00 40.13 ? 156 ARG X C   1 
ATOM   1257 O O   . ARG A 1 156 ? -7.317  -7.136  15.752  1.00 40.00 ? 156 ARG X O   1 
ATOM   1258 C CB  . ARG A 1 156 ? -7.711  -4.696  13.982  1.00 40.03 ? 156 ARG X CB  1 
ATOM   1259 C CG  . ARG A 1 156 ? -8.496  -3.796  14.936  1.00 39.75 ? 156 ARG X CG  1 
ATOM   1260 C CD  . ARG A 1 156 ? -9.716  -3.158  14.275  1.00 39.52 ? 156 ARG X CD  1 
ATOM   1261 N NE  . ARG A 1 156 ? -9.464  -2.759  12.889  1.00 39.73 ? 156 ARG X NE  1 
ATOM   1262 C CZ  . ARG A 1 156 ? -8.894  -1.612  12.527  1.00 39.26 ? 156 ARG X CZ  1 
ATOM   1263 N NH1 . ARG A 1 156 ? -8.490  -0.745  13.446  1.00 39.27 ? 156 ARG X NH1 1 
ATOM   1264 N NH2 . ARG A 1 156 ? -8.711  -1.342  11.243  1.00 38.94 ? 156 ARG X NH2 1 
ATOM   1265 N N   . LYS A 1 157 ? -6.318  -5.555  16.991  1.00 39.93 ? 157 LYS X N   1 
ATOM   1266 C CA  . LYS A 1 157 ? -6.641  -6.218  18.237  1.00 40.12 ? 157 LYS X CA  1 
ATOM   1267 C C   . LYS A 1 157 ? -8.130  -6.101  18.514  1.00 40.62 ? 157 LYS X C   1 
ATOM   1268 O O   . LYS A 1 157 ? -8.798  -5.211  17.985  1.00 41.61 ? 157 LYS X O   1 
ATOM   1269 C CB  . LYS A 1 157 ? -5.852  -5.609  19.384  1.00 40.21 ? 157 LYS X CB  1 
ATOM   1270 C CG  . LYS A 1 157 ? -4.385  -5.946  19.369  1.00 40.24 ? 157 LYS X CG  1 
ATOM   1271 C CD  . LYS A 1 157 ? -3.803  -5.736  20.742  1.00 40.34 ? 157 LYS X CD  1 
ATOM   1272 C CE  . LYS A 1 157 ? -2.340  -5.423  20.686  1.00 40.56 ? 157 LYS X CE  1 
ATOM   1273 N NZ  . LYS A 1 157 ? -1.916  -4.861  21.993  1.00 40.85 ? 157 LYS X NZ  1 
HETATM 1274 P PA  . NAP B 2 .   ? -3.461  9.131   -3.559  1.00 37.12 ? 301 NAP X PA  1 
HETATM 1275 O O1A . NAP B 2 .   ? -2.741  8.089   -4.316  1.00 36.29 ? 301 NAP X O1A 1 
HETATM 1276 O O2A . NAP B 2 .   ? -4.055  8.675   -2.294  1.00 36.38 ? 301 NAP X O2A 1 
HETATM 1277 O O5B . NAP B 2 .   ? -4.603  9.676   -4.543  1.00 37.88 ? 301 NAP X O5B 1 
HETATM 1278 C C5B . NAP B 2 .   ? -5.524  10.615  -4.043  1.00 39.11 ? 301 NAP X C5B 1 
HETATM 1279 C C4B . NAP B 2 .   ? -6.621  10.795  -5.069  1.00 39.44 ? 301 NAP X C4B 1 
HETATM 1280 O O4B . NAP B 2 .   ? -7.500  9.700   -4.966  1.00 40.41 ? 301 NAP X O4B 1 
HETATM 1281 C C3B . NAP B 2 .   ? -7.495  12.020  -4.856  1.00 40.11 ? 301 NAP X C3B 1 
HETATM 1282 O O3B . NAP B 2 .   ? -6.925  13.220  -5.347  1.00 40.13 ? 301 NAP X O3B 1 
HETATM 1283 C C2B . NAP B 2 .   ? -8.742  11.572  -5.594  1.00 40.31 ? 301 NAP X C2B 1 
HETATM 1284 O O2B . NAP B 2 .   ? -8.530  11.620  -6.981  1.00 38.70 ? 301 NAP X O2B 1 
HETATM 1285 C C1B . NAP B 2 .   ? -8.832  10.116  -5.206  1.00 41.60 ? 301 NAP X C1B 1 
HETATM 1286 N N9A . NAP B 2 .   ? -9.629  9.939   -3.988  1.00 42.14 ? 301 NAP X N9A 1 
HETATM 1287 C C8A . NAP B 2 .   ? -9.148  9.710   -2.726  1.00 42.52 ? 301 NAP X C8A 1 
HETATM 1288 N N7A . NAP B 2 .   ? -10.188 9.591   -1.870  1.00 42.43 ? 301 NAP X N7A 1 
HETATM 1289 C C5A . NAP B 2 .   ? -11.331 9.734   -2.583  1.00 43.02 ? 301 NAP X C5A 1 
HETATM 1290 C C6A . NAP B 2 .   ? -12.666 9.706   -2.217  1.00 42.61 ? 301 NAP X C6A 1 
HETATM 1291 N N6A . NAP B 2 .   ? -13.003 9.499   -0.943  1.00 42.29 ? 301 NAP X N6A 1 
HETATM 1292 N N1A . NAP B 2 .   ? -13.632 9.904   -3.185  1.00 42.46 ? 301 NAP X N1A 1 
HETATM 1293 C C2A . NAP B 2 .   ? -13.279 10.116  -4.498  1.00 42.24 ? 301 NAP X C2A 1 
HETATM 1294 N N3A . NAP B 2 .   ? -11.957 10.140  -4.858  1.00 42.55 ? 301 NAP X N3A 1 
HETATM 1295 C C4A . NAP B 2 .   ? -10.996 9.958   -3.915  1.00 42.96 ? 301 NAP X C4A 1 
HETATM 1296 O O3  . NAP B 2 .   ? -2.547  10.450  -3.340  1.00 36.51 ? 301 NAP X O3  1 
HETATM 1297 P PN  . NAP B 2 .   ? -1.680  11.096  -2.140  1.00 35.36 ? 301 NAP X PN  1 
HETATM 1298 O O1N . NAP B 2 .   ? -2.514  11.183  -0.925  1.00 35.64 ? 301 NAP X O1N 1 
HETATM 1299 O O2N . NAP B 2 .   ? -1.033  12.311  -2.674  1.00 34.96 ? 301 NAP X O2N 1 
HETATM 1300 O O5D . NAP B 2 .   ? -0.572  9.959   -1.956  1.00 34.56 ? 301 NAP X O5D 1 
HETATM 1301 C C5D . NAP B 2 .   ? 0.373   9.750   -2.971  1.00 34.24 ? 301 NAP X C5D 1 
HETATM 1302 C C4D . NAP B 2 .   ? 1.715   9.509   -2.299  1.00 33.64 ? 301 NAP X C4D 1 
HETATM 1303 O O4D . NAP B 2 .   ? 1.697   8.217   -1.728  1.00 33.26 ? 301 NAP X O4D 1 
HETATM 1304 C C3D . NAP B 2 .   ? 2.884   9.566   -3.283  1.00 32.80 ? 301 NAP X C3D 1 
HETATM 1305 O O3D . NAP B 2 .   ? 3.967   10.242  -2.690  1.00 31.42 ? 301 NAP X O3D 1 
HETATM 1306 C C2D . NAP B 2 .   ? 3.255   8.127   -3.502  1.00 32.67 ? 301 NAP X C2D 1 
HETATM 1307 O O2D . NAP B 2 .   ? 4.613   8.030   -3.841  1.00 32.27 ? 301 NAP X O2D 1 
HETATM 1308 C C1D . NAP B 2 .   ? 2.876   7.529   -2.143  1.00 32.97 ? 301 NAP X C1D 1 
HETATM 1309 N N1N . NAP B 2 .   ? 2.632   6.071   -2.096  1.00 32.46 ? 301 NAP X N1N 1 
HETATM 1310 C C2N . NAP B 2 .   ? 3.346   5.338   -1.190  1.00 32.81 ? 301 NAP X C2N 1 
HETATM 1311 C C3N . NAP B 2 .   ? 3.154   3.962   -1.077  1.00 33.06 ? 301 NAP X C3N 1 
HETATM 1312 C C7N . NAP B 2 .   ? 4.001   3.246   -0.152  1.00 33.09 ? 301 NAP X C7N 1 
HETATM 1313 O O7N . NAP B 2 .   ? 3.745   2.015   0.227   1.00 33.21 ? 301 NAP X O7N 1 
HETATM 1314 N N7N . NAP B 2 .   ? 5.078   3.851   0.357   1.00 33.82 ? 301 NAP X N7N 1 
HETATM 1315 C C4N . NAP B 2 .   ? 2.214   3.343   -1.898  1.00 32.68 ? 301 NAP X C4N 1 
HETATM 1316 C C5N . NAP B 2 .   ? 1.501   4.105   -2.820  1.00 32.58 ? 301 NAP X C5N 1 
HETATM 1317 C C6N . NAP B 2 .   ? 1.717   5.474   -2.905  1.00 32.37 ? 301 NAP X C6N 1 
HETATM 1318 P P2B . NAP B 2 .   ? -9.165  12.799  -7.866  1.00 37.21 ? 301 NAP X P2B 1 
HETATM 1319 O O1X . NAP B 2 .   ? -10.600 12.976  -7.479  1.00 37.18 ? 301 NAP X O1X 1 
HETATM 1320 O O2X . NAP B 2 .   ? -9.002  12.405  -9.317  1.00 38.48 ? 301 NAP X O2X 1 
HETATM 1321 O O3X . NAP B 2 .   ? -8.454  14.094  -7.614  1.00 38.42 ? 301 NAP X O3X 1 
HETATM 1322 N N4  . XCF C 3 .   ? 5.258   -1.774  0.405   1.00 37.83 ? 300 XCF X N4  1 
HETATM 1323 C C3  . XCF C 3 .   ? 4.715   -1.213  -0.703  1.00 37.91 ? 300 XCF X C3  1 
HETATM 1324 N N5  . XCF C 3 .   ? 3.386   -1.050  -0.740  1.00 37.70 ? 300 XCF X N5  1 
HETATM 1325 N N2  . XCF C 3 .   ? 5.495   -0.849  -1.742  1.00 37.82 ? 300 XCF X N2  1 
HETATM 1326 C C1  . XCF C 3 .   ? 4.941   -0.307  -2.838  1.00 37.65 ? 300 XCF X C1  1 
HETATM 1327 C C8  . XCF C 3 .   ? 3.558   -0.123  -2.891  1.00 37.92 ? 300 XCF X C8  1 
HETATM 1328 C C6  . XCF C 3 .   ? 2.792   -0.507  -1.803  1.00 37.56 ? 300 XCF X C6  1 
HETATM 1329 N N7  . XCF C 3 .   ? 1.446   -0.346  -1.803  1.00 37.69 ? 300 XCF X N7  1 
HETATM 1330 C C9  . XCF C 3 .   ? 2.843   0.481   -4.095  1.00 38.08 ? 300 XCF X C9  1 
HETATM 1331 C C10 . XCF C 3 .   ? 3.717   1.146   -5.148  1.00 38.47 ? 300 XCF X C10 1 
HETATM 1332 C C11 . XCF C 3 .   ? 4.404   0.371   -6.068  1.00 38.20 ? 300 XCF X C11 1 
HETATM 1333 C C27 . XCF C 3 .   ? 4.268   -1.101  -6.081  1.00 37.98 ? 300 XCF X C27 1 
HETATM 1334 C C28 . XCF C 3 .   ? 4.669   -1.775  -7.148  1.00 38.29 ? 300 XCF X C28 1 
HETATM 1335 C C14 . XCF C 3 .   ? 5.247   -1.044  -8.344  1.00 38.81 ? 300 XCF X C14 1 
HETATM 1336 C C24 . XCF C 3 .   ? 6.147   -1.937  -9.196  1.00 39.30 ? 300 XCF X C24 1 
HETATM 1337 C C25 . XCF C 3 .   ? 5.448   -2.308  -10.509 1.00 39.70 ? 300 XCF X C25 1 
HETATM 1338 C C26 . XCF C 3 .   ? 6.693   -1.427  -10.539 1.00 39.30 ? 300 XCF X C26 1 
HETATM 1339 O O13 . XCF C 3 .   ? 5.862   0.193   -7.939  1.00 38.57 ? 300 XCF X O13 1 
HETATM 1340 C C12 . XCF C 3 .   ? 5.181   0.977   -7.038  1.00 38.35 ? 300 XCF X C12 1 
HETATM 1341 C C15 . XCF C 3 .   ? 5.290   2.350   -7.106  1.00 38.46 ? 300 XCF X C15 1 
HETATM 1342 O O16 . XCF C 3 .   ? 6.077   2.894   -8.103  1.00 38.70 ? 300 XCF X O16 1 
HETATM 1343 C C17 . XCF C 3 .   ? 5.721   2.689   -9.474  1.00 38.89 ? 300 XCF X C17 1 
HETATM 1344 C C18 . XCF C 3 .   ? 4.615   3.146   -6.191  1.00 38.12 ? 300 XCF X C18 1 
HETATM 1345 C C21 . XCF C 3 .   ? 3.821   2.540   -5.216  1.00 38.30 ? 300 XCF X C21 1 
HETATM 1346 O O19 . XCF C 3 .   ? 4.718   4.518   -6.257  1.00 37.80 ? 300 XCF X O19 1 
HETATM 1347 C C20 . XCF C 3 .   ? 4.081   5.323   -5.265  1.00 37.25 ? 300 XCF X C20 1 
HETATM 1348 O O   . HOH D 4 .   ? 3.586   -6.131  -8.386  1.00 26.02 ? 159 HOH X O   1 
HETATM 1349 O O   . HOH D 4 .   ? -11.665 0.699   -21.184 1.00 47.24 ? 160 HOH X O   1 
HETATM 1350 O O   . HOH D 4 .   ? -7.675  11.657  3.899   1.00 41.51 ? 161 HOH X O   1 
HETATM 1351 O O   . HOH D 4 .   ? 3.456   13.495  -11.015 1.00 31.46 ? 162 HOH X O   1 
HETATM 1352 O O   . HOH D 4 .   ? 14.849  14.120  -1.513  1.00 39.99 ? 163 HOH X O   1 
HETATM 1353 O O   . HOH D 4 .   ? -8.837  -12.188 -3.896  1.00 47.74 ? 164 HOH X O   1 
HETATM 1354 O O   . HOH D 4 .   ? -9.884  -9.901  -5.012  1.00 43.81 ? 165 HOH X O   1 
HETATM 1355 O O   . HOH D 4 .   ? 1.736   -14.657 -0.318  1.00 44.04 ? 166 HOH X O   1 
HETATM 1356 O O   . HOH D 4 .   ? -0.956  -13.537 -4.210  1.00 47.50 ? 167 HOH X O   1 
HETATM 1357 O O   . HOH D 4 .   ? 6.760   -6.504  -11.677 1.00 47.82 ? 168 HOH X O   1 
HETATM 1358 O O   . HOH D 4 .   ? 9.151   12.365  -8.809  1.00 41.17 ? 169 HOH X O   1 
HETATM 1359 O O   . HOH D 4 .   ? -0.599  -13.130 4.663   1.00 41.16 ? 170 HOH X O   1 
HETATM 1360 O O   . HOH D 4 .   ? -4.429  -13.498 0.166   1.00 56.47 ? 171 HOH X O   1 
HETATM 1361 O O   . HOH D 4 .   ? 13.540  -1.417  -6.788  1.00 53.62 ? 172 HOH X O   1 
HETATM 1362 O O   . HOH D 4 .   ? 11.360  -6.434  -7.419  1.00 35.34 ? 173 HOH X O   1 
HETATM 1363 O O   . HOH D 4 .   ? 10.391  -0.511  -3.135  1.00 38.94 ? 174 HOH X O   1 
HETATM 1364 O O   . HOH D 4 .   ? 8.471   -0.218  -1.664  1.00 38.08 ? 175 HOH X O   1 
HETATM 1365 O O   . HOH D 4 .   ? 7.936   5.300   -6.985  1.00 40.90 ? 176 HOH X O   1 
HETATM 1366 O O   . HOH D 4 .   ? 1.073   10.683  -9.100  1.00 33.72 ? 177 HOH X O   1 
HETATM 1367 O O   . HOH D 4 .   ? -9.794  13.155  -2.592  1.00 48.53 ? 178 HOH X O   1 
HETATM 1368 O O   . HOH D 4 .   ? -11.463 12.594  -0.592  1.00 50.01 ? 179 HOH X O   1 
HETATM 1369 O O   . HOH D 4 .   ? -16.229 8.746   -0.532  1.00 37.86 ? 180 HOH X O   1 
HETATM 1370 O O   . HOH D 4 .   ? -15.323 -12.123 -1.142  1.00 43.03 ? 181 HOH X O   1 
HETATM 1371 O O   . HOH D 4 .   ? -3.510  2.840   16.494  1.00 53.75 ? 182 HOH X O   1 
HETATM 1372 O O   . HOH D 4 .   ? -15.494 1.658   16.583  1.00 71.07 ? 183 HOH X O   1 
HETATM 1373 O O   . HOH D 4 .   ? -0.106  11.600  9.307   1.00 42.98 ? 184 HOH X O   1 
HETATM 1374 O O   . HOH D 4 .   ? 1.279   13.397  -3.652  1.00 26.51 ? 185 HOH X O   1 
HETATM 1375 O O   . HOH D 4 .   ? 10.494  10.980  -5.315  1.00 42.67 ? 186 HOH X O   1 
HETATM 1376 O O   . HOH D 4 .   ? 7.149   11.635  11.522  1.00 28.36 ? 187 HOH X O   1 
HETATM 1377 O O   . HOH D 4 .   ? 8.574   11.086  13.489  1.00 47.52 ? 188 HOH X O   1 
HETATM 1378 O O   . HOH D 4 .   ? 3.372   6.716   15.057  1.00 50.18 ? 189 HOH X O   1 
HETATM 1379 O O   . HOH D 4 .   ? 4.768   3.355   13.970  1.00 46.81 ? 190 HOH X O   1 
HETATM 1380 O O   . HOH D 4 .   ? 3.381   4.575   14.434  1.00 42.26 ? 191 HOH X O   1 
HETATM 1381 O O   . HOH D 4 .   ? 2.677   1.567   18.663  1.00 86.70 ? 192 HOH X O   1 
HETATM 1382 O O   . HOH D 4 .   ? -3.775  -3.647  23.749  1.00 47.43 ? 193 HOH X O   1 
HETATM 1383 O O   . HOH D 4 .   ? 1.171   -13.560 9.138   1.00 29.37 ? 194 HOH X O   1 
HETATM 1384 O O   . HOH D 4 .   ? -11.788 -8.047  10.595  1.00 61.50 ? 195 HOH X O   1 
HETATM 1385 O O   . HOH D 4 .   ? -10.614 10.578  6.262   1.00 68.94 ? 196 HOH X O   1 
HETATM 1386 O O   . HOH D 4 .   ? 11.416  0.886   -4.813  1.00 34.09 ? 197 HOH X O   1 
HETATM 1387 O O   . HOH D 4 .   ? -3.432  16.384  -8.876  1.00 32.96 ? 198 HOH X O   1 
HETATM 1388 O O   . HOH D 4 .   ? -8.272  12.198  -13.646 1.00 40.15 ? 199 HOH X O   1 
HETATM 1389 O O   . HOH D 4 .   ? 4.548   -4.310  2.762   1.00 26.28 ? 200 HOH X O   1 
HETATM 1390 O O   . HOH D 4 .   ? 4.143   -7.143  5.444   1.00 30.07 ? 201 HOH X O   1 
HETATM 1391 O O   . HOH D 4 .   ? 6.112   -10.490 8.114   1.00 40.55 ? 202 HOH X O   1 
HETATM 1392 O O   . HOH D 4 .   ? 4.214   -9.492  5.985   1.00 36.54 ? 203 HOH X O   1 
HETATM 1393 O O   . HOH D 4 .   ? 4.218   -11.554 4.255   1.00 46.83 ? 204 HOH X O   1 
HETATM 1394 O O   . HOH D 4 .   ? 1.514   -5.862  19.272  1.00 40.00 ? 205 HOH X O   1 
HETATM 1395 O O   . HOH D 4 .   ? -2.176  -9.391  19.194  1.00 45.56 ? 206 HOH X O   1 
HETATM 1396 O O   . HOH D 4 .   ? 4.659   -4.244  18.942  1.00 57.24 ? 207 HOH X O   1 
HETATM 1397 O O   . HOH D 4 .   ? 9.128   13.534  10.075  1.00 33.92 ? 208 HOH X O   1 
HETATM 1398 O O   . HOH D 4 .   ? 10.904  -2.261  16.720  1.00 46.54 ? 209 HOH X O   1 
HETATM 1399 O O   . HOH D 4 .   ? 10.646  8.112   15.836  1.00 63.22 ? 210 HOH X O   1 
HETATM 1400 O O   . HOH D 4 .   ? -0.855  -11.173 23.853  1.00 40.94 ? 211 HOH X O   1 
HETATM 1401 O O   . HOH D 4 .   ? 1.486   -8.432  18.984  1.00 33.20 ? 212 HOH X O   1 
HETATM 1402 O O   . HOH D 4 .   ? -6.542  2.669   -21.831 1.00 58.24 ? 213 HOH X O   1 
HETATM 1403 O O   . HOH D 4 .   ? 1.026   -15.426 -9.955  1.00 60.30 ? 214 HOH X O   1 
HETATM 1404 O O   . HOH D 4 .   ? 13.016  11.593  -0.928  1.00 36.01 ? 215 HOH X O   1 
HETATM 1405 O O   . HOH D 4 .   ? 15.577  10.904  1.000   1.00 36.34 ? 216 HOH X O   1 
HETATM 1406 O O   . HOH D 4 .   ? -0.992  10.354  6.757   1.00 36.77 ? 217 HOH X O   1 
HETATM 1407 O O   . HOH D 4 .   ? 16.742  -6.080  7.268   1.00 39.28 ? 218 HOH X O   1 
HETATM 1408 O O   . HOH D 4 .   ? 15.252  -5.277  9.393   1.00 35.02 ? 219 HOH X O   1 
HETATM 1409 O O   . HOH D 4 .   ? 19.402  -5.503  9.009   1.00 35.16 ? 220 HOH X O   1 
HETATM 1410 O O   . HOH D 4 .   ? -2.560  12.433  10.733  1.00 58.78 ? 221 HOH X O   1 
HETATM 1411 O O   . HOH D 4 .   ? -9.833  5.502   8.644   1.00 37.15 ? 222 HOH X O   1 
HETATM 1412 O O   . HOH D 4 .   ? -2.106  6.447   12.327  1.00 59.22 ? 223 HOH X O   1 
HETATM 1413 O O   . HOH D 4 .   ? -5.109  -1.090  24.706  1.00 58.85 ? 224 HOH X O   1 
HETATM 1414 O O   . HOH D 4 .   ? -4.318  2.187   13.658  1.00 45.06 ? 225 HOH X O   1 
HETATM 1415 O O   . HOH D 4 .   ? -6.589  2.170   13.253  1.00 41.14 ? 226 HOH X O   1 
HETATM 1416 O O   . HOH D 4 .   ? -3.301  3.373   -18.327 1.00 61.09 ? 227 HOH X O   1 
HETATM 1417 O O   . HOH D 4 .   ? -17.663 -5.894  -7.407  1.00 49.18 ? 228 HOH X O   1 
HETATM 1418 O O   . HOH D 4 .   ? 3.859   -5.452  -11.832 1.00 37.30 ? 229 HOH X O   1 
HETATM 1419 O O   . HOH D 4 .   ? 10.302  14.356  5.416   1.00 31.37 ? 230 HOH X O   1 
HETATM 1420 O O   . HOH D 4 .   ? 11.577  10.414  7.509   1.00 37.59 ? 231 HOH X O   1 
HETATM 1421 O O   . HOH D 4 .   ? 9.921   17.335  2.571   1.00 28.37 ? 232 HOH X O   1 
HETATM 1422 O O   . HOH D 4 .   ? 2.538   16.460  0.204   1.00 50.96 ? 233 HOH X O   1 
HETATM 1423 O O   . HOH D 4 .   ? -3.477  13.166  2.061   1.00 42.69 ? 234 HOH X O   1 
HETATM 1424 O O   . HOH D 4 .   ? 23.164  -1.746  1.933   1.00 48.62 ? 235 HOH X O   1 
HETATM 1425 O O   . HOH D 4 .   ? 24.427  -5.757  2.109   1.00 59.27 ? 236 HOH X O   1 
HETATM 1426 O O   . HOH D 4 .   ? -5.667  -8.893  16.895  1.00 52.43 ? 237 HOH X O   1 
HETATM 1427 O O   . HOH D 4 .   ? -10.930 -3.638  17.910  1.00 45.52 ? 238 HOH X O   1 
HETATM 1428 O O   . HOH D 4 .   ? -3.555  5.740   16.413  1.00 43.62 ? 239 HOH X O   1 
HETATM 1429 O O   . HOH D 4 .   ? 10.072  12.736  14.853  1.00 54.35 ? 240 HOH X O   1 
HETATM 1430 O O   . HOH D 4 .   ? 10.012  12.919  7.845   1.00 27.70 ? 241 HOH X O   1 
HETATM 1431 O O   . HOH D 4 .   ? 12.724  -0.189  13.433  1.00 52.40 ? 242 HOH X O   1 
HETATM 1432 O O   . HOH D 4 .   ? 11.585  -4.742  15.828  1.00 54.22 ? 243 HOH X O   1 
HETATM 1433 O O   . HOH D 4 .   ? 11.294  -2.860  12.386  1.00 42.87 ? 244 HOH X O   1 
HETATM 1434 O O   . HOH D 4 .   ? 11.678  -8.587  13.272  1.00 37.48 ? 245 HOH X O   1 
HETATM 1435 O O   . HOH D 4 .   ? 13.098  -11.253 13.164  1.00 43.06 ? 246 HOH X O   1 
HETATM 1436 O O   . HOH D 4 .   ? 6.701   -12.083 5.348   1.00 38.19 ? 247 HOH X O   1 
HETATM 1437 O O   . HOH D 4 .   ? 9.167   -11.827 2.814   1.00 54.52 ? 248 HOH X O   1 
HETATM 1438 O O   . HOH D 4 .   ? -4.356  -10.803 4.814   1.00 27.58 ? 249 HOH X O   1 
HETATM 1439 O O   . HOH D 4 .   ? -5.102  -11.242 8.866   1.00 48.61 ? 250 HOH X O   1 
HETATM 1440 O O   . HOH D 4 .   ? 5.848   0.631   13.220  1.00 31.65 ? 251 HOH X O   1 
HETATM 1441 O O   . HOH D 4 .   ? -1.997  -12.618 -0.031  1.00 44.01 ? 252 HOH X O   1 
HETATM 1442 O O   . HOH D 4 .   ? -13.271 -5.673  0.478   1.00 53.53 ? 253 HOH X O   1 
HETATM 1443 O O   . HOH D 4 .   ? -12.813 15.341  -16.145 1.00 34.07 ? 254 HOH X O   1 
HETATM 1444 O O   . HOH D 4 .   ? -3.513  18.429  -5.933  1.00 49.18 ? 255 HOH X O   1 
HETATM 1445 O O   . HOH D 4 .   ? -16.527 15.913  -8.508  1.00 47.97 ? 256 HOH X O   1 
HETATM 1446 O O   . HOH D 4 .   ? -7.769  16.918  -7.506  1.00 44.08 ? 257 HOH X O   1 
HETATM 1447 O O   . HOH D 4 .   ? -18.419 12.702  -16.991 1.00 49.77 ? 258 HOH X O   1 
HETATM 1448 O O   . HOH D 4 .   ? -18.206 4.245   -8.194  1.00 63.36 ? 259 HOH X O   1 
HETATM 1449 O O   . HOH D 4 .   ? -20.215 6.487   -9.452  1.00 56.61 ? 260 HOH X O   1 
HETATM 1450 O O   . HOH D 4 .   ? 5.579   9.748   -10.267 1.00 41.48 ? 261 HOH X O   1 
HETATM 1451 O O   . HOH D 4 .   ? 3.986   -3.947  -13.276 1.00 42.64 ? 262 HOH X O   1 
HETATM 1452 O O   . HOH D 4 .   ? 14.991  9.826   -1.505  1.00 41.86 ? 263 HOH X O   1 
HETATM 1453 O O   . HOH D 4 .   ? 11.314  13.575  -7.111  1.00 35.26 ? 264 HOH X O   1 
HETATM 1454 O O   . HOH D 4 .   ? -1.560  8.445   -15.844 0.50 25.09 ? 265 HOH X O   1 
HETATM 1455 O O   . HOH D 4 .   ? -14.349 2.749   -16.646 1.00 46.08 ? 266 HOH X O   1 
HETATM 1456 O O   . HOH D 4 .   ? -15.323 -0.932  -10.338 1.00 45.32 ? 267 HOH X O   1 
HETATM 1457 O O   . HOH D 4 .   ? -17.603 -2.089  -5.266  1.00 45.42 ? 268 HOH X O   1 
HETATM 1458 O O   . HOH D 4 .   ? -22.766 2.350   -8.040  1.00 57.36 ? 269 HOH X O   1 
HETATM 1459 O O   . HOH D 4 .   ? -13.015 -7.928  5.998   1.00 51.89 ? 270 HOH X O   1 
HETATM 1460 O O   . HOH D 4 .   ? -14.270 -7.334  8.682   1.00 46.89 ? 271 HOH X O   1 
HETATM 1461 O O   . HOH D 4 .   ? -11.245 -4.955  11.192  1.00 50.60 ? 272 HOH X O   1 
HETATM 1462 O O   . HOH D 4 .   ? -14.647 -0.636  12.044  1.00 76.93 ? 273 HOH X O   1 
HETATM 1463 O O   . HOH D 4 .   ? -13.859 1.709   11.966  1.00 63.30 ? 274 HOH X O   1 
HETATM 1464 O O   . HOH D 4 .   ? -3.514  8.501   13.716  1.00 42.88 ? 275 HOH X O   1 
HETATM 1465 O O   . HOH D 4 .   ? -1.865  7.176   16.799  1.00 49.85 ? 276 HOH X O   1 
HETATM 1466 O O   . HOH D 4 .   ? 6.878   6.757   13.644  1.00 63.06 ? 277 HOH X O   1 
HETATM 1467 O O   . HOH D 4 .   ? 7.170   17.688  -2.393  1.00 44.02 ? 278 HOH X O   1 
HETATM 1468 O O   . HOH D 4 .   ? 5.653   -5.346  -7.715  1.00 48.20 ? 279 HOH X O   1 
HETATM 1469 O O   . HOH D 4 .   ? 7.558   -5.291  -9.164  1.00 43.69 ? 280 HOH X O   1 
HETATM 1470 O O   . HOH D 4 .   ? 7.443   -2.804  -13.774 1.00 53.89 ? 281 HOH X O   1 
HETATM 1471 O O   . HOH D 4 .   ? 9.748   -0.764  -10.381 1.00 47.69 ? 282 HOH X O   1 
HETATM 1472 O O   . HOH D 4 .   ? 15.059  6.251   -4.336  1.00 44.93 ? 283 HOH X O   1 
HETATM 1473 O O   . HOH D 4 .   ? -0.169  15.461  1.703   1.00 55.58 ? 284 HOH X O   1 
HETATM 1474 O O   . HOH D 4 .   ? -3.457  14.472  -2.240  1.00 57.61 ? 285 HOH X O   1 
HETATM 1475 O O   . HOH D 4 .   ? -17.602 11.878  -9.371  1.00 48.80 ? 286 HOH X O   1 
HETATM 1476 O O   . HOH D 4 .   ? -17.967 5.550   -13.302 1.00 48.83 ? 287 HOH X O   1 
HETATM 1477 O O   . HOH D 4 .   ? -14.519 1.282   -14.552 1.00 48.56 ? 288 HOH X O   1 
HETATM 1478 O O   . HOH D 4 .   ? 11.539  19.492  -1.036  1.00 39.85 ? 289 HOH X O   1 
HETATM 1479 O O   . HOH D 4 .   ? 0.688   6.962   17.159  1.00 42.55 ? 290 HOH X O   1 
HETATM 1480 O O   . HOH D 4 .   ? 14.976  10.835  16.914  1.00 45.31 ? 291 HOH X O   1 
HETATM 1481 O O   . HOH D 4 .   ? 17.068  13.664  15.989  1.00 58.05 ? 292 HOH X O   1 
HETATM 1482 O O   . HOH D 4 .   ? -4.420  7.281   19.126  1.00 59.42 ? 293 HOH X O   1 
HETATM 1483 O O   . HOH D 4 .   ? -12.564 -9.607  2.781   1.00 61.88 ? 294 HOH X O   1 
HETATM 1484 O O   . HOH D 4 .   ? -11.922 -10.694 7.478   1.00 60.81 ? 295 HOH X O   1 
HETATM 1485 O O   . HOH D 4 .   ? 4.087   2.774   -16.583 1.00 49.21 ? 296 HOH X O   1 
HETATM 1486 O O   . HOH D 4 .   ? 5.417   0.925   -12.572 1.00 65.18 ? 297 HOH X O   1 
HETATM 1487 O O   . HOH D 4 .   ? 12.085  5.648   -7.076  1.00 44.09 ? 298 HOH X O   1 
HETATM 1488 O O   . HOH D 4 .   ? 14.993  4.550   -6.977  1.00 58.77 ? 299 HOH X O   1 
HETATM 1489 O O   . HOH D 4 .   ? 1.221   9.380   -6.027  1.00 39.05 ? 302 HOH X O   1 
HETATM 1490 O O   . HOH D 4 .   ? 3.930   12.870  -3.118  1.00 29.04 ? 303 HOH X O   1 
HETATM 1491 O O   . HOH D 4 .   ? -13.190 9.698   3.050   1.00 39.87 ? 304 HOH X O   1 
HETATM 1492 O O   . HOH D 4 .   ? -0.418  -9.173  21.434  1.00 64.16 ? 305 HOH X O   1 
HETATM 1493 O O   . HOH D 4 .   ? -4.118  -9.709  21.307  1.00 46.22 ? 306 HOH X O   1 
HETATM 1494 O O   . HOH D 4 .   ? 7.498   -1.043  13.857  1.00 37.78 ? 307 HOH X O   1 
HETATM 1495 O O   . HOH D 4 .   ? -7.718  6.486   15.018  1.00 57.50 ? 308 HOH X O   1 
HETATM 1496 O O   . HOH D 4 .   ? -12.289 -7.380  -5.925  1.00 36.76 ? 309 HOH X O   1 
HETATM 1497 O O   . HOH D 4 .   ? -16.964 -7.600  -8.768  1.00 55.09 ? 310 HOH X O   1 
HETATM 1498 O O   . HOH D 4 .   ? -6.886  -6.876  -13.878 1.00 38.39 ? 311 HOH X O   1 
HETATM 1499 O O   . HOH D 4 .   ? -10.944 -5.242  -13.407 1.00 41.65 ? 312 HOH X O   1 
HETATM 1500 O O   . HOH D 4 .   ? -11.322 -5.141  -15.799 1.00 48.18 ? 313 HOH X O   1 
HETATM 1501 O O   . HOH D 4 .   ? 7.902   8.671   14.898  1.00 51.34 ? 314 HOH X O   1 
HETATM 1502 O O   . HOH D 4 .   ? 20.601  -8.785  5.564   1.00 43.07 ? 315 HOH X O   1 
HETATM 1503 O O   . HOH D 4 .   ? 3.734   -8.357  -12.792 1.00 49.35 ? 316 HOH X O   1 
HETATM 1504 O O   . HOH D 4 .   ? 6.117   4.163   -13.360 1.00 43.09 ? 317 HOH X O   1 
HETATM 1505 O O   . HOH D 4 .   ? 4.923   5.826   -14.441 1.00 46.11 ? 318 HOH X O   1 
# 
loop_
_pdbx_poly_seq_scheme.asym_id 
_pdbx_poly_seq_scheme.entity_id 
_pdbx_poly_seq_scheme.seq_id 
_pdbx_poly_seq_scheme.mon_id 
_pdbx_poly_seq_scheme.ndb_seq_num 
_pdbx_poly_seq_scheme.pdb_seq_num 
_pdbx_poly_seq_scheme.auth_seq_num 
_pdbx_poly_seq_scheme.pdb_mon_id 
_pdbx_poly_seq_scheme.auth_mon_id 
_pdbx_poly_seq_scheme.pdb_strand_id 
_pdbx_poly_seq_scheme.pdb_ins_code 
_pdbx_poly_seq_scheme.hetero 
A 1 1   THR 1   1   1   THR THR X . n 
A 1 2   LEU 2   2   2   LEU LEU X . n 
A 1 3   SER 3   3   3   SER SER X . n 
A 1 4   ILE 4   4   4   ILE ILE X . n 
A 1 5   LEU 5   5   5   LEU LEU X . n 
A 1 6   VAL 6   6   6   VAL VAL X . n 
A 1 7   ALA 7   7   7   ALA ALA X . n 
A 1 8   HIS 8   8   8   HIS HIS X . n 
A 1 9   ASP 9   9   9   ASP ASP X . n 
A 1 10  LEU 10  10  10  LEU LEU X . n 
A 1 11  GLN 11  11  11  GLN GLN X . n 
A 1 12  ARG 12  12  12  ARG ARG X . n 
A 1 13  VAL 13  13  13  VAL VAL X . n 
A 1 14  ILE 14  14  14  ILE ILE X . n 
A 1 15  GLY 15  15  15  GLY GLY X . n 
A 1 16  PHE 16  16  16  PHE PHE X . n 
A 1 17  GLU 17  17  17  GLU GLU X . n 
A 1 18  ASN 18  18  18  ASN ASN X . n 
A 1 19  GLN 19  19  19  GLN GLN X . n 
A 1 20  LEU 20  20  20  LEU LEU X . n 
A 1 21  PRO 21  21  21  PRO PRO X . n 
A 1 22  TRP 22  22  22  TRP TRP X . n 
A 1 23  HIS 23  23  23  HIS HIS X . n 
A 1 24  LEU 24  24  24  LEU LEU X . n 
A 1 25  PRO 25  25  25  PRO PRO X . n 
A 1 26  ASN 26  26  26  ASN ASN X . n 
A 1 27  ASP 27  27  27  ASP ASP X . n 
A 1 28  LEU 28  28  28  LEU LEU X . n 
A 1 29  LYS 29  29  29  LYS LYS X . n 
A 1 30  HIS 30  30  30  HIS HIS X . n 
A 1 31  VAL 31  31  31  VAL VAL X . n 
A 1 32  LYS 32  32  32  LYS LYS X . n 
A 1 33  LYS 33  33  33  LYS LYS X . n 
A 1 34  LEU 34  34  34  LEU LEU X . n 
A 1 35  SER 35  35  35  SER SER X . n 
A 1 36  THR 36  36  36  THR THR X . n 
A 1 37  GLY 37  37  37  GLY GLY X . n 
A 1 38  HIS 38  38  38  HIS HIS X . n 
A 1 39  THR 39  39  39  THR THR X . n 
A 1 40  LEU 40  40  40  LEU LEU X . n 
A 1 41  VAL 41  41  41  VAL VAL X . n 
A 1 42  MET 42  42  42  MET MET X . n 
A 1 43  GLY 43  43  43  GLY GLY X . n 
A 1 44  ARG 44  44  44  ARG ARG X . n 
A 1 45  LYS 45  45  45  LYS LYS X . n 
A 1 46  THR 46  46  46  THR THR X . n 
A 1 47  PHE 47  47  47  PHE PHE X . n 
A 1 48  GLU 48  48  48  GLU GLU X . n 
A 1 49  SER 49  49  49  SER SER X . n 
A 1 50  ILE 50  50  50  ILE ILE X . n 
A 1 51  GLY 51  51  51  GLY GLY X . n 
A 1 52  LYS 52  52  52  LYS LYS X . n 
A 1 53  PRO 53  53  53  PRO PRO X . n 
A 1 54  LEU 54  54  54  LEU LEU X . n 
A 1 55  PRO 55  55  55  PRO PRO X . n 
A 1 56  ASN 56  56  56  ASN ASN X . n 
A 1 57  ARG 57  57  57  ARG ARG X . n 
A 1 58  ARG 58  58  58  ARG ARG X . n 
A 1 59  ASN 59  59  59  ASN ASN X . n 
A 1 60  VAL 60  60  60  VAL VAL X . n 
A 1 61  VAL 61  61  61  VAL VAL X . n 
A 1 62  LEU 62  62  62  LEU LEU X . n 
A 1 63  THR 63  63  63  THR THR X . n 
A 1 64  SER 64  64  64  SER SER X . n 
A 1 65  ASP 65  65  65  ASP ASP X . n 
A 1 66  THR 66  66  66  THR THR X . n 
A 1 67  SER 67  67  67  SER SER X . n 
A 1 68  PHE 68  68  68  PHE PHE X . n 
A 1 69  ASN 69  69  69  ASN ASN X . n 
A 1 70  VAL 70  70  70  VAL VAL X . n 
A 1 71  GLU 71  71  71  GLU GLU X . n 
A 1 72  GLY 72  72  72  GLY GLY X . n 
A 1 73  VAL 73  73  73  VAL VAL X . n 
A 1 74  ASP 74  74  74  ASP ASP X . n 
A 1 75  VAL 75  75  75  VAL VAL X . n 
A 1 76  ILE 76  76  76  ILE ILE X . n 
A 1 77  HIS 77  77  77  HIS HIS X . n 
A 1 78  SER 78  78  78  SER SER X . n 
A 1 79  ILE 79  79  79  ILE ILE X . n 
A 1 80  GLU 80  80  80  GLU GLU X . n 
A 1 81  ASP 81  81  81  ASP ASP X . n 
A 1 82  ILE 82  82  82  ILE ILE X . n 
A 1 83  TYR 83  83  83  TYR TYR X . n 
A 1 84  GLN 84  84  84  GLN GLN X . n 
A 1 85  LEU 85  85  85  LEU LEU X . n 
A 1 86  PRO 86  86  86  PRO PRO X . n 
A 1 87  GLY 87  87  87  GLY GLY X . n 
A 1 88  HIS 88  88  88  HIS HIS X . n 
A 1 89  VAL 89  89  89  VAL VAL X . n 
A 1 90  PHE 90  90  90  PHE PHE X . n 
A 1 91  ILE 91  91  91  ILE ILE X . n 
A 1 92  PHE 92  92  92  PHE PHE X . n 
A 1 93  GLY 93  93  93  GLY GLY X . n 
A 1 94  GLY 94  94  94  GLY GLY X . n 
A 1 95  GLN 95  95  95  GLN GLN X . n 
A 1 96  THR 96  96  96  THR THR X . n 
A 1 97  LEU 97  97  97  LEU LEU X . n 
A 1 98  TYR 98  98  98  TYR TYR X . n 
A 1 99  GLU 99  99  99  GLU GLU X . n 
A 1 100 GLU 100 100 100 GLU GLU X . n 
A 1 101 MET 101 101 101 MET MET X . n 
A 1 102 ILE 102 102 102 ILE ILE X . n 
A 1 103 ASP 103 103 103 ASP ASP X . n 
A 1 104 LYS 104 104 104 LYS LYS X . n 
A 1 105 VAL 105 105 105 VAL VAL X . n 
A 1 106 ASP 106 106 106 ASP ASP X . n 
A 1 107 ASP 107 107 107 ASP ASP X . n 
A 1 108 MET 108 108 108 MET MET X . n 
A 1 109 TYR 109 109 109 TYR TYR X . n 
A 1 110 ILE 110 110 110 ILE ILE X . n 
A 1 111 THR 111 111 111 THR THR X . n 
A 1 112 VAL 112 112 112 VAL VAL X . n 
A 1 113 ILE 113 113 113 ILE ILE X . n 
A 1 114 GLU 114 114 114 GLU GLU X . n 
A 1 115 GLY 115 115 115 GLY GLY X . n 
A 1 116 LYS 116 116 116 LYS LYS X . n 
A 1 117 PHE 117 117 117 PHE PHE X . n 
A 1 118 ARG 118 118 118 ARG ARG X . n 
A 1 119 GLY 119 119 119 GLY GLY X . n 
A 1 120 ASP 120 120 120 ASP ASP X . n 
A 1 121 THR 121 121 121 THR THR X . n 
A 1 122 PHE 122 122 122 PHE PHE X . n 
A 1 123 PHE 123 123 123 PHE PHE X . n 
A 1 124 PRO 124 124 124 PRO PRO X . n 
A 1 125 PRO 125 125 125 PRO PRO X . n 
A 1 126 TYR 126 126 126 TYR TYR X . n 
A 1 127 THR 127 127 127 THR THR X . n 
A 1 128 PHE 128 128 128 PHE PHE X . n 
A 1 129 GLU 129 129 129 GLU GLU X . n 
A 1 130 ASP 130 130 130 ASP ASP X . n 
A 1 131 TRP 131 131 131 TRP TRP X . n 
A 1 132 GLU 132 132 132 GLU GLU X . n 
A 1 133 VAL 133 133 133 VAL VAL X . n 
A 1 134 ALA 134 134 134 ALA ALA X . n 
A 1 135 SER 135 135 135 SER SER X . n 
A 1 136 SER 136 136 136 SER SER X . n 
A 1 137 VAL 137 137 137 VAL VAL X . n 
A 1 138 GLU 138 138 138 GLU GLU X . n 
A 1 139 GLY 139 139 139 GLY GLY X . n 
A 1 140 LYS 140 140 140 LYS LYS X . n 
A 1 141 LEU 141 141 141 LEU LEU X . n 
A 1 142 ASP 142 142 142 ASP ASP X . n 
A 1 143 GLU 143 143 143 GLU GLU X . n 
A 1 144 LYS 144 144 144 LYS LYS X . n 
A 1 145 ASN 145 145 145 ASN ASN X . n 
A 1 146 THR 146 146 146 THR THR X . n 
A 1 147 ILE 147 147 147 ILE ILE X . n 
A 1 148 PRO 148 148 148 PRO PRO X . n 
A 1 149 HIS 149 149 149 HIS HIS X . n 
A 1 150 THR 150 150 150 THR THR X . n 
A 1 151 PHE 151 151 151 PHE PHE X . n 
A 1 152 LEU 152 152 152 LEU LEU X . n 
A 1 153 HIS 153 153 153 HIS HIS X . n 
A 1 154 LEU 154 154 154 LEU LEU X . n 
A 1 155 ILE 155 155 155 ILE ILE X . n 
A 1 156 ARG 156 156 156 ARG ARG X . n 
A 1 157 LYS 157 157 157 LYS LYS X . n 
A 1 158 LYS 158 158 ?   ?   ?   X . n 
# 
loop_
_pdbx_nonpoly_scheme.asym_id 
_pdbx_nonpoly_scheme.entity_id 
_pdbx_nonpoly_scheme.mon_id 
_pdbx_nonpoly_scheme.ndb_seq_num 
_pdbx_nonpoly_scheme.pdb_seq_num 
_pdbx_nonpoly_scheme.auth_seq_num 
_pdbx_nonpoly_scheme.pdb_mon_id 
_pdbx_nonpoly_scheme.auth_mon_id 
_pdbx_nonpoly_scheme.pdb_strand_id 
_pdbx_nonpoly_scheme.pdb_ins_code 
B 2 NAP 1   301 301 NAP NAP X . 
C 3 XCF 1   300 300 XCF XCP X . 
D 4 HOH 1   159 1   HOH HOH X . 
D 4 HOH 2   160 160 HOH HOH X . 
D 4 HOH 3   161 161 HOH HOH X . 
D 4 HOH 4   162 162 HOH HOH X . 
D 4 HOH 5   163 163 HOH HOH X . 
D 4 HOH 6   164 164 HOH HOH X . 
D 4 HOH 7   165 165 HOH HOH X . 
D 4 HOH 8   166 166 HOH HOH X . 
D 4 HOH 9   167 167 HOH HOH X . 
D 4 HOH 10  168 168 HOH HOH X . 
D 4 HOH 11  169 169 HOH HOH X . 
D 4 HOH 12  170 170 HOH HOH X . 
D 4 HOH 13  171 171 HOH HOH X . 
D 4 HOH 14  172 3   HOH HOH X . 
D 4 HOH 15  173 4   HOH HOH X . 
D 4 HOH 16  174 5   HOH HOH X . 
D 4 HOH 17  175 6   HOH HOH X . 
D 4 HOH 18  176 7   HOH HOH X . 
D 4 HOH 19  177 8   HOH HOH X . 
D 4 HOH 20  178 9   HOH HOH X . 
D 4 HOH 21  179 10  HOH HOH X . 
D 4 HOH 22  180 11  HOH HOH X . 
D 4 HOH 23  181 13  HOH HOH X . 
D 4 HOH 24  182 14  HOH HOH X . 
D 4 HOH 25  183 16  HOH HOH X . 
D 4 HOH 26  184 17  HOH HOH X . 
D 4 HOH 27  185 18  HOH HOH X . 
D 4 HOH 28  186 19  HOH HOH X . 
D 4 HOH 29  187 20  HOH HOH X . 
D 4 HOH 30  188 21  HOH HOH X . 
D 4 HOH 31  189 22  HOH HOH X . 
D 4 HOH 32  190 23  HOH HOH X . 
D 4 HOH 33  191 24  HOH HOH X . 
D 4 HOH 34  192 25  HOH HOH X . 
D 4 HOH 35  193 26  HOH HOH X . 
D 4 HOH 36  194 27  HOH HOH X . 
D 4 HOH 37  195 28  HOH HOH X . 
D 4 HOH 38  196 29  HOH HOH X . 
D 4 HOH 39  197 31  HOH HOH X . 
D 4 HOH 40  198 32  HOH HOH X . 
D 4 HOH 41  199 33  HOH HOH X . 
D 4 HOH 42  200 34  HOH HOH X . 
D 4 HOH 43  201 35  HOH HOH X . 
D 4 HOH 44  202 36  HOH HOH X . 
D 4 HOH 45  203 37  HOH HOH X . 
D 4 HOH 46  204 38  HOH HOH X . 
D 4 HOH 47  205 39  HOH HOH X . 
D 4 HOH 48  206 40  HOH HOH X . 
D 4 HOH 49  207 41  HOH HOH X . 
D 4 HOH 50  208 42  HOH HOH X . 
D 4 HOH 51  209 43  HOH HOH X . 
D 4 HOH 52  210 44  HOH HOH X . 
D 4 HOH 53  211 45  HOH HOH X . 
D 4 HOH 54  212 46  HOH HOH X . 
D 4 HOH 55  213 47  HOH HOH X . 
D 4 HOH 56  214 48  HOH HOH X . 
D 4 HOH 57  215 49  HOH HOH X . 
D 4 HOH 58  216 50  HOH HOH X . 
D 4 HOH 59  217 52  HOH HOH X . 
D 4 HOH 60  218 53  HOH HOH X . 
D 4 HOH 61  219 54  HOH HOH X . 
D 4 HOH 62  220 55  HOH HOH X . 
D 4 HOH 63  221 56  HOH HOH X . 
D 4 HOH 64  222 57  HOH HOH X . 
D 4 HOH 65  223 58  HOH HOH X . 
D 4 HOH 66  224 60  HOH HOH X . 
D 4 HOH 67  225 62  HOH HOH X . 
D 4 HOH 68  226 63  HOH HOH X . 
D 4 HOH 69  227 64  HOH HOH X . 
D 4 HOH 70  228 65  HOH HOH X . 
D 4 HOH 71  229 66  HOH HOH X . 
D 4 HOH 72  230 68  HOH HOH X . 
D 4 HOH 73  231 69  HOH HOH X . 
D 4 HOH 74  232 70  HOH HOH X . 
D 4 HOH 75  233 71  HOH HOH X . 
D 4 HOH 76  234 72  HOH HOH X . 
D 4 HOH 77  235 73  HOH HOH X . 
D 4 HOH 78  236 74  HOH HOH X . 
D 4 HOH 79  237 75  HOH HOH X . 
D 4 HOH 80  238 76  HOH HOH X . 
D 4 HOH 81  239 77  HOH HOH X . 
D 4 HOH 82  240 78  HOH HOH X . 
D 4 HOH 83  241 79  HOH HOH X . 
D 4 HOH 84  242 80  HOH HOH X . 
D 4 HOH 85  243 81  HOH HOH X . 
D 4 HOH 86  244 82  HOH HOH X . 
D 4 HOH 87  245 83  HOH HOH X . 
D 4 HOH 88  246 84  HOH HOH X . 
D 4 HOH 89  247 85  HOH HOH X . 
D 4 HOH 90  248 86  HOH HOH X . 
D 4 HOH 91  249 87  HOH HOH X . 
D 4 HOH 92  250 88  HOH HOH X . 
D 4 HOH 93  251 89  HOH HOH X . 
D 4 HOH 94  252 90  HOH HOH X . 
D 4 HOH 95  253 91  HOH HOH X . 
D 4 HOH 96  254 92  HOH HOH X . 
D 4 HOH 97  255 93  HOH HOH X . 
D 4 HOH 98  256 94  HOH HOH X . 
D 4 HOH 99  257 95  HOH HOH X . 
D 4 HOH 100 258 96  HOH HOH X . 
D 4 HOH 101 259 97  HOH HOH X . 
D 4 HOH 102 260 98  HOH HOH X . 
D 4 HOH 103 261 99  HOH HOH X . 
D 4 HOH 104 262 100 HOH HOH X . 
D 4 HOH 105 263 102 HOH HOH X . 
D 4 HOH 106 264 103 HOH HOH X . 
D 4 HOH 107 265 104 HOH HOH X . 
D 4 HOH 108 266 105 HOH HOH X . 
D 4 HOH 109 267 106 HOH HOH X . 
D 4 HOH 110 268 107 HOH HOH X . 
D 4 HOH 111 269 108 HOH HOH X . 
D 4 HOH 112 270 110 HOH HOH X . 
D 4 HOH 113 271 111 HOH HOH X . 
D 4 HOH 114 272 112 HOH HOH X . 
D 4 HOH 115 273 113 HOH HOH X . 
D 4 HOH 116 274 114 HOH HOH X . 
D 4 HOH 117 275 116 HOH HOH X . 
D 4 HOH 118 276 117 HOH HOH X . 
D 4 HOH 119 277 118 HOH HOH X . 
D 4 HOH 120 278 119 HOH HOH X . 
D 4 HOH 121 279 121 HOH HOH X . 
D 4 HOH 122 280 122 HOH HOH X . 
D 4 HOH 123 281 123 HOH HOH X . 
D 4 HOH 124 282 124 HOH HOH X . 
D 4 HOH 125 283 125 HOH HOH X . 
D 4 HOH 126 284 126 HOH HOH X . 
D 4 HOH 127 285 127 HOH HOH X . 
D 4 HOH 128 286 128 HOH HOH X . 
D 4 HOH 129 287 129 HOH HOH X . 
D 4 HOH 130 288 130 HOH HOH X . 
D 4 HOH 131 289 131 HOH HOH X . 
D 4 HOH 132 290 132 HOH HOH X . 
D 4 HOH 133 291 133 HOH HOH X . 
D 4 HOH 134 292 134 HOH HOH X . 
D 4 HOH 135 293 135 HOH HOH X . 
D 4 HOH 136 294 136 HOH HOH X . 
D 4 HOH 137 295 137 HOH HOH X . 
D 4 HOH 138 296 138 HOH HOH X . 
D 4 HOH 139 297 139 HOH HOH X . 
D 4 HOH 140 298 140 HOH HOH X . 
D 4 HOH 141 299 141 HOH HOH X . 
D 4 HOH 142 302 142 HOH HOH X . 
D 4 HOH 143 303 143 HOH HOH X . 
D 4 HOH 144 304 144 HOH HOH X . 
D 4 HOH 145 305 145 HOH HOH X . 
D 4 HOH 146 306 146 HOH HOH X . 
D 4 HOH 147 307 147 HOH HOH X . 
D 4 HOH 148 308 148 HOH HOH X . 
D 4 HOH 149 309 149 HOH HOH X . 
D 4 HOH 150 310 150 HOH HOH X . 
D 4 HOH 151 311 151 HOH HOH X . 
D 4 HOH 152 312 152 HOH HOH X . 
D 4 HOH 153 313 153 HOH HOH X . 
D 4 HOH 154 314 154 HOH HOH X . 
D 4 HOH 155 315 155 HOH HOH X . 
D 4 HOH 156 316 156 HOH HOH X . 
D 4 HOH 157 317 157 HOH HOH X . 
D 4 HOH 158 318 158 HOH HOH X . 
# 
_pdbx_struct_assembly.id                   1 
_pdbx_struct_assembly.details              author_and_software_defined_assembly 
_pdbx_struct_assembly.method_details       PISA 
_pdbx_struct_assembly.oligomeric_details   monomeric 
_pdbx_struct_assembly.oligomeric_count     1 
# 
_pdbx_struct_assembly_gen.assembly_id       1 
_pdbx_struct_assembly_gen.oper_expression   1 
_pdbx_struct_assembly_gen.asym_id_list      A,B,C,D 
# 
_pdbx_struct_oper_list.id                   1 
_pdbx_struct_oper_list.type                 'identity operation' 
_pdbx_struct_oper_list.name                 1_555 
_pdbx_struct_oper_list.symmetry_operation   x,y,z 
_pdbx_struct_oper_list.matrix[1][1]         1.0000000000 
_pdbx_struct_oper_list.matrix[1][2]         0.0000000000 
_pdbx_struct_oper_list.matrix[1][3]         0.0000000000 
_pdbx_struct_oper_list.vector[1]            0.0000000000 
_pdbx_struct_oper_list.matrix[2][1]         0.0000000000 
_pdbx_struct_oper_list.matrix[2][2]         1.0000000000 
_pdbx_struct_oper_list.matrix[2][3]         0.0000000000 
_pdbx_struct_oper_list.vector[2]            0.0000000000 
_pdbx_struct_oper_list.matrix[3][1]         0.0000000000 
_pdbx_struct_oper_list.matrix[3][2]         0.0000000000 
_pdbx_struct_oper_list.matrix[3][3]         1.0000000000 
_pdbx_struct_oper_list.vector[3]            0.0000000000 
# 
loop_
_pdbx_audit_revision_history.ordinal 
_pdbx_audit_revision_history.data_content_type 
_pdbx_audit_revision_history.major_revision 
_pdbx_audit_revision_history.minor_revision 
_pdbx_audit_revision_history.revision_date 
1 'Structure model' 1 0 2009-08-04 
2 'Structure model' 1 1 2011-07-13 
3 'Structure model' 1 2 2021-11-10 
4 'Structure model' 1 3 2023-11-01 
# 
_pdbx_audit_revision_details.ordinal             1 
_pdbx_audit_revision_details.revision_ordinal    1 
_pdbx_audit_revision_details.data_content_type   'Structure model' 
_pdbx_audit_revision_details.provider            repository 
_pdbx_audit_revision_details.type                'Initial release' 
_pdbx_audit_revision_details.description         ? 
_pdbx_audit_revision_details.details             ? 
# 
loop_
_pdbx_audit_revision_group.ordinal 
_pdbx_audit_revision_group.revision_ordinal 
_pdbx_audit_revision_group.data_content_type 
_pdbx_audit_revision_group.group 
1 2 'Structure model' 'Version format compliance' 
2 3 'Structure model' 'Database references'       
3 3 'Structure model' 'Derived calculations'      
4 4 'Structure model' 'Data collection'           
5 4 'Structure model' 'Refinement description'    
# 
loop_
_pdbx_audit_revision_category.ordinal 
_pdbx_audit_revision_category.revision_ordinal 
_pdbx_audit_revision_category.data_content_type 
_pdbx_audit_revision_category.category 
1 3 'Structure model' database_2                    
2 3 'Structure model' struct_ref_seq_dif            
3 3 'Structure model' struct_site                   
4 4 'Structure model' chem_comp_atom                
5 4 'Structure model' chem_comp_bond                
6 4 'Structure model' pdbx_initial_refinement_model 
# 
loop_
_pdbx_audit_revision_item.ordinal 
_pdbx_audit_revision_item.revision_ordinal 
_pdbx_audit_revision_item.data_content_type 
_pdbx_audit_revision_item.item 
1 3 'Structure model' '_database_2.pdbx_DOI'                
2 3 'Structure model' '_database_2.pdbx_database_accession' 
3 3 'Structure model' '_struct_ref_seq_dif.details'         
4 3 'Structure model' '_struct_site.pdbx_auth_asym_id'      
5 3 'Structure model' '_struct_site.pdbx_auth_comp_id'      
6 3 'Structure model' '_struct_site.pdbx_auth_seq_id'       
# 
loop_
_software.name 
_software.classification 
_software.version 
_software.citation_id 
_software.pdbx_ordinal 
HKL-2000 'data collection' .        ? 1 
AMoRE    phasing           .        ? 2 
REFMAC   refinement        5.2.0019 ? 3 
DENZO    'data reduction'  .        ? 4 
SCALA    'data scaling'    .        ? 5 
# 
loop_
_pdbx_validate_close_contact.id 
_pdbx_validate_close_contact.PDB_model_num 
_pdbx_validate_close_contact.auth_atom_id_1 
_pdbx_validate_close_contact.auth_asym_id_1 
_pdbx_validate_close_contact.auth_comp_id_1 
_pdbx_validate_close_contact.auth_seq_id_1 
_pdbx_validate_close_contact.PDB_ins_code_1 
_pdbx_validate_close_contact.label_alt_id_1 
_pdbx_validate_close_contact.auth_atom_id_2 
_pdbx_validate_close_contact.auth_asym_id_2 
_pdbx_validate_close_contact.auth_comp_id_2 
_pdbx_validate_close_contact.auth_seq_id_2 
_pdbx_validate_close_contact.PDB_ins_code_2 
_pdbx_validate_close_contact.label_alt_id_2 
_pdbx_validate_close_contact.dist 
1 1 O   X PRO 125 ? ? O X HOH 223 ? ? 1.37 
2 1 O   X HOH 190 ? ? O X HOH 191 ? ? 1.90 
3 1 CG  X GLU 132 ? ? O X HOH 206 ? ? 1.98 
4 1 C   X PRO 125 ? ? O X HOH 223 ? ? 2.01 
5 1 O   X HOH 229 ? ? O X HOH 262 ? ? 2.09 
6 1 CB  X GLU 132 ? ? O X HOH 206 ? ? 2.10 
7 1 NE2 X GLN 19  ? ? O X HOH 169 ? ? 2.18 
# 
loop_
_pdbx_validate_symm_contact.id 
_pdbx_validate_symm_contact.PDB_model_num 
_pdbx_validate_symm_contact.auth_atom_id_1 
_pdbx_validate_symm_contact.auth_asym_id_1 
_pdbx_validate_symm_contact.auth_comp_id_1 
_pdbx_validate_symm_contact.auth_seq_id_1 
_pdbx_validate_symm_contact.PDB_ins_code_1 
_pdbx_validate_symm_contact.label_alt_id_1 
_pdbx_validate_symm_contact.site_symmetry_1 
_pdbx_validate_symm_contact.auth_atom_id_2 
_pdbx_validate_symm_contact.auth_asym_id_2 
_pdbx_validate_symm_contact.auth_comp_id_2 
_pdbx_validate_symm_contact.auth_seq_id_2 
_pdbx_validate_symm_contact.PDB_ins_code_2 
_pdbx_validate_symm_contact.label_alt_id_2 
_pdbx_validate_symm_contact.site_symmetry_2 
_pdbx_validate_symm_contact.dist 
1 1 O X HOH 257 ? ? 1_555 O X HOH 257 ? ? 10_665 1.95 
2 1 O X HOH 236 ? ? 1_555 O X HOH 283 ? ? 8_556  2.09 
# 
_pdbx_validate_torsion.id              1 
_pdbx_validate_torsion.PDB_model_num   1 
_pdbx_validate_torsion.auth_comp_id    TYR 
_pdbx_validate_torsion.auth_asym_id    X 
_pdbx_validate_torsion.auth_seq_id     83 
_pdbx_validate_torsion.PDB_ins_code    ? 
_pdbx_validate_torsion.label_alt_id    ? 
_pdbx_validate_torsion.phi             -68.75 
_pdbx_validate_torsion.psi             0.90 
# 
_pdbx_validate_chiral.id              1 
_pdbx_validate_chiral.PDB_model_num   1 
_pdbx_validate_chiral.auth_atom_id    C14 
_pdbx_validate_chiral.label_alt_id    ? 
_pdbx_validate_chiral.auth_asym_id    X 
_pdbx_validate_chiral.auth_comp_id    XCF 
_pdbx_validate_chiral.auth_seq_id     300 
_pdbx_validate_chiral.PDB_ins_code    ? 
_pdbx_validate_chiral.details         'WRONG HAND' 
_pdbx_validate_chiral.omega           . 
# 
_pdbx_unobs_or_zero_occ_residues.id               1 
_pdbx_unobs_or_zero_occ_residues.PDB_model_num    1 
_pdbx_unobs_or_zero_occ_residues.polymer_flag     Y 
_pdbx_unobs_or_zero_occ_residues.occupancy_flag   1 
_pdbx_unobs_or_zero_occ_residues.auth_asym_id     X 
_pdbx_unobs_or_zero_occ_residues.auth_comp_id     LYS 
_pdbx_unobs_or_zero_occ_residues.auth_seq_id      158 
_pdbx_unobs_or_zero_occ_residues.PDB_ins_code     ? 
_pdbx_unobs_or_zero_occ_residues.label_asym_id    A 
_pdbx_unobs_or_zero_occ_residues.label_comp_id    LYS 
_pdbx_unobs_or_zero_occ_residues.label_seq_id     158 
# 
loop_
_chem_comp_atom.comp_id 
_chem_comp_atom.atom_id 
_chem_comp_atom.type_symbol 
_chem_comp_atom.pdbx_aromatic_flag 
_chem_comp_atom.pdbx_stereo_config 
_chem_comp_atom.pdbx_ordinal 
ALA N    N N N 1   
ALA CA   C N S 2   
ALA C    C N N 3   
ALA O    O N N 4   
ALA CB   C N N 5   
ALA OXT  O N N 6   
ALA H    H N N 7   
ALA H2   H N N 8   
ALA HA   H N N 9   
ALA HB1  H N N 10  
ALA HB2  H N N 11  
ALA HB3  H N N 12  
ALA HXT  H N N 13  
ARG N    N N N 14  
ARG CA   C N S 15  
ARG C    C N N 16  
ARG O    O N N 17  
ARG CB   C N N 18  
ARG CG   C N N 19  
ARG CD   C N N 20  
ARG NE   N N N 21  
ARG CZ   C N N 22  
ARG NH1  N N N 23  
ARG NH2  N N N 24  
ARG OXT  O N N 25  
ARG H    H N N 26  
ARG H2   H N N 27  
ARG HA   H N N 28  
ARG HB2  H N N 29  
ARG HB3  H N N 30  
ARG HG2  H N N 31  
ARG HG3  H N N 32  
ARG HD2  H N N 33  
ARG HD3  H N N 34  
ARG HE   H N N 35  
ARG HH11 H N N 36  
ARG HH12 H N N 37  
ARG HH21 H N N 38  
ARG HH22 H N N 39  
ARG HXT  H N N 40  
ASN N    N N N 41  
ASN CA   C N S 42  
ASN C    C N N 43  
ASN O    O N N 44  
ASN CB   C N N 45  
ASN CG   C N N 46  
ASN OD1  O N N 47  
ASN ND2  N N N 48  
ASN OXT  O N N 49  
ASN H    H N N 50  
ASN H2   H N N 51  
ASN HA   H N N 52  
ASN HB2  H N N 53  
ASN HB3  H N N 54  
ASN HD21 H N N 55  
ASN HD22 H N N 56  
ASN HXT  H N N 57  
ASP N    N N N 58  
ASP CA   C N S 59  
ASP C    C N N 60  
ASP O    O N N 61  
ASP CB   C N N 62  
ASP CG   C N N 63  
ASP OD1  O N N 64  
ASP OD2  O N N 65  
ASP OXT  O N N 66  
ASP H    H N N 67  
ASP H2   H N N 68  
ASP HA   H N N 69  
ASP HB2  H N N 70  
ASP HB3  H N N 71  
ASP HD2  H N N 72  
ASP HXT  H N N 73  
GLN N    N N N 74  
GLN CA   C N S 75  
GLN C    C N N 76  
GLN O    O N N 77  
GLN CB   C N N 78  
GLN CG   C N N 79  
GLN CD   C N N 80  
GLN OE1  O N N 81  
GLN NE2  N N N 82  
GLN OXT  O N N 83  
GLN H    H N N 84  
GLN H2   H N N 85  
GLN HA   H N N 86  
GLN HB2  H N N 87  
GLN HB3  H N N 88  
GLN HG2  H N N 89  
GLN HG3  H N N 90  
GLN HE21 H N N 91  
GLN HE22 H N N 92  
GLN HXT  H N N 93  
GLU N    N N N 94  
GLU CA   C N S 95  
GLU C    C N N 96  
GLU O    O N N 97  
GLU CB   C N N 98  
GLU CG   C N N 99  
GLU CD   C N N 100 
GLU OE1  O N N 101 
GLU OE2  O N N 102 
GLU OXT  O N N 103 
GLU H    H N N 104 
GLU H2   H N N 105 
GLU HA   H N N 106 
GLU HB2  H N N 107 
GLU HB3  H N N 108 
GLU HG2  H N N 109 
GLU HG3  H N N 110 
GLU HE2  H N N 111 
GLU HXT  H N N 112 
GLY N    N N N 113 
GLY CA   C N N 114 
GLY C    C N N 115 
GLY O    O N N 116 
GLY OXT  O N N 117 
GLY H    H N N 118 
GLY H2   H N N 119 
GLY HA2  H N N 120 
GLY HA3  H N N 121 
GLY HXT  H N N 122 
HIS N    N N N 123 
HIS CA   C N S 124 
HIS C    C N N 125 
HIS O    O N N 126 
HIS CB   C N N 127 
HIS CG   C Y N 128 
HIS ND1  N Y N 129 
HIS CD2  C Y N 130 
HIS CE1  C Y N 131 
HIS NE2  N Y N 132 
HIS OXT  O N N 133 
HIS H    H N N 134 
HIS H2   H N N 135 
HIS HA   H N N 136 
HIS HB2  H N N 137 
HIS HB3  H N N 138 
HIS HD1  H N N 139 
HIS HD2  H N N 140 
HIS HE1  H N N 141 
HIS HE2  H N N 142 
HIS HXT  H N N 143 
HOH O    O N N 144 
HOH H1   H N N 145 
HOH H2   H N N 146 
ILE N    N N N 147 
ILE CA   C N S 148 
ILE C    C N N 149 
ILE O    O N N 150 
ILE CB   C N S 151 
ILE CG1  C N N 152 
ILE CG2  C N N 153 
ILE CD1  C N N 154 
ILE OXT  O N N 155 
ILE H    H N N 156 
ILE H2   H N N 157 
ILE HA   H N N 158 
ILE HB   H N N 159 
ILE HG12 H N N 160 
ILE HG13 H N N 161 
ILE HG21 H N N 162 
ILE HG22 H N N 163 
ILE HG23 H N N 164 
ILE HD11 H N N 165 
ILE HD12 H N N 166 
ILE HD13 H N N 167 
ILE HXT  H N N 168 
LEU N    N N N 169 
LEU CA   C N S 170 
LEU C    C N N 171 
LEU O    O N N 172 
LEU CB   C N N 173 
LEU CG   C N N 174 
LEU CD1  C N N 175 
LEU CD2  C N N 176 
LEU OXT  O N N 177 
LEU H    H N N 178 
LEU H2   H N N 179 
LEU HA   H N N 180 
LEU HB2  H N N 181 
LEU HB3  H N N 182 
LEU HG   H N N 183 
LEU HD11 H N N 184 
LEU HD12 H N N 185 
LEU HD13 H N N 186 
LEU HD21 H N N 187 
LEU HD22 H N N 188 
LEU HD23 H N N 189 
LEU HXT  H N N 190 
LYS N    N N N 191 
LYS CA   C N S 192 
LYS C    C N N 193 
LYS O    O N N 194 
LYS CB   C N N 195 
LYS CG   C N N 196 
LYS CD   C N N 197 
LYS CE   C N N 198 
LYS NZ   N N N 199 
LYS OXT  O N N 200 
LYS H    H N N 201 
LYS H2   H N N 202 
LYS HA   H N N 203 
LYS HB2  H N N 204 
LYS HB3  H N N 205 
LYS HG2  H N N 206 
LYS HG3  H N N 207 
LYS HD2  H N N 208 
LYS HD3  H N N 209 
LYS HE2  H N N 210 
LYS HE3  H N N 211 
LYS HZ1  H N N 212 
LYS HZ2  H N N 213 
LYS HZ3  H N N 214 
LYS HXT  H N N 215 
MET N    N N N 216 
MET CA   C N S 217 
MET C    C N N 218 
MET O    O N N 219 
MET CB   C N N 220 
MET CG   C N N 221 
MET SD   S N N 222 
MET CE   C N N 223 
MET OXT  O N N 224 
MET H    H N N 225 
MET H2   H N N 226 
MET HA   H N N 227 
MET HB2  H N N 228 
MET HB3  H N N 229 
MET HG2  H N N 230 
MET HG3  H N N 231 
MET HE1  H N N 232 
MET HE2  H N N 233 
MET HE3  H N N 234 
MET HXT  H N N 235 
NAP PA   P N R 236 
NAP O1A  O N N 237 
NAP O2A  O N N 238 
NAP O5B  O N N 239 
NAP C5B  C N N 240 
NAP C4B  C N R 241 
NAP O4B  O N N 242 
NAP C3B  C N R 243 
NAP O3B  O N N 244 
NAP C2B  C N R 245 
NAP O2B  O N N 246 
NAP C1B  C N R 247 
NAP N9A  N Y N 248 
NAP C8A  C Y N 249 
NAP N7A  N Y N 250 
NAP C5A  C Y N 251 
NAP C6A  C Y N 252 
NAP N6A  N N N 253 
NAP N1A  N Y N 254 
NAP C2A  C Y N 255 
NAP N3A  N Y N 256 
NAP C4A  C Y N 257 
NAP O3   O N N 258 
NAP PN   P N N 259 
NAP O1N  O N N 260 
NAP O2N  O N N 261 
NAP O5D  O N N 262 
NAP C5D  C N N 263 
NAP C4D  C N R 264 
NAP O4D  O N N 265 
NAP C3D  C N S 266 
NAP O3D  O N N 267 
NAP C2D  C N R 268 
NAP O2D  O N N 269 
NAP C1D  C N R 270 
NAP N1N  N Y N 271 
NAP C2N  C Y N 272 
NAP C3N  C Y N 273 
NAP C7N  C N N 274 
NAP O7N  O N N 275 
NAP N7N  N N N 276 
NAP C4N  C Y N 277 
NAP C5N  C Y N 278 
NAP C6N  C Y N 279 
NAP P2B  P N N 280 
NAP O1X  O N N 281 
NAP O2X  O N N 282 
NAP O3X  O N N 283 
NAP HOA2 H N N 284 
NAP H51A H N N 285 
NAP H52A H N N 286 
NAP H4B  H N N 287 
NAP H3B  H N N 288 
NAP HO3A H N N 289 
NAP H2B  H N N 290 
NAP H1B  H N N 291 
NAP H8A  H N N 292 
NAP H61A H N N 293 
NAP H62A H N N 294 
NAP H2A  H N N 295 
NAP H51N H N N 296 
NAP H52N H N N 297 
NAP H4D  H N N 298 
NAP H3D  H N N 299 
NAP HO3N H N N 300 
NAP H2D  H N N 301 
NAP HO2N H N N 302 
NAP H1D  H N N 303 
NAP H2N  H N N 304 
NAP H71N H N N 305 
NAP H72N H N N 306 
NAP H4N  H N N 307 
NAP H5N  H N N 308 
NAP H6N  H N N 309 
NAP HOP2 H N N 310 
NAP HOP3 H N N 311 
PHE N    N N N 312 
PHE CA   C N S 313 
PHE C    C N N 314 
PHE O    O N N 315 
PHE CB   C N N 316 
PHE CG   C Y N 317 
PHE CD1  C Y N 318 
PHE CD2  C Y N 319 
PHE CE1  C Y N 320 
PHE CE2  C Y N 321 
PHE CZ   C Y N 322 
PHE OXT  O N N 323 
PHE H    H N N 324 
PHE H2   H N N 325 
PHE HA   H N N 326 
PHE HB2  H N N 327 
PHE HB3  H N N 328 
PHE HD1  H N N 329 
PHE HD2  H N N 330 
PHE HE1  H N N 331 
PHE HE2  H N N 332 
PHE HZ   H N N 333 
PHE HXT  H N N 334 
PRO N    N N N 335 
PRO CA   C N S 336 
PRO C    C N N 337 
PRO O    O N N 338 
PRO CB   C N N 339 
PRO CG   C N N 340 
PRO CD   C N N 341 
PRO OXT  O N N 342 
PRO H    H N N 343 
PRO HA   H N N 344 
PRO HB2  H N N 345 
PRO HB3  H N N 346 
PRO HG2  H N N 347 
PRO HG3  H N N 348 
PRO HD2  H N N 349 
PRO HD3  H N N 350 
PRO HXT  H N N 351 
SER N    N N N 352 
SER CA   C N S 353 
SER C    C N N 354 
SER O    O N N 355 
SER CB   C N N 356 
SER OG   O N N 357 
SER OXT  O N N 358 
SER H    H N N 359 
SER H2   H N N 360 
SER HA   H N N 361 
SER HB2  H N N 362 
SER HB3  H N N 363 
SER HG   H N N 364 
SER HXT  H N N 365 
THR N    N N N 366 
THR CA   C N S 367 
THR C    C N N 368 
THR O    O N N 369 
THR CB   C N R 370 
THR OG1  O N N 371 
THR CG2  C N N 372 
THR OXT  O N N 373 
THR H    H N N 374 
THR H2   H N N 375 
THR HA   H N N 376 
THR HB   H N N 377 
THR HG1  H N N 378 
THR HG21 H N N 379 
THR HG22 H N N 380 
THR HG23 H N N 381 
THR HXT  H N N 382 
TRP N    N N N 383 
TRP CA   C N S 384 
TRP C    C N N 385 
TRP O    O N N 386 
TRP CB   C N N 387 
TRP CG   C Y N 388 
TRP CD1  C Y N 389 
TRP CD2  C Y N 390 
TRP NE1  N Y N 391 
TRP CE2  C Y N 392 
TRP CE3  C Y N 393 
TRP CZ2  C Y N 394 
TRP CZ3  C Y N 395 
TRP CH2  C Y N 396 
TRP OXT  O N N 397 
TRP H    H N N 398 
TRP H2   H N N 399 
TRP HA   H N N 400 
TRP HB2  H N N 401 
TRP HB3  H N N 402 
TRP HD1  H N N 403 
TRP HE1  H N N 404 
TRP HE3  H N N 405 
TRP HZ2  H N N 406 
TRP HZ3  H N N 407 
TRP HH2  H N N 408 
TRP HXT  H N N 409 
TYR N    N N N 410 
TYR CA   C N S 411 
TYR C    C N N 412 
TYR O    O N N 413 
TYR CB   C N N 414 
TYR CG   C Y N 415 
TYR CD1  C Y N 416 
TYR CD2  C Y N 417 
TYR CE1  C Y N 418 
TYR CE2  C Y N 419 
TYR CZ   C Y N 420 
TYR OH   O N N 421 
TYR OXT  O N N 422 
TYR H    H N N 423 
TYR H2   H N N 424 
TYR HA   H N N 425 
TYR HB2  H N N 426 
TYR HB3  H N N 427 
TYR HD1  H N N 428 
TYR HD2  H N N 429 
TYR HE1  H N N 430 
TYR HE2  H N N 431 
TYR HH   H N N 432 
TYR HXT  H N N 433 
VAL N    N N N 434 
VAL CA   C N S 435 
VAL C    C N N 436 
VAL O    O N N 437 
VAL CB   C N N 438 
VAL CG1  C N N 439 
VAL CG2  C N N 440 
VAL OXT  O N N 441 
VAL H    H N N 442 
VAL H2   H N N 443 
VAL HA   H N N 444 
VAL HB   H N N 445 
VAL HG11 H N N 446 
VAL HG12 H N N 447 
VAL HG13 H N N 448 
VAL HG21 H N N 449 
VAL HG22 H N N 450 
VAL HG23 H N N 451 
VAL HXT  H N N 452 
XCF N4   N N N 453 
XCF C3   C Y N 454 
XCF N5   N Y N 455 
XCF N2   N Y N 456 
XCF C1   C Y N 457 
XCF C8   C Y N 458 
XCF C6   C Y N 459 
XCF N7   N N N 460 
XCF C9   C N N 461 
XCF C10  C Y N 462 
XCF C11  C Y N 463 
XCF C27  C N N 464 
XCF C28  C N N 465 
XCF C14  C N S 466 
XCF C24  C N N 467 
XCF C25  C N N 468 
XCF C26  C N N 469 
XCF O13  O N N 470 
XCF C12  C Y N 471 
XCF C15  C Y N 472 
XCF O16  O N N 473 
XCF C17  C N N 474 
XCF C18  C Y N 475 
XCF C21  C Y N 476 
XCF O19  O N N 477 
XCF C20  C N N 478 
XCF HN4  H N N 479 
XCF HN4A H N N 480 
XCF H1   H N N 481 
XCF HN7  H N N 482 
XCF HN7A H N N 483 
XCF H9   H N N 484 
XCF H9A  H N N 485 
XCF H27  H N N 486 
XCF H28  H N N 487 
XCF H14  H N N 488 
XCF H24  H N N 489 
XCF H25  H N N 490 
XCF H25A H N N 491 
XCF H26  H N N 492 
XCF H26A H N N 493 
XCF H17  H N N 494 
XCF H17A H N N 495 
XCF H17B H N N 496 
XCF H21  H N N 497 
XCF H20  H N N 498 
XCF H20A H N N 499 
XCF H20B H N N 500 
# 
loop_
_chem_comp_bond.comp_id 
_chem_comp_bond.atom_id_1 
_chem_comp_bond.atom_id_2 
_chem_comp_bond.value_order 
_chem_comp_bond.pdbx_aromatic_flag 
_chem_comp_bond.pdbx_stereo_config 
_chem_comp_bond.pdbx_ordinal 
ALA N   CA   sing N N 1   
ALA N   H    sing N N 2   
ALA N   H2   sing N N 3   
ALA CA  C    sing N N 4   
ALA CA  CB   sing N N 5   
ALA CA  HA   sing N N 6   
ALA C   O    doub N N 7   
ALA C   OXT  sing N N 8   
ALA CB  HB1  sing N N 9   
ALA CB  HB2  sing N N 10  
ALA CB  HB3  sing N N 11  
ALA OXT HXT  sing N N 12  
ARG N   CA   sing N N 13  
ARG N   H    sing N N 14  
ARG N   H2   sing N N 15  
ARG CA  C    sing N N 16  
ARG CA  CB   sing N N 17  
ARG CA  HA   sing N N 18  
ARG C   O    doub N N 19  
ARG C   OXT  sing N N 20  
ARG CB  CG   sing N N 21  
ARG CB  HB2  sing N N 22  
ARG CB  HB3  sing N N 23  
ARG CG  CD   sing N N 24  
ARG CG  HG2  sing N N 25  
ARG CG  HG3  sing N N 26  
ARG CD  NE   sing N N 27  
ARG CD  HD2  sing N N 28  
ARG CD  HD3  sing N N 29  
ARG NE  CZ   sing N N 30  
ARG NE  HE   sing N N 31  
ARG CZ  NH1  sing N N 32  
ARG CZ  NH2  doub N N 33  
ARG NH1 HH11 sing N N 34  
ARG NH1 HH12 sing N N 35  
ARG NH2 HH21 sing N N 36  
ARG NH2 HH22 sing N N 37  
ARG OXT HXT  sing N N 38  
ASN N   CA   sing N N 39  
ASN N   H    sing N N 40  
ASN N   H2   sing N N 41  
ASN CA  C    sing N N 42  
ASN CA  CB   sing N N 43  
ASN CA  HA   sing N N 44  
ASN C   O    doub N N 45  
ASN C   OXT  sing N N 46  
ASN CB  CG   sing N N 47  
ASN CB  HB2  sing N N 48  
ASN CB  HB3  sing N N 49  
ASN CG  OD1  doub N N 50  
ASN CG  ND2  sing N N 51  
ASN ND2 HD21 sing N N 52  
ASN ND2 HD22 sing N N 53  
ASN OXT HXT  sing N N 54  
ASP N   CA   sing N N 55  
ASP N   H    sing N N 56  
ASP N   H2   sing N N 57  
ASP CA  C    sing N N 58  
ASP CA  CB   sing N N 59  
ASP CA  HA   sing N N 60  
ASP C   O    doub N N 61  
ASP C   OXT  sing N N 62  
ASP CB  CG   sing N N 63  
ASP CB  HB2  sing N N 64  
ASP CB  HB3  sing N N 65  
ASP CG  OD1  doub N N 66  
ASP CG  OD2  sing N N 67  
ASP OD2 HD2  sing N N 68  
ASP OXT HXT  sing N N 69  
GLN N   CA   sing N N 70  
GLN N   H    sing N N 71  
GLN N   H2   sing N N 72  
GLN CA  C    sing N N 73  
GLN CA  CB   sing N N 74  
GLN CA  HA   sing N N 75  
GLN C   O    doub N N 76  
GLN C   OXT  sing N N 77  
GLN CB  CG   sing N N 78  
GLN CB  HB2  sing N N 79  
GLN CB  HB3  sing N N 80  
GLN CG  CD   sing N N 81  
GLN CG  HG2  sing N N 82  
GLN CG  HG3  sing N N 83  
GLN CD  OE1  doub N N 84  
GLN CD  NE2  sing N N 85  
GLN NE2 HE21 sing N N 86  
GLN NE2 HE22 sing N N 87  
GLN OXT HXT  sing N N 88  
GLU N   CA   sing N N 89  
GLU N   H    sing N N 90  
GLU N   H2   sing N N 91  
GLU CA  C    sing N N 92  
GLU CA  CB   sing N N 93  
GLU CA  HA   sing N N 94  
GLU C   O    doub N N 95  
GLU C   OXT  sing N N 96  
GLU CB  CG   sing N N 97  
GLU CB  HB2  sing N N 98  
GLU CB  HB3  sing N N 99  
GLU CG  CD   sing N N 100 
GLU CG  HG2  sing N N 101 
GLU CG  HG3  sing N N 102 
GLU CD  OE1  doub N N 103 
GLU CD  OE2  sing N N 104 
GLU OE2 HE2  sing N N 105 
GLU OXT HXT  sing N N 106 
GLY N   CA   sing N N 107 
GLY N   H    sing N N 108 
GLY N   H2   sing N N 109 
GLY CA  C    sing N N 110 
GLY CA  HA2  sing N N 111 
GLY CA  HA3  sing N N 112 
GLY C   O    doub N N 113 
GLY C   OXT  sing N N 114 
GLY OXT HXT  sing N N 115 
HIS N   CA   sing N N 116 
HIS N   H    sing N N 117 
HIS N   H2   sing N N 118 
HIS CA  C    sing N N 119 
HIS CA  CB   sing N N 120 
HIS CA  HA   sing N N 121 
HIS C   O    doub N N 122 
HIS C   OXT  sing N N 123 
HIS CB  CG   sing N N 124 
HIS CB  HB2  sing N N 125 
HIS CB  HB3  sing N N 126 
HIS CG  ND1  sing Y N 127 
HIS CG  CD2  doub Y N 128 
HIS ND1 CE1  doub Y N 129 
HIS ND1 HD1  sing N N 130 
HIS CD2 NE2  sing Y N 131 
HIS CD2 HD2  sing N N 132 
HIS CE1 NE2  sing Y N 133 
HIS CE1 HE1  sing N N 134 
HIS NE2 HE2  sing N N 135 
HIS OXT HXT  sing N N 136 
HOH O   H1   sing N N 137 
HOH O   H2   sing N N 138 
ILE N   CA   sing N N 139 
ILE N   H    sing N N 140 
ILE N   H2   sing N N 141 
ILE CA  C    sing N N 142 
ILE CA  CB   sing N N 143 
ILE CA  HA   sing N N 144 
ILE C   O    doub N N 145 
ILE C   OXT  sing N N 146 
ILE CB  CG1  sing N N 147 
ILE CB  CG2  sing N N 148 
ILE CB  HB   sing N N 149 
ILE CG1 CD1  sing N N 150 
ILE CG1 HG12 sing N N 151 
ILE CG1 HG13 sing N N 152 
ILE CG2 HG21 sing N N 153 
ILE CG2 HG22 sing N N 154 
ILE CG2 HG23 sing N N 155 
ILE CD1 HD11 sing N N 156 
ILE CD1 HD12 sing N N 157 
ILE CD1 HD13 sing N N 158 
ILE OXT HXT  sing N N 159 
LEU N   CA   sing N N 160 
LEU N   H    sing N N 161 
LEU N   H2   sing N N 162 
LEU CA  C    sing N N 163 
LEU CA  CB   sing N N 164 
LEU CA  HA   sing N N 165 
LEU C   O    doub N N 166 
LEU C   OXT  sing N N 167 
LEU CB  CG   sing N N 168 
LEU CB  HB2  sing N N 169 
LEU CB  HB3  sing N N 170 
LEU CG  CD1  sing N N 171 
LEU CG  CD2  sing N N 172 
LEU CG  HG   sing N N 173 
LEU CD1 HD11 sing N N 174 
LEU CD1 HD12 sing N N 175 
LEU CD1 HD13 sing N N 176 
LEU CD2 HD21 sing N N 177 
LEU CD2 HD22 sing N N 178 
LEU CD2 HD23 sing N N 179 
LEU OXT HXT  sing N N 180 
LYS N   CA   sing N N 181 
LYS N   H    sing N N 182 
LYS N   H2   sing N N 183 
LYS CA  C    sing N N 184 
LYS CA  CB   sing N N 185 
LYS CA  HA   sing N N 186 
LYS C   O    doub N N 187 
LYS C   OXT  sing N N 188 
LYS CB  CG   sing N N 189 
LYS CB  HB2  sing N N 190 
LYS CB  HB3  sing N N 191 
LYS CG  CD   sing N N 192 
LYS CG  HG2  sing N N 193 
LYS CG  HG3  sing N N 194 
LYS CD  CE   sing N N 195 
LYS CD  HD2  sing N N 196 
LYS CD  HD3  sing N N 197 
LYS CE  NZ   sing N N 198 
LYS CE  HE2  sing N N 199 
LYS CE  HE3  sing N N 200 
LYS NZ  HZ1  sing N N 201 
LYS NZ  HZ2  sing N N 202 
LYS NZ  HZ3  sing N N 203 
LYS OXT HXT  sing N N 204 
MET N   CA   sing N N 205 
MET N   H    sing N N 206 
MET N   H2   sing N N 207 
MET CA  C    sing N N 208 
MET CA  CB   sing N N 209 
MET CA  HA   sing N N 210 
MET C   O    doub N N 211 
MET C   OXT  sing N N 212 
MET CB  CG   sing N N 213 
MET CB  HB2  sing N N 214 
MET CB  HB3  sing N N 215 
MET CG  SD   sing N N 216 
MET CG  HG2  sing N N 217 
MET CG  HG3  sing N N 218 
MET SD  CE   sing N N 219 
MET CE  HE1  sing N N 220 
MET CE  HE2  sing N N 221 
MET CE  HE3  sing N N 222 
MET OXT HXT  sing N N 223 
NAP PA  O1A  doub N N 224 
NAP PA  O2A  sing N N 225 
NAP PA  O5B  sing N N 226 
NAP PA  O3   sing N N 227 
NAP O2A HOA2 sing N N 228 
NAP O5B C5B  sing N N 229 
NAP C5B C4B  sing N N 230 
NAP C5B H51A sing N N 231 
NAP C5B H52A sing N N 232 
NAP C4B O4B  sing N N 233 
NAP C4B C3B  sing N N 234 
NAP C4B H4B  sing N N 235 
NAP O4B C1B  sing N N 236 
NAP C3B O3B  sing N N 237 
NAP C3B C2B  sing N N 238 
NAP C3B H3B  sing N N 239 
NAP O3B HO3A sing N N 240 
NAP C2B O2B  sing N N 241 
NAP C2B C1B  sing N N 242 
NAP C2B H2B  sing N N 243 
NAP O2B P2B  sing N N 244 
NAP C1B N9A  sing N N 245 
NAP C1B H1B  sing N N 246 
NAP N9A C8A  sing Y N 247 
NAP N9A C4A  sing Y N 248 
NAP C8A N7A  doub Y N 249 
NAP C8A H8A  sing N N 250 
NAP N7A C5A  sing Y N 251 
NAP C5A C6A  sing Y N 252 
NAP C5A C4A  doub Y N 253 
NAP C6A N6A  sing N N 254 
NAP C6A N1A  doub Y N 255 
NAP N6A H61A sing N N 256 
NAP N6A H62A sing N N 257 
NAP N1A C2A  sing Y N 258 
NAP C2A N3A  doub Y N 259 
NAP C2A H2A  sing N N 260 
NAP N3A C4A  sing Y N 261 
NAP O3  PN   sing N N 262 
NAP PN  O1N  doub N N 263 
NAP PN  O2N  sing N N 264 
NAP PN  O5D  sing N N 265 
NAP O5D C5D  sing N N 266 
NAP C5D C4D  sing N N 267 
NAP C5D H51N sing N N 268 
NAP C5D H52N sing N N 269 
NAP C4D O4D  sing N N 270 
NAP C4D C3D  sing N N 271 
NAP C4D H4D  sing N N 272 
NAP O4D C1D  sing N N 273 
NAP C3D O3D  sing N N 274 
NAP C3D C2D  sing N N 275 
NAP C3D H3D  sing N N 276 
NAP O3D HO3N sing N N 277 
NAP C2D O2D  sing N N 278 
NAP C2D C1D  sing N N 279 
NAP C2D H2D  sing N N 280 
NAP O2D HO2N sing N N 281 
NAP C1D N1N  sing N N 282 
NAP C1D H1D  sing N N 283 
NAP N1N C2N  sing Y N 284 
NAP N1N C6N  doub Y N 285 
NAP C2N C3N  doub Y N 286 
NAP C2N H2N  sing N N 287 
NAP C3N C7N  sing N N 288 
NAP C3N C4N  sing Y N 289 
NAP C7N O7N  doub N N 290 
NAP C7N N7N  sing N N 291 
NAP N7N H71N sing N N 292 
NAP N7N H72N sing N N 293 
NAP C4N C5N  doub Y N 294 
NAP C4N H4N  sing N N 295 
NAP C5N C6N  sing Y N 296 
NAP C5N H5N  sing N N 297 
NAP C6N H6N  sing N N 298 
NAP P2B O1X  doub N N 299 
NAP P2B O2X  sing N N 300 
NAP P2B O3X  sing N N 301 
NAP O2X HOP2 sing N N 302 
NAP O3X HOP3 sing N N 303 
PHE N   CA   sing N N 304 
PHE N   H    sing N N 305 
PHE N   H2   sing N N 306 
PHE CA  C    sing N N 307 
PHE CA  CB   sing N N 308 
PHE CA  HA   sing N N 309 
PHE C   O    doub N N 310 
PHE C   OXT  sing N N 311 
PHE CB  CG   sing N N 312 
PHE CB  HB2  sing N N 313 
PHE CB  HB3  sing N N 314 
PHE CG  CD1  doub Y N 315 
PHE CG  CD2  sing Y N 316 
PHE CD1 CE1  sing Y N 317 
PHE CD1 HD1  sing N N 318 
PHE CD2 CE2  doub Y N 319 
PHE CD2 HD2  sing N N 320 
PHE CE1 CZ   doub Y N 321 
PHE CE1 HE1  sing N N 322 
PHE CE2 CZ   sing Y N 323 
PHE CE2 HE2  sing N N 324 
PHE CZ  HZ   sing N N 325 
PHE OXT HXT  sing N N 326 
PRO N   CA   sing N N 327 
PRO N   CD   sing N N 328 
PRO N   H    sing N N 329 
PRO CA  C    sing N N 330 
PRO CA  CB   sing N N 331 
PRO CA  HA   sing N N 332 
PRO C   O    doub N N 333 
PRO C   OXT  sing N N 334 
PRO CB  CG   sing N N 335 
PRO CB  HB2  sing N N 336 
PRO CB  HB3  sing N N 337 
PRO CG  CD   sing N N 338 
PRO CG  HG2  sing N N 339 
PRO CG  HG3  sing N N 340 
PRO CD  HD2  sing N N 341 
PRO CD  HD3  sing N N 342 
PRO OXT HXT  sing N N 343 
SER N   CA   sing N N 344 
SER N   H    sing N N 345 
SER N   H2   sing N N 346 
SER CA  C    sing N N 347 
SER CA  CB   sing N N 348 
SER CA  HA   sing N N 349 
SER C   O    doub N N 350 
SER C   OXT  sing N N 351 
SER CB  OG   sing N N 352 
SER CB  HB2  sing N N 353 
SER CB  HB3  sing N N 354 
SER OG  HG   sing N N 355 
SER OXT HXT  sing N N 356 
THR N   CA   sing N N 357 
THR N   H    sing N N 358 
THR N   H2   sing N N 359 
THR CA  C    sing N N 360 
THR CA  CB   sing N N 361 
THR CA  HA   sing N N 362 
THR C   O    doub N N 363 
THR C   OXT  sing N N 364 
THR CB  OG1  sing N N 365 
THR CB  CG2  sing N N 366 
THR CB  HB   sing N N 367 
THR OG1 HG1  sing N N 368 
THR CG2 HG21 sing N N 369 
THR CG2 HG22 sing N N 370 
THR CG2 HG23 sing N N 371 
THR OXT HXT  sing N N 372 
TRP N   CA   sing N N 373 
TRP N   H    sing N N 374 
TRP N   H2   sing N N 375 
TRP CA  C    sing N N 376 
TRP CA  CB   sing N N 377 
TRP CA  HA   sing N N 378 
TRP C   O    doub N N 379 
TRP C   OXT  sing N N 380 
TRP CB  CG   sing N N 381 
TRP CB  HB2  sing N N 382 
TRP CB  HB3  sing N N 383 
TRP CG  CD1  doub Y N 384 
TRP CG  CD2  sing Y N 385 
TRP CD1 NE1  sing Y N 386 
TRP CD1 HD1  sing N N 387 
TRP CD2 CE2  doub Y N 388 
TRP CD2 CE3  sing Y N 389 
TRP NE1 CE2  sing Y N 390 
TRP NE1 HE1  sing N N 391 
TRP CE2 CZ2  sing Y N 392 
TRP CE3 CZ3  doub Y N 393 
TRP CE3 HE3  sing N N 394 
TRP CZ2 CH2  doub Y N 395 
TRP CZ2 HZ2  sing N N 396 
TRP CZ3 CH2  sing Y N 397 
TRP CZ3 HZ3  sing N N 398 
TRP CH2 HH2  sing N N 399 
TRP OXT HXT  sing N N 400 
TYR N   CA   sing N N 401 
TYR N   H    sing N N 402 
TYR N   H2   sing N N 403 
TYR CA  C    sing N N 404 
TYR CA  CB   sing N N 405 
TYR CA  HA   sing N N 406 
TYR C   O    doub N N 407 
TYR C   OXT  sing N N 408 
TYR CB  CG   sing N N 409 
TYR CB  HB2  sing N N 410 
TYR CB  HB3  sing N N 411 
TYR CG  CD1  doub Y N 412 
TYR CG  CD2  sing Y N 413 
TYR CD1 CE1  sing Y N 414 
TYR CD1 HD1  sing N N 415 
TYR CD2 CE2  doub Y N 416 
TYR CD2 HD2  sing N N 417 
TYR CE1 CZ   doub Y N 418 
TYR CE1 HE1  sing N N 419 
TYR CE2 CZ   sing Y N 420 
TYR CE2 HE2  sing N N 421 
TYR CZ  OH   sing N N 422 
TYR OH  HH   sing N N 423 
TYR OXT HXT  sing N N 424 
VAL N   CA   sing N N 425 
VAL N   H    sing N N 426 
VAL N   H2   sing N N 427 
VAL CA  C    sing N N 428 
VAL CA  CB   sing N N 429 
VAL CA  HA   sing N N 430 
VAL C   O    doub N N 431 
VAL C   OXT  sing N N 432 
VAL CB  CG1  sing N N 433 
VAL CB  CG2  sing N N 434 
VAL CB  HB   sing N N 435 
VAL CG1 HG11 sing N N 436 
VAL CG1 HG12 sing N N 437 
VAL CG1 HG13 sing N N 438 
VAL CG2 HG21 sing N N 439 
VAL CG2 HG22 sing N N 440 
VAL CG2 HG23 sing N N 441 
VAL OXT HXT  sing N N 442 
XCF N4  C3   sing N N 443 
XCF C3  N5   doub Y N 444 
XCF C3  N2   sing Y N 445 
XCF N5  C6   sing Y N 446 
XCF N2  C1   doub Y N 447 
XCF C1  C8   sing Y N 448 
XCF C8  C6   doub Y N 449 
XCF C8  C9   sing N N 450 
XCF C6  N7   sing N N 451 
XCF C9  C10  sing N N 452 
XCF C10 C11  doub Y N 453 
XCF C10 C21  sing Y N 454 
XCF C11 C27  sing N N 455 
XCF C11 C12  sing Y N 456 
XCF C27 C28  doub N N 457 
XCF C28 C14  sing N N 458 
XCF C14 C24  sing N N 459 
XCF C14 O13  sing N N 460 
XCF C24 C25  sing N N 461 
XCF C24 C26  sing N N 462 
XCF C25 C26  sing N N 463 
XCF O13 C12  sing N N 464 
XCF C12 C15  doub Y N 465 
XCF C15 O16  sing N N 466 
XCF C15 C18  sing Y N 467 
XCF O16 C17  sing N N 468 
XCF C18 C21  doub Y N 469 
XCF C18 O19  sing N N 470 
XCF O19 C20  sing N N 471 
XCF N4  HN4  sing N N 472 
XCF N4  HN4A sing N N 473 
XCF C1  H1   sing N N 474 
XCF N7  HN7  sing N N 475 
XCF N7  HN7A sing N N 476 
XCF C9  H9   sing N N 477 
XCF C9  H9A  sing N N 478 
XCF C27 H27  sing N N 479 
XCF C28 H28  sing N N 480 
XCF C14 H14  sing N N 481 
XCF C24 H24  sing N N 482 
XCF C25 H25  sing N N 483 
XCF C25 H25A sing N N 484 
XCF C26 H26  sing N N 485 
XCF C26 H26A sing N N 486 
XCF C17 H17  sing N N 487 
XCF C17 H17A sing N N 488 
XCF C17 H17B sing N N 489 
XCF C21 H21  sing N N 490 
XCF C20 H20  sing N N 491 
XCF C20 H20A sing N N 492 
XCF C20 H20B sing N N 493 
# 
loop_
_pdbx_entity_nonpoly.entity_id 
_pdbx_entity_nonpoly.name 
_pdbx_entity_nonpoly.comp_id 
2 'NADP NICOTINAMIDE-ADENINE-DINUCLEOTIDE PHOSPHATE'                                   NAP 
3 '5-[[(2R)-2-cyclopropyl-7,8-dimethoxy-2H-chromen-5-yl]methyl]pyrimidine-2,4-diamine' XCF 
4 water                                                                                HOH 
# 
_pdbx_initial_refinement_model.id               1 
_pdbx_initial_refinement_model.entity_id_list   ? 
_pdbx_initial_refinement_model.type             'experimental model' 
_pdbx_initial_refinement_model.source_name      PDB 
_pdbx_initial_refinement_model.accession_code   3FY8 
_pdbx_initial_refinement_model.details          'PDB ENTRY 3FY8' 
# 
